data_1TGR
# 
_entry.id   1TGR 
# 
_audit_conform.dict_name       mmcif_pdbx.dic 
_audit_conform.dict_version    5.397 
_audit_conform.dict_location   http://mmcif.pdb.org/dictionaries/ascii/mmcif_pdbx.dic 
# 
loop_
_database_2.database_id 
_database_2.database_code 
_database_2.pdbx_database_accession 
_database_2.pdbx_DOI 
PDB   1TGR         pdb_00001tgr 10.2210/pdb1tgr/pdb 
RCSB  RCSB022630   ?            ?                   
WWPDB D_1000022630 ?            ?                   
# 
loop_
_pdbx_audit_revision_history.ordinal 
_pdbx_audit_revision_history.data_content_type 
_pdbx_audit_revision_history.major_revision 
_pdbx_audit_revision_history.minor_revision 
_pdbx_audit_revision_history.revision_date 
1 'Structure model' 1 0 2004-12-28 
2 'Structure model' 1 1 2008-04-30 
3 'Structure model' 1 2 2011-07-13 
4 'Structure model' 1 3 2017-08-23 
5 'Structure model' 1 4 2021-11-10 
6 'Structure model' 1 5 2024-10-30 
# 
_pdbx_audit_revision_details.ordinal             1 
_pdbx_audit_revision_details.revision_ordinal    1 
_pdbx_audit_revision_details.data_content_type   'Structure model' 
_pdbx_audit_revision_details.provider            repository 
_pdbx_audit_revision_details.type                'Initial release' 
_pdbx_audit_revision_details.description         ? 
_pdbx_audit_revision_details.details             ? 
# 
loop_
_pdbx_audit_revision_group.ordinal 
_pdbx_audit_revision_group.revision_ordinal 
_pdbx_audit_revision_group.data_content_type 
_pdbx_audit_revision_group.group 
1 2 'Structure model' 'Version format compliance' 
2 3 'Structure model' 'Derived calculations'      
3 3 'Structure model' 'Version format compliance' 
4 4 'Structure model' 'Source and taxonomy'       
5 5 'Structure model' 'Database references'       
6 6 'Structure model' 'Data collection'           
7 6 'Structure model' 'Structure summary'         
# 
loop_
_pdbx_audit_revision_category.ordinal 
_pdbx_audit_revision_category.revision_ordinal 
_pdbx_audit_revision_category.data_content_type 
_pdbx_audit_revision_category.category 
1 4 'Structure model' entity_src_gen            
2 5 'Structure model' database_2                
3 5 'Structure model' struct_ref_seq_dif        
4 6 'Structure model' chem_comp_atom            
5 6 'Structure model' chem_comp_bond            
6 6 'Structure model' pdbx_entry_details        
7 6 'Structure model' pdbx_modification_feature 
# 
loop_
_pdbx_audit_revision_item.ordinal 
_pdbx_audit_revision_item.revision_ordinal 
_pdbx_audit_revision_item.data_content_type 
_pdbx_audit_revision_item.item 
1 5 'Structure model' '_database_2.pdbx_DOI'                
2 5 'Structure model' '_database_2.pdbx_database_accession' 
3 5 'Structure model' '_struct_ref_seq_dif.details'         
# 
_pdbx_database_status.status_code                     REL 
_pdbx_database_status.entry_id                        1TGR 
_pdbx_database_status.recvd_initial_deposition_date   2004-05-29 
_pdbx_database_status.deposit_site                    RCSB 
_pdbx_database_status.process_site                    PDBJ 
_pdbx_database_status.status_code_sf                  REL 
_pdbx_database_status.SG_entry                        . 
_pdbx_database_status.pdb_format_compatible           Y 
_pdbx_database_status.status_code_mr                  ? 
_pdbx_database_status.status_code_cs                  ? 
_pdbx_database_status.methods_development_category    ? 
_pdbx_database_status.status_code_nmr_data            ? 
# 
loop_
_pdbx_database_related.db_name 
_pdbx_database_related.db_id 
_pdbx_database_related.details 
_pdbx_database_related.content_type 
PDB 1B9G . unspecified 
PDB 1IMX . unspecified 
PDB 1H59 . unspecified 
PDB 1H02 . unspecified 
PDB 1GZZ . unspecified 
# 
loop_
_audit_author.name 
_audit_author.pdbx_ordinal 
'Liang, D.C.' 1 
'Yun, C.H.'   2 
'Chang, W.R.' 3 
# 
_citation.id                        primary 
_citation.title                     
;1.42A crystal structure of mini-IGF-1(2): an analysis of the disulfide isomerization property and receptor binding property of IGF-1 based on the three-dimensional structure
;
_citation.journal_abbrev            Biochem.Biophys.Res.Commun. 
_citation.journal_volume            326 
_citation.page_first                52 
_citation.page_last                 59 
_citation.year                      2004 
_citation.journal_id_ASTM           BBRCA9 
_citation.country                   US 
_citation.journal_id_ISSN           0006-291X 
_citation.journal_id_CSD            0146 
_citation.book_publisher            ? 
_citation.pdbx_database_id_PubMed   15567151 
_citation.pdbx_database_id_DOI      10.1016/j.bbrc.2004.10.203 
# 
loop_
_citation_author.citation_id 
_citation_author.name 
_citation_author.ordinal 
_citation_author.identifier_ORCID 
primary 'Yun, C.H.'   1 ? 
primary 'Tang, Y.H.'  2 ? 
primary 'Feng, Y.M.'  3 ? 
primary 'An, X.M.'    4 ? 
primary 'Chang, W.R.' 5 ? 
primary 'Liang, D.C.' 6 ? 
# 
loop_
_entity.id 
_entity.type 
_entity.src_method 
_entity.pdbx_description 
_entity.formula_weight 
_entity.pdbx_number_of_molecules 
_entity.pdbx_ec 
_entity.pdbx_mutation 
_entity.pdbx_fragment 
_entity.details 
1 polymer man 'Insulin-like growth factor IA' 5846.783 2   ? T29K 'residues 1-52' ? 
2 water   nat water                           18.015   145 ? ?    ?               ? 
# 
_entity_name_com.entity_id   1 
_entity_name_com.name        'mini-IGF-1 isomer 2' 
# 
_entity_poly.entity_id                      1 
_entity_poly.type                           'polypeptide(L)' 
_entity_poly.nstd_linkage                   no 
_entity_poly.nstd_monomer                   no 
_entity_poly.pdbx_seq_one_letter_code       GPETLCGAELVDALQFVCGDRGFYFNKPKAKGIVDECCFRSCDLRRLEMYCA 
_entity_poly.pdbx_seq_one_letter_code_can   GPETLCGAELVDALQFVCGDRGFYFNKPKAKGIVDECCFRSCDLRRLEMYCA 
_entity_poly.pdbx_strand_id                 A,B 
_entity_poly.pdbx_target_identifier         ? 
# 
_pdbx_entity_nonpoly.entity_id   2 
_pdbx_entity_nonpoly.name        water 
_pdbx_entity_nonpoly.comp_id     HOH 
# 
loop_
_entity_poly_seq.entity_id 
_entity_poly_seq.num 
_entity_poly_seq.mon_id 
_entity_poly_seq.hetero 
1 1  GLY n 
1 2  PRO n 
1 3  GLU n 
1 4  THR n 
1 5  LEU n 
1 6  CYS n 
1 7  GLY n 
1 8  ALA n 
1 9  GLU n 
1 10 LEU n 
1 11 VAL n 
1 12 ASP n 
1 13 ALA n 
1 14 LEU n 
1 15 GLN n 
1 16 PHE n 
1 17 VAL n 
1 18 CYS n 
1 19 GLY n 
1 20 ASP n 
1 21 ARG n 
1 22 GLY n 
1 23 PHE n 
1 24 TYR n 
1 25 PHE n 
1 26 ASN n 
1 27 LYS n 
1 28 PRO n 
1 29 LYS n 
1 30 ALA n 
1 31 LYS n 
1 32 GLY n 
1 33 ILE n 
1 34 VAL n 
1 35 ASP n 
1 36 GLU n 
1 37 CYS n 
1 38 CYS n 
1 39 PHE n 
1 40 ARG n 
1 41 SER n 
1 42 CYS n 
1 43 ASP n 
1 44 LEU n 
1 45 ARG n 
1 46 ARG n 
1 47 LEU n 
1 48 GLU n 
1 49 MET n 
1 50 TYR n 
1 51 CYS n 
1 52 ALA n 
# 
loop_
_entity_src_gen.entity_id 
_entity_src_gen.pdbx_src_id 
_entity_src_gen.pdbx_alt_source_flag 
_entity_src_gen.pdbx_seq_type 
_entity_src_gen.pdbx_beg_seq_num 
_entity_src_gen.pdbx_end_seq_num 
_entity_src_gen.gene_src_common_name 
_entity_src_gen.gene_src_genus 
_entity_src_gen.pdbx_gene_src_gene 
_entity_src_gen.gene_src_species 
_entity_src_gen.gene_src_strain 
_entity_src_gen.gene_src_tissue 
_entity_src_gen.gene_src_tissue_fraction 
_entity_src_gen.gene_src_details 
_entity_src_gen.pdbx_gene_src_fragment 
_entity_src_gen.pdbx_gene_src_scientific_name 
_entity_src_gen.pdbx_gene_src_ncbi_taxonomy_id 
_entity_src_gen.pdbx_gene_src_variant 
_entity_src_gen.pdbx_gene_src_cell_line 
_entity_src_gen.pdbx_gene_src_atcc 
_entity_src_gen.pdbx_gene_src_organ 
_entity_src_gen.pdbx_gene_src_organelle 
_entity_src_gen.pdbx_gene_src_cell 
_entity_src_gen.pdbx_gene_src_cellular_location 
_entity_src_gen.host_org_common_name 
_entity_src_gen.pdbx_host_org_scientific_name 
_entity_src_gen.pdbx_host_org_ncbi_taxonomy_id 
_entity_src_gen.host_org_genus 
_entity_src_gen.pdbx_host_org_gene 
_entity_src_gen.pdbx_host_org_organ 
_entity_src_gen.host_org_species 
_entity_src_gen.pdbx_host_org_tissue 
_entity_src_gen.pdbx_host_org_tissue_fraction 
_entity_src_gen.pdbx_host_org_strain 
_entity_src_gen.pdbx_host_org_variant 
_entity_src_gen.pdbx_host_org_cell_line 
_entity_src_gen.pdbx_host_org_atcc 
_entity_src_gen.pdbx_host_org_culture_collection 
_entity_src_gen.pdbx_host_org_cell 
_entity_src_gen.pdbx_host_org_organelle 
_entity_src_gen.pdbx_host_org_cellular_location 
_entity_src_gen.pdbx_host_org_vector_type 
_entity_src_gen.pdbx_host_org_vector 
_entity_src_gen.host_org_details 
_entity_src_gen.expression_system_id 
_entity_src_gen.plasmid_name 
_entity_src_gen.plasmid_details 
_entity_src_gen.pdbx_description 
1 1 sample ? 1  29 human Homo E.coli ? DH12S ? ? ? ? 'Homo sapiens' 9606 ? ? ? ? ? ? ? ? 'Escherichia coli' 562 Escherichia ? ? ? 
? ? 'XV700-6B(leu2,ura3,pep4)' ? 'Saccharomyces cerevisiae' ? ? ? ? ? plasmid ? ? ? PVT102-U-ALPHAMFL-MINI-IGF-1 ? ? 
1 2 sample ? 32 52 human Homo E.coli ? DH12S ? ? ? ? 'Homo sapiens' 9606 ? ? ? ? ? ? ? ? 'Escherichia coli' 562 Escherichia ? ? ? 
? ? 'XV700-6B(leu2,ura3,pep4)' ? 'Saccharomyces cerevisiae' ? ? ? ? ? plasmid ? ? ? PVT102-U-ALPHAMFL-MINI-IGF-1 ? ? 
# 
loop_
_chem_comp.id 
_chem_comp.type 
_chem_comp.mon_nstd_flag 
_chem_comp.name 
_chem_comp.pdbx_synonyms 
_chem_comp.formula 
_chem_comp.formula_weight 
ALA 'L-peptide linking' y ALANINE         ? 'C3 H7 N O2'     89.093  
ARG 'L-peptide linking' y ARGININE        ? 'C6 H15 N4 O2 1' 175.209 
ASN 'L-peptide linking' y ASPARAGINE      ? 'C4 H8 N2 O3'    132.118 
ASP 'L-peptide linking' y 'ASPARTIC ACID' ? 'C4 H7 N O4'     133.103 
CYS 'L-peptide linking' y CYSTEINE        ? 'C3 H7 N O2 S'   121.158 
GLN 'L-peptide linking' y GLUTAMINE       ? 'C5 H10 N2 O3'   146.144 
GLU 'L-peptide linking' y 'GLUTAMIC ACID' ? 'C5 H9 N O4'     147.129 
GLY 'peptide linking'   y GLYCINE         ? 'C2 H5 N O2'     75.067  
HOH non-polymer         . WATER           ? 'H2 O'           18.015  
ILE 'L-peptide linking' y ISOLEUCINE      ? 'C6 H13 N O2'    131.173 
LEU 'L-peptide linking' y LEUCINE         ? 'C6 H13 N O2'    131.173 
LYS 'L-peptide linking' y LYSINE          ? 'C6 H15 N2 O2 1' 147.195 
MET 'L-peptide linking' y METHIONINE      ? 'C5 H11 N O2 S'  149.211 
PHE 'L-peptide linking' y PHENYLALANINE   ? 'C9 H11 N O2'    165.189 
PRO 'L-peptide linking' y PROLINE         ? 'C5 H9 N O2'     115.130 
SER 'L-peptide linking' y SERINE          ? 'C3 H7 N O3'     105.093 
THR 'L-peptide linking' y THREONINE       ? 'C4 H9 N O3'     119.119 
TYR 'L-peptide linking' y TYROSINE        ? 'C9 H11 N O3'    181.189 
VAL 'L-peptide linking' y VALINE          ? 'C5 H11 N O2'    117.146 
# 
loop_
_pdbx_poly_seq_scheme.asym_id 
_pdbx_poly_seq_scheme.entity_id 
_pdbx_poly_seq_scheme.seq_id 
_pdbx_poly_seq_scheme.mon_id 
_pdbx_poly_seq_scheme.ndb_seq_num 
_pdbx_poly_seq_scheme.pdb_seq_num 
_pdbx_poly_seq_scheme.auth_seq_num 
_pdbx_poly_seq_scheme.pdb_mon_id 
_pdbx_poly_seq_scheme.auth_mon_id 
_pdbx_poly_seq_scheme.pdb_strand_id 
_pdbx_poly_seq_scheme.pdb_ins_code 
_pdbx_poly_seq_scheme.hetero 
A 1 1  GLY 1  1  1  GLY GLY A . n 
A 1 2  PRO 2  2  2  PRO PRO A . n 
A 1 3  GLU 3  3  3  GLU GLU A . n 
A 1 4  THR 4  4  4  THR THR A . n 
A 1 5  LEU 5  5  5  LEU LEU A . n 
A 1 6  CYS 6  6  6  CYS CYS A . n 
A 1 7  GLY 7  7  7  GLY GLY A . n 
A 1 8  ALA 8  8  8  ALA ALA A . n 
A 1 9  GLU 9  9  9  GLU GLU A . n 
A 1 10 LEU 10 10 10 LEU LEU A . n 
A 1 11 VAL 11 11 11 VAL VAL A . n 
A 1 12 ASP 12 12 12 ASP ASP A . n 
A 1 13 ALA 13 13 13 ALA ALA A . n 
A 1 14 LEU 14 14 14 LEU LEU A . n 
A 1 15 GLN 15 15 15 GLN GLN A . n 
A 1 16 PHE 16 16 16 PHE PHE A . n 
A 1 17 VAL 17 17 17 VAL VAL A . n 
A 1 18 CYS 18 18 18 CYS CYS A . n 
A 1 19 GLY 19 19 19 GLY GLY A . n 
A 1 20 ASP 20 20 20 ASP ASP A . n 
A 1 21 ARG 21 21 21 ARG ARG A . n 
A 1 22 GLY 22 22 22 GLY GLY A . n 
A 1 23 PHE 23 23 23 PHE PHE A . n 
A 1 24 TYR 24 24 24 TYR TYR A . n 
A 1 25 PHE 25 25 25 PHE PHE A . n 
A 1 26 ASN 26 26 26 ASN ASN A . n 
A 1 27 LYS 27 27 27 LYS LYS A . n 
A 1 28 PRO 28 28 28 PRO PRO A . n 
A 1 29 LYS 29 29 29 LYS LYS A . n 
A 1 30 ALA 30 30 30 ALA ALA A . n 
A 1 31 LYS 31 31 31 LYS LYS A . n 
A 1 32 GLY 32 32 32 GLY GLY A . n 
A 1 33 ILE 33 33 33 ILE ILE A . n 
A 1 34 VAL 34 34 34 VAL VAL A . n 
A 1 35 ASP 35 35 35 ASP ASP A . n 
A 1 36 GLU 36 36 36 GLU GLU A . n 
A 1 37 CYS 37 37 37 CYS CYS A . n 
A 1 38 CYS 38 38 38 CYS CYS A . n 
A 1 39 PHE 39 39 39 PHE PHE A . n 
A 1 40 ARG 40 40 40 ARG ARG A . n 
A 1 41 SER 41 41 41 SER SER A . n 
A 1 42 CYS 42 42 42 CYS CYS A . n 
A 1 43 ASP 43 43 43 ASP ASP A . n 
A 1 44 LEU 44 44 44 LEU LEU A . n 
A 1 45 ARG 45 45 45 ARG ARG A . n 
A 1 46 ARG 46 46 46 ARG ARG A . n 
A 1 47 LEU 47 47 47 LEU LEU A . n 
A 1 48 GLU 48 48 48 GLU GLU A . n 
A 1 49 MET 49 49 49 MET MET A . n 
A 1 50 TYR 50 50 50 TYR TYR A . n 
A 1 51 CYS 51 51 51 CYS CYS A . n 
A 1 52 ALA 52 52 52 ALA ALA A . n 
B 1 1  GLY 1  1  1  GLY GLY B . n 
B 1 2  PRO 2  2  2  PRO PRO B . n 
B 1 3  GLU 3  3  3  GLU GLU B . n 
B 1 4  THR 4  4  4  THR THR B . n 
B 1 5  LEU 5  5  5  LEU LEU B . n 
B 1 6  CYS 6  6  6  CYS CYS B . n 
B 1 7  GLY 7  7  7  GLY GLY B . n 
B 1 8  ALA 8  8  8  ALA ALA B . n 
B 1 9  GLU 9  9  9  GLU GLU B . n 
B 1 10 LEU 10 10 10 LEU LEU B . n 
B 1 11 VAL 11 11 11 VAL VAL B . n 
B 1 12 ASP 12 12 12 ASP ASP B . n 
B 1 13 ALA 13 13 13 ALA ALA B . n 
B 1 14 LEU 14 14 14 LEU LEU B . n 
B 1 15 GLN 15 15 15 GLN GLN B . n 
B 1 16 PHE 16 16 16 PHE PHE B . n 
B 1 17 VAL 17 17 17 VAL VAL B . n 
B 1 18 CYS 18 18 18 CYS CYS B . n 
B 1 19 GLY 19 19 19 GLY GLY B . n 
B 1 20 ASP 20 20 20 ASP ASP B . n 
B 1 21 ARG 21 21 21 ARG ARG B . n 
B 1 22 GLY 22 22 22 GLY GLY B . n 
B 1 23 PHE 23 23 23 PHE PHE B . n 
B 1 24 TYR 24 24 24 TYR TYR B . n 
B 1 25 PHE 25 25 25 PHE PHE B . n 
B 1 26 ASN 26 26 26 ASN ASN B . n 
B 1 27 LYS 27 27 27 LYS LYS B . n 
B 1 28 PRO 28 28 28 PRO PRO B . n 
B 1 29 LYS 29 29 29 LYS LYS B . n 
B 1 30 ALA 30 30 30 ALA ALA B . n 
B 1 31 LYS 31 31 31 LYS LYS B . n 
B 1 32 GLY 32 32 32 GLY GLY B . n 
B 1 33 ILE 33 33 33 ILE ILE B . n 
B 1 34 VAL 34 34 34 VAL VAL B . n 
B 1 35 ASP 35 35 35 ASP ASP B . n 
B 1 36 GLU 36 36 36 GLU GLU B . n 
B 1 37 CYS 37 37 37 CYS CYS B . n 
B 1 38 CYS 38 38 38 CYS CYS B . n 
B 1 39 PHE 39 39 39 PHE PHE B . n 
B 1 40 ARG 40 40 40 ARG ARG B . n 
B 1 41 SER 41 41 41 SER SER B . n 
B 1 42 CYS 42 42 42 CYS CYS B . n 
B 1 43 ASP 43 43 43 ASP ASP B . n 
B 1 44 LEU 44 44 44 LEU LEU B . n 
B 1 45 ARG 45 45 45 ARG ARG B . n 
B 1 46 ARG 46 46 46 ARG ARG B . n 
B 1 47 LEU 47 47 47 LEU LEU B . n 
B 1 48 GLU 48 48 48 GLU GLU B . n 
B 1 49 MET 49 49 49 MET MET B . n 
B 1 50 TYR 50 50 50 TYR TYR B . n 
B 1 51 CYS 51 51 51 CYS CYS B . n 
B 1 52 ALA 52 52 52 ALA ALA B . n 
# 
loop_
_pdbx_nonpoly_scheme.asym_id 
_pdbx_nonpoly_scheme.entity_id 
_pdbx_nonpoly_scheme.mon_id 
_pdbx_nonpoly_scheme.ndb_seq_num 
_pdbx_nonpoly_scheme.pdb_seq_num 
_pdbx_nonpoly_scheme.auth_seq_num 
_pdbx_nonpoly_scheme.pdb_mon_id 
_pdbx_nonpoly_scheme.auth_mon_id 
_pdbx_nonpoly_scheme.pdb_strand_id 
_pdbx_nonpoly_scheme.pdb_ins_code 
C 2 HOH 1  53  4   HOH HOH A . 
C 2 HOH 2  54  5   HOH HOH A . 
C 2 HOH 3  55  6   HOH HOH A . 
C 2 HOH 4  56  7   HOH HOH A . 
C 2 HOH 5  57  8   HOH HOH A . 
C 2 HOH 6  58  12  HOH HOH A . 
C 2 HOH 7  59  14  HOH HOH A . 
C 2 HOH 8  60  16  HOH HOH A . 
C 2 HOH 9  61  18  HOH HOH A . 
C 2 HOH 10 62  19  HOH HOH A . 
C 2 HOH 11 63  20  HOH HOH A . 
C 2 HOH 12 64  24  HOH HOH A . 
C 2 HOH 13 65  28  HOH HOH A . 
C 2 HOH 14 66  30  HOH HOH A . 
C 2 HOH 15 67  31  HOH HOH A . 
C 2 HOH 16 68  32  HOH HOH A . 
C 2 HOH 17 69  34  HOH HOH A . 
C 2 HOH 18 70  35  HOH HOH A . 
C 2 HOH 19 71  36  HOH HOH A . 
C 2 HOH 20 72  37  HOH HOH A . 
C 2 HOH 21 73  39  HOH HOH A . 
C 2 HOH 22 74  42  HOH HOH A . 
C 2 HOH 23 75  45  HOH HOH A . 
C 2 HOH 24 76  53  HOH HOH A . 
C 2 HOH 25 77  54  HOH HOH A . 
C 2 HOH 26 78  55  HOH HOH A . 
C 2 HOH 27 79  56  HOH HOH A . 
C 2 HOH 28 80  57  HOH HOH A . 
C 2 HOH 29 81  58  HOH HOH A . 
C 2 HOH 30 82  60  HOH HOH A . 
C 2 HOH 31 83  61  HOH HOH A . 
C 2 HOH 32 84  62  HOH HOH A . 
C 2 HOH 33 85  63  HOH HOH A . 
C 2 HOH 34 86  64  HOH HOH A . 
C 2 HOH 35 87  66  HOH HOH A . 
C 2 HOH 36 88  67  HOH HOH A . 
C 2 HOH 37 89  68  HOH HOH A . 
C 2 HOH 38 90  71  HOH HOH A . 
C 2 HOH 39 91  72  HOH HOH A . 
C 2 HOH 40 92  73  HOH HOH A . 
C 2 HOH 41 93  74  HOH HOH A . 
C 2 HOH 42 94  75  HOH HOH A . 
C 2 HOH 43 95  76  HOH HOH A . 
C 2 HOH 44 96  77  HOH HOH A . 
C 2 HOH 45 97  78  HOH HOH A . 
C 2 HOH 46 98  79  HOH HOH A . 
C 2 HOH 47 99  80  HOH HOH A . 
C 2 HOH 48 100 81  HOH HOH A . 
C 2 HOH 49 101 83  HOH HOH A . 
C 2 HOH 50 102 85  HOH HOH A . 
C 2 HOH 51 103 86  HOH HOH A . 
C 2 HOH 52 104 88  HOH HOH A . 
C 2 HOH 53 105 90  HOH HOH A . 
C 2 HOH 54 106 91  HOH HOH A . 
C 2 HOH 55 107 92  HOH HOH A . 
C 2 HOH 56 108 93  HOH HOH A . 
C 2 HOH 57 109 95  HOH HOH A . 
C 2 HOH 58 110 97  HOH HOH A . 
C 2 HOH 59 111 98  HOH HOH A . 
C 2 HOH 60 112 99  HOH HOH A . 
C 2 HOH 61 113 101 HOH HOH A . 
C 2 HOH 62 114 102 HOH HOH A . 
C 2 HOH 63 115 104 HOH HOH A . 
C 2 HOH 64 116 106 HOH HOH A . 
C 2 HOH 65 117 108 HOH HOH A . 
C 2 HOH 66 118 109 HOH HOH A . 
C 2 HOH 67 119 110 HOH HOH A . 
C 2 HOH 68 120 114 HOH HOH A . 
C 2 HOH 69 121 117 HOH HOH A . 
C 2 HOH 70 122 118 HOH HOH A . 
C 2 HOH 71 123 119 HOH HOH A . 
C 2 HOH 72 124 121 HOH HOH A . 
C 2 HOH 73 125 122 HOH HOH A . 
C 2 HOH 74 126 123 HOH HOH A . 
C 2 HOH 75 127 128 HOH HOH A . 
C 2 HOH 76 128 129 HOH HOH A . 
C 2 HOH 77 129 130 HOH HOH A . 
C 2 HOH 78 130 132 HOH HOH A . 
C 2 HOH 79 131 133 HOH HOH A . 
C 2 HOH 80 132 136 HOH HOH A . 
C 2 HOH 81 133 138 HOH HOH A . 
C 2 HOH 82 134 139 HOH HOH A . 
C 2 HOH 83 135 141 HOH HOH A . 
C 2 HOH 84 136 142 HOH HOH A . 
C 2 HOH 85 137 144 HOH HOH A . 
D 2 HOH 1  53  1   HOH HOH B . 
D 2 HOH 2  54  2   HOH HOH B . 
D 2 HOH 3  55  3   HOH HOH B . 
D 2 HOH 4  56  9   HOH HOH B . 
D 2 HOH 5  57  10  HOH HOH B . 
D 2 HOH 6  58  11  HOH HOH B . 
D 2 HOH 7  59  13  HOH HOH B . 
D 2 HOH 8  60  15  HOH HOH B . 
D 2 HOH 9  61  17  HOH HOH B . 
D 2 HOH 10 62  21  HOH HOH B . 
D 2 HOH 11 63  22  HOH HOH B . 
D 2 HOH 12 64  23  HOH HOH B . 
D 2 HOH 13 65  25  HOH HOH B . 
D 2 HOH 14 66  26  HOH HOH B . 
D 2 HOH 15 67  27  HOH HOH B . 
D 2 HOH 16 68  29  HOH HOH B . 
D 2 HOH 17 69  33  HOH HOH B . 
D 2 HOH 18 70  38  HOH HOH B . 
D 2 HOH 19 71  40  HOH HOH B . 
D 2 HOH 20 72  41  HOH HOH B . 
D 2 HOH 21 73  43  HOH HOH B . 
D 2 HOH 22 74  44  HOH HOH B . 
D 2 HOH 23 75  46  HOH HOH B . 
D 2 HOH 24 76  47  HOH HOH B . 
D 2 HOH 25 77  48  HOH HOH B . 
D 2 HOH 26 78  49  HOH HOH B . 
D 2 HOH 27 79  50  HOH HOH B . 
D 2 HOH 28 80  51  HOH HOH B . 
D 2 HOH 29 81  52  HOH HOH B . 
D 2 HOH 30 82  59  HOH HOH B . 
D 2 HOH 31 83  65  HOH HOH B . 
D 2 HOH 32 84  69  HOH HOH B . 
D 2 HOH 33 85  70  HOH HOH B . 
D 2 HOH 34 86  82  HOH HOH B . 
D 2 HOH 35 87  84  HOH HOH B . 
D 2 HOH 36 88  87  HOH HOH B . 
D 2 HOH 37 89  89  HOH HOH B . 
D 2 HOH 38 90  94  HOH HOH B . 
D 2 HOH 39 91  96  HOH HOH B . 
D 2 HOH 40 92  100 HOH HOH B . 
D 2 HOH 41 93  103 HOH HOH B . 
D 2 HOH 42 94  105 HOH HOH B . 
D 2 HOH 43 95  107 HOH HOH B . 
D 2 HOH 44 96  111 HOH HOH B . 
D 2 HOH 45 97  112 HOH HOH B . 
D 2 HOH 46 98  113 HOH HOH B . 
D 2 HOH 47 99  115 HOH HOH B . 
D 2 HOH 48 100 116 HOH HOH B . 
D 2 HOH 49 101 120 HOH HOH B . 
D 2 HOH 50 102 124 HOH HOH B . 
D 2 HOH 51 103 125 HOH HOH B . 
D 2 HOH 52 104 126 HOH HOH B . 
D 2 HOH 53 105 127 HOH HOH B . 
D 2 HOH 54 106 131 HOH HOH B . 
D 2 HOH 55 107 134 HOH HOH B . 
D 2 HOH 56 108 135 HOH HOH B . 
D 2 HOH 57 109 137 HOH HOH B . 
D 2 HOH 58 110 140 HOH HOH B . 
D 2 HOH 59 111 143 HOH HOH B . 
D 2 HOH 60 112 145 HOH HOH B . 
# 
loop_
_software.name 
_software.classification 
_software.version 
_software.citation_id 
_software.pdbx_ordinal 
REFMAC    refinement       5.1.24 ? 1 
DENZO     'data reduction' .      ? 2 
SCALEPACK 'data scaling'   .      ? 3 
SHARP     phasing          .      ? 4 
# 
_cell.entry_id           1TGR 
_cell.length_a           58.86 
_cell.length_b           61.98 
_cell.length_c           70.82 
_cell.angle_alpha        90.00 
_cell.angle_beta         90.00 
_cell.angle_gamma        90.00 
_cell.Z_PDB              16 
_cell.pdbx_unique_axis   ? 
# 
_symmetry.entry_id                         1TGR 
_symmetry.space_group_name_H-M             'I 2 2 2' 
_symmetry.pdbx_full_space_group_name_H-M   ? 
_symmetry.cell_setting                     ? 
_symmetry.Int_Tables_number                23 
_symmetry.space_group_name_Hall            ? 
# 
_exptl.entry_id          1TGR 
_exptl.method            'X-RAY DIFFRACTION' 
_exptl.crystals_number   1 
# 
_exptl_crystal.id                    1 
_exptl_crystal.density_meas          ? 
_exptl_crystal.density_Matthews      2.6 
_exptl_crystal.density_percent_sol   53.2 
_exptl_crystal.description           ? 
_exptl_crystal.F_000                 ? 
_exptl_crystal.preparation           ? 
# 
_exptl_crystal_grow.crystal_id      1 
_exptl_crystal_grow.method          'VAPOR DIFFUSION, HANGING DROP' 
_exptl_crystal_grow.temp            289 
_exptl_crystal_grow.temp_details    ? 
_exptl_crystal_grow.pH              6.65 
_exptl_crystal_grow.pdbx_details    'Citrate, ethanol, pH 6.65, VAPOR DIFFUSION, HANGING DROP, temperature 289K' 
_exptl_crystal_grow.pdbx_pH_range   . 
# 
_diffrn.id                     1 
_diffrn.ambient_temp           100.0 
_diffrn.ambient_temp_details   ? 
_diffrn.crystal_id             1 
# 
_diffrn_detector.diffrn_id              1 
_diffrn_detector.detector               'IMAGE PLATE' 
_diffrn_detector.type                   'RIGAKU RAXIS IV' 
_diffrn_detector.pdbx_collection_date   2003-11-30 
_diffrn_detector.details                mirrors 
# 
_diffrn_radiation.diffrn_id                        1 
_diffrn_radiation.wavelength_id                    1 
_diffrn_radiation.pdbx_monochromatic_or_laue_m_l   M 
_diffrn_radiation.monochromator                    GRAPHITE 
_diffrn_radiation.pdbx_diffrn_protocol             'SINGLE WAVELENGTH' 
_diffrn_radiation.pdbx_scattering_type             x-ray 
# 
_diffrn_radiation_wavelength.id           1 
_diffrn_radiation_wavelength.wavelength   1.0000 
_diffrn_radiation_wavelength.wt           1.0 
# 
_diffrn_source.diffrn_id                   1 
_diffrn_source.source                      SYNCHROTRON 
_diffrn_source.type                        'PHOTON FACTORY BEAMLINE BL-6B' 
_diffrn_source.pdbx_synchrotron_site       'Photon Factory' 
_diffrn_source.pdbx_synchrotron_beamline   BL-6B 
_diffrn_source.pdbx_wavelength             ? 
_diffrn_source.pdbx_wavelength_list        1.0000 
# 
_reflns.entry_id                     1TGR 
_reflns.observed_criterion_sigma_F   0 
_reflns.observed_criterion_sigma_I   0 
_reflns.d_resolution_high            1.42 
_reflns.d_resolution_low             50 
_reflns.number_all                   23469 
_reflns.number_obs                   23375 
_reflns.percent_possible_obs         99.6 
_reflns.pdbx_Rmerge_I_obs            0.096 
_reflns.pdbx_Rsym_value              ? 
_reflns.pdbx_netI_over_sigmaI        16.7 
_reflns.B_iso_Wilson_estimate        17.4 
_reflns.pdbx_redundancy              ? 
_reflns.R_free_details               ? 
_reflns.limit_h_max                  ? 
_reflns.limit_h_min                  ? 
_reflns.limit_k_max                  ? 
_reflns.limit_k_min                  ? 
_reflns.limit_l_max                  ? 
_reflns.limit_l_min                  ? 
_reflns.observed_criterion_F_max     ? 
_reflns.observed_criterion_F_min     ? 
_reflns.pdbx_chi_squared             ? 
_reflns.pdbx_scaling_rejects         ? 
_reflns.pdbx_ordinal                 1 
_reflns.pdbx_diffrn_id               1 
# 
_reflns_shell.d_res_high             1.42 
_reflns_shell.d_res_low              1.45 
_reflns_shell.percent_possible_all   100.0 
_reflns_shell.Rmerge_I_obs           0.376 
_reflns_shell.pdbx_Rsym_value        ? 
_reflns_shell.meanI_over_sigI_obs    4.6 
_reflns_shell.pdbx_redundancy        ? 
_reflns_shell.percent_possible_obs   ? 
_reflns_shell.number_unique_all      ? 
_reflns_shell.number_measured_all    ? 
_reflns_shell.number_measured_obs    ? 
_reflns_shell.number_unique_obs      ? 
_reflns_shell.pdbx_chi_squared       ? 
_reflns_shell.pdbx_ordinal           1 
_reflns_shell.pdbx_diffrn_id         1 
# 
_refine.entry_id                                 1TGR 
_refine.ls_number_reflns_obs                     23375 
_refine.ls_number_reflns_all                     23469 
_refine.pdbx_ls_sigma_I                          ? 
_refine.pdbx_ls_sigma_F                          0.00 
_refine.pdbx_data_cutoff_high_absF               ? 
_refine.pdbx_data_cutoff_low_absF                ? 
_refine.pdbx_data_cutoff_high_rms_absF           ? 
_refine.ls_d_res_low                             8.00 
_refine.ls_d_res_high                            1.42 
_refine.ls_percent_reflns_obs                    99.95 
_refine.ls_R_factor_obs                          0.198 
_refine.ls_R_factor_all                          0.213 
_refine.ls_R_factor_R_work                       0.196 
_refine.ls_R_factor_R_free                       0.224 
_refine.ls_R_factor_R_free_error                 ? 
_refine.ls_R_factor_R_free_error_details         ? 
_refine.ls_percent_reflns_R_free                 5.1 
_refine.ls_number_reflns_R_free                  1262 
_refine.ls_number_parameters                     ? 
_refine.ls_number_restraints                     ? 
_refine.occupancy_min                            ? 
_refine.occupancy_max                            ? 
_refine.correlation_coeff_Fo_to_Fc               0.959 
_refine.correlation_coeff_Fo_to_Fc_free          0.950 
_refine.B_iso_mean                               16.695 
_refine.aniso_B[1][1]                            -0.68 
_refine.aniso_B[2][2]                            0.0 
_refine.aniso_B[3][3]                            0.0 
_refine.aniso_B[1][2]                            0.37 
_refine.aniso_B[1][3]                            0.31 
_refine.aniso_B[2][3]                            0.0 
_refine.solvent_model_details                    'BABINET MODEL WITH MASK' 
_refine.solvent_model_param_ksol                 ? 
_refine.solvent_model_param_bsol                 ? 
_refine.pdbx_solvent_vdw_probe_radii             1.40 
_refine.pdbx_solvent_ion_probe_radii             0.80 
_refine.pdbx_solvent_shrinkage_radii             0.80 
_refine.pdbx_ls_cross_valid_method               THROUGHOUT 
_refine.details                                  ? 
_refine.pdbx_starting_model                      ? 
_refine.pdbx_method_to_determine_struct          'SAD or SIRAS' 
_refine.pdbx_isotropic_thermal_model             ? 
_refine.pdbx_stereochemistry_target_values       'MAXIMUM LIKELIHOOD' 
_refine.pdbx_stereochem_target_val_spec_case     ? 
_refine.pdbx_R_Free_selection_details            RANDOM 
_refine.pdbx_overall_ESU_R                       0.065 
_refine.pdbx_overall_ESU_R_Free                  0.068 
_refine.overall_SU_ML                            0.040 
_refine.overall_SU_B                             1.003 
_refine.ls_redundancy_reflns_obs                 ? 
_refine.B_iso_min                                ? 
_refine.B_iso_max                                ? 
_refine.overall_SU_R_Cruickshank_DPI             ? 
_refine.overall_SU_R_free                        ? 
_refine.ls_wR_factor_R_free                      ? 
_refine.ls_wR_factor_R_work                      ? 
_refine.overall_FOM_free_R_set                   ? 
_refine.overall_FOM_work_R_set                   ? 
_refine.pdbx_refine_id                           'X-RAY DIFFRACTION' 
_refine.pdbx_diffrn_id                           1 
_refine.pdbx_TLS_residual_ADP_flag               ? 
_refine.pdbx_overall_phase_error                 ? 
_refine.pdbx_overall_SU_R_free_Cruickshank_DPI   ? 
_refine.pdbx_overall_SU_R_Blow_DPI               ? 
_refine.pdbx_overall_SU_R_free_Blow_DPI          ? 
# 
_refine_hist.pdbx_refine_id                   'X-RAY DIFFRACTION' 
_refine_hist.cycle_id                         LAST 
_refine_hist.pdbx_number_atoms_protein        810 
_refine_hist.pdbx_number_atoms_nucleic_acid   0 
_refine_hist.pdbx_number_atoms_ligand         0 
_refine_hist.number_atoms_solvent             145 
_refine_hist.number_atoms_total               955 
_refine_hist.d_res_high                       1.42 
_refine_hist.d_res_low                        8.00 
# 
loop_
_refine_ls_restr.type 
_refine_ls_restr.dev_ideal 
_refine_ls_restr.dev_ideal_target 
_refine_ls_restr.weight 
_refine_ls_restr.number 
_refine_ls_restr.pdbx_refine_id 
_refine_ls_restr.pdbx_restraint_function 
r_bond_refined_d         0.016 0.021 ? 899  'X-RAY DIFFRACTION' ? 
r_bond_other_d           0.003 0.020 ? 785  'X-RAY DIFFRACTION' ? 
r_angle_refined_deg      1.621 1.990 ? 1217 'X-RAY DIFFRACTION' ? 
r_angle_other_deg        0.855 3.000 ? 1835 'X-RAY DIFFRACTION' ? 
r_dihedral_angle_1_deg   5.462 5.000 ? 116  'X-RAY DIFFRACTION' ? 
r_chiral_restr           0.084 0.200 ? 121  'X-RAY DIFFRACTION' ? 
r_gen_planes_refined     0.006 0.020 ? 1053 'X-RAY DIFFRACTION' ? 
r_gen_planes_other       0.002 0.020 ? 208  'X-RAY DIFFRACTION' ? 
r_nbd_refined            0.231 0.200 ? 202  'X-RAY DIFFRACTION' ? 
r_nbd_other              0.242 0.200 ? 876  'X-RAY DIFFRACTION' ? 
r_nbtor_other            0.084 0.200 ? 485  'X-RAY DIFFRACTION' ? 
r_xyhbond_nbd_refined    0.158 0.200 ? 70   'X-RAY DIFFRACTION' ? 
r_symmetry_vdw_refined   0.112 0.200 ? 10   'X-RAY DIFFRACTION' ? 
r_symmetry_vdw_other     0.369 0.200 ? 84   'X-RAY DIFFRACTION' ? 
r_symmetry_hbond_refined 0.146 0.200 ? 16   'X-RAY DIFFRACTION' ? 
r_mcbond_it              0.895 1.500 ? 556  'X-RAY DIFFRACTION' ? 
r_mcangle_it             1.572 2.000 ? 889  'X-RAY DIFFRACTION' ? 
r_scbond_it              2.436 3.000 ? 343  'X-RAY DIFFRACTION' ? 
r_scangle_it             3.657 4.500 ? 328  'X-RAY DIFFRACTION' ? 
# 
_refine_ls_shell.pdbx_total_number_of_bins_used   20 
_refine_ls_shell.d_res_high                       1.420 
_refine_ls_shell.d_res_low                        1.456 
_refine_ls_shell.number_reflns_R_work             1655 
_refine_ls_shell.R_factor_R_work                  0.246 
_refine_ls_shell.percent_reflns_obs               ? 
_refine_ls_shell.R_factor_R_free                  0.223 
_refine_ls_shell.R_factor_R_free_error            ? 
_refine_ls_shell.percent_reflns_R_free            ? 
_refine_ls_shell.number_reflns_R_free             84 
_refine_ls_shell.number_reflns_obs                1655 
_refine_ls_shell.redundancy_reflns_obs            ? 
_refine_ls_shell.number_reflns_all                ? 
_refine_ls_shell.pdbx_refine_id                   'X-RAY DIFFRACTION' 
_refine_ls_shell.R_factor_all                     ? 
# 
_struct.entry_id                  1TGR 
_struct.title                     'Crystal Structure of mini-IGF-1(2)' 
_struct.pdbx_model_details        ? 
_struct.pdbx_CASP_flag            ? 
_struct.pdbx_model_type_details   ? 
# 
_struct_keywords.entry_id        1TGR 
_struct_keywords.pdbx_keywords   'HORMONE/GROWTH FACTOR' 
_struct_keywords.text            'IGF-I, IGF-1, Disulfide Isomerization, recepter binding, HORMONE-GROWTH FACTOR COMPLEX' 
# 
loop_
_struct_asym.id 
_struct_asym.pdbx_blank_PDB_chainid_flag 
_struct_asym.pdbx_modified 
_struct_asym.entity_id 
_struct_asym.details 
A N N 1 ? 
B N N 1 ? 
C N N 2 ? 
D N N 2 ? 
# 
_struct_ref.id                         1 
_struct_ref.db_name                    UNP 
_struct_ref.db_code                    IGF1A_HUMAN 
_struct_ref.entity_id                  1 
_struct_ref.pdbx_seq_one_letter_code   ? 
_struct_ref.pdbx_align_begin           ? 
_struct_ref.pdbx_db_accession          P01343 
_struct_ref.pdbx_db_isoform            ? 
# 
loop_
_struct_ref_seq.align_id 
_struct_ref_seq.ref_id 
_struct_ref_seq.pdbx_PDB_id_code 
_struct_ref_seq.pdbx_strand_id 
_struct_ref_seq.seq_align_beg 
_struct_ref_seq.pdbx_seq_align_beg_ins_code 
_struct_ref_seq.seq_align_end 
_struct_ref_seq.pdbx_seq_align_end_ins_code 
_struct_ref_seq.pdbx_db_accession 
_struct_ref_seq.db_align_beg 
_struct_ref_seq.pdbx_db_align_beg_ins_code 
_struct_ref_seq.db_align_end 
_struct_ref_seq.pdbx_db_align_end_ins_code 
_struct_ref_seq.pdbx_auth_seq_align_beg 
_struct_ref_seq.pdbx_auth_seq_align_end 
1 1 1TGR A 1  ? 29 ? P01343 49 ? 77  ? 1  29 
2 1 1TGR A 32 ? 52 ? P01343 90 ? 110 ? 32 52 
3 1 1TGR B 1  ? 29 ? P01343 49 ? 77  ? 1  29 
4 1 1TGR B 32 ? 52 ? P01343 90 ? 110 ? 32 52 
# 
loop_
_struct_ref_seq_dif.align_id 
_struct_ref_seq_dif.pdbx_pdb_id_code 
_struct_ref_seq_dif.mon_id 
_struct_ref_seq_dif.pdbx_pdb_strand_id 
_struct_ref_seq_dif.seq_num 
_struct_ref_seq_dif.pdbx_pdb_ins_code 
_struct_ref_seq_dif.pdbx_seq_db_name 
_struct_ref_seq_dif.pdbx_seq_db_accession_code 
_struct_ref_seq_dif.db_mon_id 
_struct_ref_seq_dif.pdbx_seq_db_seq_num 
_struct_ref_seq_dif.details 
_struct_ref_seq_dif.pdbx_auth_seq_num 
_struct_ref_seq_dif.pdbx_ordinal 
1 1TGR LYS A 29 ? UNP P01343 THR 77 'engineered mutation' 29 1 
1 1TGR ALA A 30 ? UNP P01343 ?   ?  linker                30 2 
1 1TGR LYS A 31 ? UNP P01343 ?   ?  linker                31 3 
3 1TGR LYS B 29 ? UNP P01343 THR 77 'engineered mutation' 29 4 
3 1TGR ALA B 30 ? UNP P01343 ?   ?  linker                30 5 
3 1TGR LYS B 31 ? UNP P01343 ?   ?  linker                31 6 
# 
loop_
_pdbx_struct_assembly.id 
_pdbx_struct_assembly.details 
_pdbx_struct_assembly.method_details 
_pdbx_struct_assembly.oligomeric_details 
_pdbx_struct_assembly.oligomeric_count 
1 author_and_software_defined_assembly PQS  monomeric 1 
2 author_and_software_defined_assembly PQS  monomeric 1 
3 software_defined_assembly            PISA octameric 8 
# 
loop_
_pdbx_struct_assembly_prop.biol_id 
_pdbx_struct_assembly_prop.type 
_pdbx_struct_assembly_prop.value 
_pdbx_struct_assembly_prop.details 
3 'ABSA (A^2)' 12880 ? 
3 MORE         -36   ? 
3 'SSA (A^2)'  20350 ? 
# 
loop_
_pdbx_struct_assembly_gen.assembly_id 
_pdbx_struct_assembly_gen.oper_expression 
_pdbx_struct_assembly_gen.asym_id_list 
1 1       A,C 
2 1       B,D 
3 1,2,3,4 A,C 
3 5,6,7,8 B,D 
# 
loop_
_pdbx_struct_oper_list.id 
_pdbx_struct_oper_list.type 
_pdbx_struct_oper_list.name 
_pdbx_struct_oper_list.symmetry_operation 
_pdbx_struct_oper_list.matrix[1][1] 
_pdbx_struct_oper_list.matrix[1][2] 
_pdbx_struct_oper_list.matrix[1][3] 
_pdbx_struct_oper_list.vector[1] 
_pdbx_struct_oper_list.matrix[2][1] 
_pdbx_struct_oper_list.matrix[2][2] 
_pdbx_struct_oper_list.matrix[2][3] 
_pdbx_struct_oper_list.vector[2] 
_pdbx_struct_oper_list.matrix[3][1] 
_pdbx_struct_oper_list.matrix[3][2] 
_pdbx_struct_oper_list.matrix[3][3] 
_pdbx_struct_oper_list.vector[3] 
1 'identity operation'         1_555 x,y,z               1.0000000000  0.0000000000  0.0000000000  0.0000000000   0.0000000000  1.0000000000  0.0000000000  0.0000000000   0.0000000000  0.0000000000  1.0000000000  0.0000000000   
2 'crystal symmetry operation' 2_555 -x,-y,z             -0.9970552711 0.0461816592  0.0612212437  -38.7244541316 0.0461816592  -0.2757412531 0.9601218754  14.7835942749  0.0612212437  0.9601218754  0.2727965243  -9.2892247844  
3 'crystal symmetry operation' 3_555 -x,y,-z             0.7928604183  0.4419329671  -0.4196041107 -10.7018203560 0.4419329671  -0.8910652801 -0.1034307455 -1.0861546888  -0.4196041107 -0.1034307455 -0.9017951381 -46.8700786778 
4 'crystal symmetry operation' 4_555 x,-y,-z             -0.7958051471 -0.4881146263 0.3583828671  -30.9737526679 -0.4881146263 0.1668065333  -0.8566911299 -30.4121237321 0.3583828671  -0.8566911299 -0.3710013861 -23.7732389679 
5 'crystal symmetry operation' 5_444 x-1/2,y-1/2,z-1/2   1.0000000000  0.0000000000  0.0000000000  -40.1037388649 0.0000000000  1.0000000000  0.0000000000  -6.0623821015  0.0000000000  0.0000000000  1.0000000000  -37.8854952761 
6 'crystal symmetry operation' 6_554 -x+1/2,-y+1/2,z-1/2 -0.9970552711 0.0461816592  0.0612212437  -1.3381779061  0.0461816592  -0.2757412531 0.9601218754  -21.7715068634 0.0612212437  0.9601218754  0.2727965243  -27.9000826572 
7 'crystal symmetry operation' 7_545 -x+1/2,y-1/2,-z+1/2 0.7928604183  0.4419329671  -0.4196041107 -29.2807444806 0.4419329671  -0.8910652801 -0.1034307455 -9.4888157713  -0.4196041107 -0.1034307455 -0.9017951381 4.7496071514   
8 'crystal symmetry operation' 8_455 x-1/2,-y+1/2,-z+1/2 -0.7958051471 -0.4881146263 0.3583828671  -9.6773659039  -0.4881146263 0.1668065333  -0.8566911299 20.6080205901  0.3583828671  -0.8566911299 -0.3710013861 -18.8965716483  
# 
loop_
_struct_biol.id 
_struct_biol.details 
_struct_biol.pdbx_parent_biol_id 
1 'The mini-IGF-1(2) dimer is formed during crystallization. It is not a physiological dimer.' ? 
2 ?                                                                                            ? 
# 
loop_
_struct_conf.conf_type_id 
_struct_conf.id 
_struct_conf.pdbx_PDB_helix_id 
_struct_conf.beg_label_comp_id 
_struct_conf.beg_label_asym_id 
_struct_conf.beg_label_seq_id 
_struct_conf.pdbx_beg_PDB_ins_code 
_struct_conf.end_label_comp_id 
_struct_conf.end_label_asym_id 
_struct_conf.end_label_seq_id 
_struct_conf.pdbx_end_PDB_ins_code 
_struct_conf.beg_auth_comp_id 
_struct_conf.beg_auth_asym_id 
_struct_conf.beg_auth_seq_id 
_struct_conf.end_auth_comp_id 
_struct_conf.end_auth_asym_id 
_struct_conf.end_auth_seq_id 
_struct_conf.pdbx_PDB_helix_class 
_struct_conf.details 
_struct_conf.pdbx_PDB_helix_length 
HELX_P HELX_P1 1 GLU A 3  ? GLY A 19 ? GLU A 3  GLY A 19 1 ? 17 
HELX_P HELX_P2 2 ASP A 20 ? GLY A 22 ? ASP A 20 GLY A 22 5 ? 3  
HELX_P HELX_P3 3 ASN A 26 ? CYS A 38 ? ASN A 26 CYS A 38 1 ? 13 
HELX_P HELX_P4 4 ASP A 43 ? CYS A 51 ? ASP A 43 CYS A 51 5 ? 9  
HELX_P HELX_P5 5 GLU B 3  ? GLY B 19 ? GLU B 3  GLY B 19 1 ? 17 
HELX_P HELX_P6 6 ASP B 20 ? GLY B 22 ? ASP B 20 GLY B 22 5 ? 3  
HELX_P HELX_P7 7 ASN B 26 ? CYS B 38 ? ASN B 26 CYS B 38 1 ? 13 
HELX_P HELX_P8 8 ASP B 43 ? CYS B 51 ? ASP B 43 CYS B 51 5 ? 9  
# 
_struct_conf_type.id          HELX_P 
_struct_conf_type.criteria    ? 
_struct_conf_type.reference   ? 
# 
loop_
_struct_conn.id 
_struct_conn.conn_type_id 
_struct_conn.pdbx_leaving_atom_flag 
_struct_conn.pdbx_PDB_id 
_struct_conn.ptnr1_label_asym_id 
_struct_conn.ptnr1_label_comp_id 
_struct_conn.ptnr1_label_seq_id 
_struct_conn.ptnr1_label_atom_id 
_struct_conn.pdbx_ptnr1_label_alt_id 
_struct_conn.pdbx_ptnr1_PDB_ins_code 
_struct_conn.pdbx_ptnr1_standard_comp_id 
_struct_conn.ptnr1_symmetry 
_struct_conn.ptnr2_label_asym_id 
_struct_conn.ptnr2_label_comp_id 
_struct_conn.ptnr2_label_seq_id 
_struct_conn.ptnr2_label_atom_id 
_struct_conn.pdbx_ptnr2_label_alt_id 
_struct_conn.pdbx_ptnr2_PDB_ins_code 
_struct_conn.ptnr1_auth_asym_id 
_struct_conn.ptnr1_auth_comp_id 
_struct_conn.ptnr1_auth_seq_id 
_struct_conn.ptnr2_auth_asym_id 
_struct_conn.ptnr2_auth_comp_id 
_struct_conn.ptnr2_auth_seq_id 
_struct_conn.ptnr2_symmetry 
_struct_conn.pdbx_ptnr3_label_atom_id 
_struct_conn.pdbx_ptnr3_label_seq_id 
_struct_conn.pdbx_ptnr3_label_comp_id 
_struct_conn.pdbx_ptnr3_label_asym_id 
_struct_conn.pdbx_ptnr3_label_alt_id 
_struct_conn.pdbx_ptnr3_PDB_ins_code 
_struct_conn.details 
_struct_conn.pdbx_dist_value 
_struct_conn.pdbx_value_order 
_struct_conn.pdbx_role 
disulf1 disulf ? ? A CYS 6  SG ? ? ? 1_555 A CYS 38 SG ? ? A CYS 6  A CYS 38 1_555 ? ? ? ? ? ? ? 2.062 ? ? 
disulf2 disulf ? ? A CYS 18 SG ? ? ? 1_555 A CYS 51 SG ? ? A CYS 18 A CYS 51 1_555 ? ? ? ? ? ? ? 2.040 ? ? 
disulf3 disulf ? ? A CYS 37 SG ? ? ? 1_555 A CYS 42 SG ? ? A CYS 37 A CYS 42 1_555 ? ? ? ? ? ? ? 2.027 ? ? 
disulf4 disulf ? ? B CYS 6  SG ? ? ? 1_555 B CYS 38 SG ? ? B CYS 6  B CYS 38 1_555 ? ? ? ? ? ? ? 2.029 ? ? 
disulf5 disulf ? ? B CYS 18 SG ? ? ? 1_555 B CYS 51 SG ? ? B CYS 18 B CYS 51 1_555 ? ? ? ? ? ? ? 2.023 ? ? 
disulf6 disulf ? ? B CYS 37 SG ? ? ? 1_555 B CYS 42 SG ? ? B CYS 37 B CYS 42 1_555 ? ? ? ? ? ? ? 2.016 ? ? 
# 
_struct_conn_type.id          disulf 
_struct_conn_type.criteria    ? 
_struct_conn_type.reference   ? 
# 
loop_
_pdbx_modification_feature.ordinal 
_pdbx_modification_feature.label_comp_id 
_pdbx_modification_feature.label_asym_id 
_pdbx_modification_feature.label_seq_id 
_pdbx_modification_feature.label_alt_id 
_pdbx_modification_feature.modified_residue_label_comp_id 
_pdbx_modification_feature.modified_residue_label_asym_id 
_pdbx_modification_feature.modified_residue_label_seq_id 
_pdbx_modification_feature.modified_residue_label_alt_id 
_pdbx_modification_feature.auth_comp_id 
_pdbx_modification_feature.auth_asym_id 
_pdbx_modification_feature.auth_seq_id 
_pdbx_modification_feature.PDB_ins_code 
_pdbx_modification_feature.symmetry 
_pdbx_modification_feature.modified_residue_auth_comp_id 
_pdbx_modification_feature.modified_residue_auth_asym_id 
_pdbx_modification_feature.modified_residue_auth_seq_id 
_pdbx_modification_feature.modified_residue_PDB_ins_code 
_pdbx_modification_feature.modified_residue_symmetry 
_pdbx_modification_feature.comp_id_linking_atom 
_pdbx_modification_feature.modified_residue_id_linking_atom 
_pdbx_modification_feature.modified_residue_id 
_pdbx_modification_feature.ref_pcm_id 
_pdbx_modification_feature.ref_comp_id 
_pdbx_modification_feature.type 
_pdbx_modification_feature.category 
1 CYS A 6  ? CYS A 38 ? CYS A 6  ? 1_555 CYS A 38 ? 1_555 SG SG . . . None 'Disulfide bridge' 
2 CYS A 18 ? CYS A 51 ? CYS A 18 ? 1_555 CYS A 51 ? 1_555 SG SG . . . None 'Disulfide bridge' 
3 CYS A 37 ? CYS A 42 ? CYS A 37 ? 1_555 CYS A 42 ? 1_555 SG SG . . . None 'Disulfide bridge' 
4 CYS B 6  ? CYS B 38 ? CYS B 6  ? 1_555 CYS B 38 ? 1_555 SG SG . . . None 'Disulfide bridge' 
5 CYS B 18 ? CYS B 51 ? CYS B 18 ? 1_555 CYS B 51 ? 1_555 SG SG . . . None 'Disulfide bridge' 
6 CYS B 37 ? CYS B 42 ? CYS B 37 ? 1_555 CYS B 42 ? 1_555 SG SG . . . None 'Disulfide bridge' 
# 
_struct_sheet.id               A 
_struct_sheet.type             ? 
_struct_sheet.number_strands   2 
_struct_sheet.details          ? 
# 
_struct_sheet_order.sheet_id     A 
_struct_sheet_order.range_id_1   1 
_struct_sheet_order.range_id_2   2 
_struct_sheet_order.offset       ? 
_struct_sheet_order.sense        anti-parallel 
# 
loop_
_struct_sheet_range.sheet_id 
_struct_sheet_range.id 
_struct_sheet_range.beg_label_comp_id 
_struct_sheet_range.beg_label_asym_id 
_struct_sheet_range.beg_label_seq_id 
_struct_sheet_range.pdbx_beg_PDB_ins_code 
_struct_sheet_range.end_label_comp_id 
_struct_sheet_range.end_label_asym_id 
_struct_sheet_range.end_label_seq_id 
_struct_sheet_range.pdbx_end_PDB_ins_code 
_struct_sheet_range.beg_auth_comp_id 
_struct_sheet_range.beg_auth_asym_id 
_struct_sheet_range.beg_auth_seq_id 
_struct_sheet_range.end_auth_comp_id 
_struct_sheet_range.end_auth_asym_id 
_struct_sheet_range.end_auth_seq_id 
A 1 PHE A 23 ? PHE A 25 ? PHE A 23 PHE A 25 
A 2 PHE B 23 ? PHE B 25 ? PHE B 23 PHE B 25 
# 
_pdbx_struct_sheet_hbond.sheet_id                A 
_pdbx_struct_sheet_hbond.range_id_1              1 
_pdbx_struct_sheet_hbond.range_id_2              2 
_pdbx_struct_sheet_hbond.range_1_label_atom_id   N 
_pdbx_struct_sheet_hbond.range_1_label_comp_id   PHE 
_pdbx_struct_sheet_hbond.range_1_label_asym_id   A 
_pdbx_struct_sheet_hbond.range_1_label_seq_id    23 
_pdbx_struct_sheet_hbond.range_1_PDB_ins_code    ? 
_pdbx_struct_sheet_hbond.range_1_auth_atom_id    N 
_pdbx_struct_sheet_hbond.range_1_auth_comp_id    PHE 
_pdbx_struct_sheet_hbond.range_1_auth_asym_id    A 
_pdbx_struct_sheet_hbond.range_1_auth_seq_id     23 
_pdbx_struct_sheet_hbond.range_2_label_atom_id   O 
_pdbx_struct_sheet_hbond.range_2_label_comp_id   PHE 
_pdbx_struct_sheet_hbond.range_2_label_asym_id   B 
_pdbx_struct_sheet_hbond.range_2_label_seq_id    25 
_pdbx_struct_sheet_hbond.range_2_PDB_ins_code    ? 
_pdbx_struct_sheet_hbond.range_2_auth_atom_id    O 
_pdbx_struct_sheet_hbond.range_2_auth_comp_id    PHE 
_pdbx_struct_sheet_hbond.range_2_auth_asym_id    B 
_pdbx_struct_sheet_hbond.range_2_auth_seq_id     25 
# 
_pdbx_entry_details.entry_id                   1TGR 
_pdbx_entry_details.compound_details           ? 
_pdbx_entry_details.source_details             ? 
_pdbx_entry_details.nonpolymer_details         ? 
_pdbx_entry_details.sequence_details           ? 
_pdbx_entry_details.has_ligand_of_interest     ? 
_pdbx_entry_details.has_protein_modification   Y 
# 
_pdbx_validate_rmsd_angle.id                         1 
_pdbx_validate_rmsd_angle.PDB_model_num              1 
_pdbx_validate_rmsd_angle.auth_atom_id_1             CB 
_pdbx_validate_rmsd_angle.auth_asym_id_1             A 
_pdbx_validate_rmsd_angle.auth_comp_id_1             ASP 
_pdbx_validate_rmsd_angle.auth_seq_id_1              43 
_pdbx_validate_rmsd_angle.PDB_ins_code_1             ? 
_pdbx_validate_rmsd_angle.label_alt_id_1             B 
_pdbx_validate_rmsd_angle.auth_atom_id_2             CG 
_pdbx_validate_rmsd_angle.auth_asym_id_2             A 
_pdbx_validate_rmsd_angle.auth_comp_id_2             ASP 
_pdbx_validate_rmsd_angle.auth_seq_id_2              43 
_pdbx_validate_rmsd_angle.PDB_ins_code_2             ? 
_pdbx_validate_rmsd_angle.label_alt_id_2             B 
_pdbx_validate_rmsd_angle.auth_atom_id_3             OD2 
_pdbx_validate_rmsd_angle.auth_asym_id_3             A 
_pdbx_validate_rmsd_angle.auth_comp_id_3             ASP 
_pdbx_validate_rmsd_angle.auth_seq_id_3              43 
_pdbx_validate_rmsd_angle.PDB_ins_code_3             ? 
_pdbx_validate_rmsd_angle.label_alt_id_3             B 
_pdbx_validate_rmsd_angle.angle_value                124.15 
_pdbx_validate_rmsd_angle.angle_target_value         118.30 
_pdbx_validate_rmsd_angle.angle_deviation            5.85 
_pdbx_validate_rmsd_angle.angle_standard_deviation   0.90 
_pdbx_validate_rmsd_angle.linker_flag                N 
# 
loop_
_pdbx_struct_special_symmetry.id 
_pdbx_struct_special_symmetry.PDB_model_num 
_pdbx_struct_special_symmetry.auth_asym_id 
_pdbx_struct_special_symmetry.auth_comp_id 
_pdbx_struct_special_symmetry.auth_seq_id 
_pdbx_struct_special_symmetry.PDB_ins_code 
_pdbx_struct_special_symmetry.label_asym_id 
_pdbx_struct_special_symmetry.label_comp_id 
_pdbx_struct_special_symmetry.label_seq_id 
1 1 B HOH 63  ? D HOH . 
2 1 B HOH 112 ? D HOH . 
# 
loop_
_chem_comp_atom.comp_id 
_chem_comp_atom.atom_id 
_chem_comp_atom.type_symbol 
_chem_comp_atom.pdbx_aromatic_flag 
_chem_comp_atom.pdbx_stereo_config 
_chem_comp_atom.pdbx_ordinal 
ALA N    N N N 1   
ALA CA   C N S 2   
ALA C    C N N 3   
ALA O    O N N 4   
ALA CB   C N N 5   
ALA OXT  O N N 6   
ALA H    H N N 7   
ALA H2   H N N 8   
ALA HA   H N N 9   
ALA HB1  H N N 10  
ALA HB2  H N N 11  
ALA HB3  H N N 12  
ALA HXT  H N N 13  
ARG N    N N N 14  
ARG CA   C N S 15  
ARG C    C N N 16  
ARG O    O N N 17  
ARG CB   C N N 18  
ARG CG   C N N 19  
ARG CD   C N N 20  
ARG NE   N N N 21  
ARG CZ   C N N 22  
ARG NH1  N N N 23  
ARG NH2  N N N 24  
ARG OXT  O N N 25  
ARG H    H N N 26  
ARG H2   H N N 27  
ARG HA   H N N 28  
ARG HB2  H N N 29  
ARG HB3  H N N 30  
ARG HG2  H N N 31  
ARG HG3  H N N 32  
ARG HD2  H N N 33  
ARG HD3  H N N 34  
ARG HE   H N N 35  
ARG HH11 H N N 36  
ARG HH12 H N N 37  
ARG HH21 H N N 38  
ARG HH22 H N N 39  
ARG HXT  H N N 40  
ASN N    N N N 41  
ASN CA   C N S 42  
ASN C    C N N 43  
ASN O    O N N 44  
ASN CB   C N N 45  
ASN CG   C N N 46  
ASN OD1  O N N 47  
ASN ND2  N N N 48  
ASN OXT  O N N 49  
ASN H    H N N 50  
ASN H2   H N N 51  
ASN HA   H N N 52  
ASN HB2  H N N 53  
ASN HB3  H N N 54  
ASN HD21 H N N 55  
ASN HD22 H N N 56  
ASN HXT  H N N 57  
ASP N    N N N 58  
ASP CA   C N S 59  
ASP C    C N N 60  
ASP O    O N N 61  
ASP CB   C N N 62  
ASP CG   C N N 63  
ASP OD1  O N N 64  
ASP OD2  O N N 65  
ASP OXT  O N N 66  
ASP H    H N N 67  
ASP H2   H N N 68  
ASP HA   H N N 69  
ASP HB2  H N N 70  
ASP HB3  H N N 71  
ASP HD2  H N N 72  
ASP HXT  H N N 73  
CYS N    N N N 74  
CYS CA   C N R 75  
CYS C    C N N 76  
CYS O    O N N 77  
CYS CB   C N N 78  
CYS SG   S N N 79  
CYS OXT  O N N 80  
CYS H    H N N 81  
CYS H2   H N N 82  
CYS HA   H N N 83  
CYS HB2  H N N 84  
CYS HB3  H N N 85  
CYS HG   H N N 86  
CYS HXT  H N N 87  
GLN N    N N N 88  
GLN CA   C N S 89  
GLN C    C N N 90  
GLN O    O N N 91  
GLN CB   C N N 92  
GLN CG   C N N 93  
GLN CD   C N N 94  
GLN OE1  O N N 95  
GLN NE2  N N N 96  
GLN OXT  O N N 97  
GLN H    H N N 98  
GLN H2   H N N 99  
GLN HA   H N N 100 
GLN HB2  H N N 101 
GLN HB3  H N N 102 
GLN HG2  H N N 103 
GLN HG3  H N N 104 
GLN HE21 H N N 105 
GLN HE22 H N N 106 
GLN HXT  H N N 107 
GLU N    N N N 108 
GLU CA   C N S 109 
GLU C    C N N 110 
GLU O    O N N 111 
GLU CB   C N N 112 
GLU CG   C N N 113 
GLU CD   C N N 114 
GLU OE1  O N N 115 
GLU OE2  O N N 116 
GLU OXT  O N N 117 
GLU H    H N N 118 
GLU H2   H N N 119 
GLU HA   H N N 120 
GLU HB2  H N N 121 
GLU HB3  H N N 122 
GLU HG2  H N N 123 
GLU HG3  H N N 124 
GLU HE2  H N N 125 
GLU HXT  H N N 126 
GLY N    N N N 127 
GLY CA   C N N 128 
GLY C    C N N 129 
GLY O    O N N 130 
GLY OXT  O N N 131 
GLY H    H N N 132 
GLY H2   H N N 133 
GLY HA2  H N N 134 
GLY HA3  H N N 135 
GLY HXT  H N N 136 
HOH O    O N N 137 
HOH H1   H N N 138 
HOH H2   H N N 139 
ILE N    N N N 140 
ILE CA   C N S 141 
ILE C    C N N 142 
ILE O    O N N 143 
ILE CB   C N S 144 
ILE CG1  C N N 145 
ILE CG2  C N N 146 
ILE CD1  C N N 147 
ILE OXT  O N N 148 
ILE H    H N N 149 
ILE H2   H N N 150 
ILE HA   H N N 151 
ILE HB   H N N 152 
ILE HG12 H N N 153 
ILE HG13 H N N 154 
ILE HG21 H N N 155 
ILE HG22 H N N 156 
ILE HG23 H N N 157 
ILE HD11 H N N 158 
ILE HD12 H N N 159 
ILE HD13 H N N 160 
ILE HXT  H N N 161 
LEU N    N N N 162 
LEU CA   C N S 163 
LEU C    C N N 164 
LEU O    O N N 165 
LEU CB   C N N 166 
LEU CG   C N N 167 
LEU CD1  C N N 168 
LEU CD2  C N N 169 
LEU OXT  O N N 170 
LEU H    H N N 171 
LEU H2   H N N 172 
LEU HA   H N N 173 
LEU HB2  H N N 174 
LEU HB3  H N N 175 
LEU HG   H N N 176 
LEU HD11 H N N 177 
LEU HD12 H N N 178 
LEU HD13 H N N 179 
LEU HD21 H N N 180 
LEU HD22 H N N 181 
LEU HD23 H N N 182 
LEU HXT  H N N 183 
LYS N    N N N 184 
LYS CA   C N S 185 
LYS C    C N N 186 
LYS O    O N N 187 
LYS CB   C N N 188 
LYS CG   C N N 189 
LYS CD   C N N 190 
LYS CE   C N N 191 
LYS NZ   N N N 192 
LYS OXT  O N N 193 
LYS H    H N N 194 
LYS H2   H N N 195 
LYS HA   H N N 196 
LYS HB2  H N N 197 
LYS HB3  H N N 198 
LYS HG2  H N N 199 
LYS HG3  H N N 200 
LYS HD2  H N N 201 
LYS HD3  H N N 202 
LYS HE2  H N N 203 
LYS HE3  H N N 204 
LYS HZ1  H N N 205 
LYS HZ2  H N N 206 
LYS HZ3  H N N 207 
LYS HXT  H N N 208 
MET N    N N N 209 
MET CA   C N S 210 
MET C    C N N 211 
MET O    O N N 212 
MET CB   C N N 213 
MET CG   C N N 214 
MET SD   S N N 215 
MET CE   C N N 216 
MET OXT  O N N 217 
MET H    H N N 218 
MET H2   H N N 219 
MET HA   H N N 220 
MET HB2  H N N 221 
MET HB3  H N N 222 
MET HG2  H N N 223 
MET HG3  H N N 224 
MET HE1  H N N 225 
MET HE2  H N N 226 
MET HE3  H N N 227 
MET HXT  H N N 228 
PHE N    N N N 229 
PHE CA   C N S 230 
PHE C    C N N 231 
PHE O    O N N 232 
PHE CB   C N N 233 
PHE CG   C Y N 234 
PHE CD1  C Y N 235 
PHE CD2  C Y N 236 
PHE CE1  C Y N 237 
PHE CE2  C Y N 238 
PHE CZ   C Y N 239 
PHE OXT  O N N 240 
PHE H    H N N 241 
PHE H2   H N N 242 
PHE HA   H N N 243 
PHE HB2  H N N 244 
PHE HB3  H N N 245 
PHE HD1  H N N 246 
PHE HD2  H N N 247 
PHE HE1  H N N 248 
PHE HE2  H N N 249 
PHE HZ   H N N 250 
PHE HXT  H N N 251 
PRO N    N N N 252 
PRO CA   C N S 253 
PRO C    C N N 254 
PRO O    O N N 255 
PRO CB   C N N 256 
PRO CG   C N N 257 
PRO CD   C N N 258 
PRO OXT  O N N 259 
PRO H    H N N 260 
PRO HA   H N N 261 
PRO HB2  H N N 262 
PRO HB3  H N N 263 
PRO HG2  H N N 264 
PRO HG3  H N N 265 
PRO HD2  H N N 266 
PRO HD3  H N N 267 
PRO HXT  H N N 268 
SER N    N N N 269 
SER CA   C N S 270 
SER C    C N N 271 
SER O    O N N 272 
SER CB   C N N 273 
SER OG   O N N 274 
SER OXT  O N N 275 
SER H    H N N 276 
SER H2   H N N 277 
SER HA   H N N 278 
SER HB2  H N N 279 
SER HB3  H N N 280 
SER HG   H N N 281 
SER HXT  H N N 282 
THR N    N N N 283 
THR CA   C N S 284 
THR C    C N N 285 
THR O    O N N 286 
THR CB   C N R 287 
THR OG1  O N N 288 
THR CG2  C N N 289 
THR OXT  O N N 290 
THR H    H N N 291 
THR H2   H N N 292 
THR HA   H N N 293 
THR HB   H N N 294 
THR HG1  H N N 295 
THR HG21 H N N 296 
THR HG22 H N N 297 
THR HG23 H N N 298 
THR HXT  H N N 299 
TYR N    N N N 300 
TYR CA   C N S 301 
TYR C    C N N 302 
TYR O    O N N 303 
TYR CB   C N N 304 
TYR CG   C Y N 305 
TYR CD1  C Y N 306 
TYR CD2  C Y N 307 
TYR CE1  C Y N 308 
TYR CE2  C Y N 309 
TYR CZ   C Y N 310 
TYR OH   O N N 311 
TYR OXT  O N N 312 
TYR H    H N N 313 
TYR H2   H N N 314 
TYR HA   H N N 315 
TYR HB2  H N N 316 
TYR HB3  H N N 317 
TYR HD1  H N N 318 
TYR HD2  H N N 319 
TYR HE1  H N N 320 
TYR HE2  H N N 321 
TYR HH   H N N 322 
TYR HXT  H N N 323 
VAL N    N N N 324 
VAL CA   C N S 325 
VAL C    C N N 326 
VAL O    O N N 327 
VAL CB   C N N 328 
VAL CG1  C N N 329 
VAL CG2  C N N 330 
VAL OXT  O N N 331 
VAL H    H N N 332 
VAL H2   H N N 333 
VAL HA   H N N 334 
VAL HB   H N N 335 
VAL HG11 H N N 336 
VAL HG12 H N N 337 
VAL HG13 H N N 338 
VAL HG21 H N N 339 
VAL HG22 H N N 340 
VAL HG23 H N N 341 
VAL HXT  H N N 342 
# 
loop_
_chem_comp_bond.comp_id 
_chem_comp_bond.atom_id_1 
_chem_comp_bond.atom_id_2 
_chem_comp_bond.value_order 
_chem_comp_bond.pdbx_aromatic_flag 
_chem_comp_bond.pdbx_stereo_config 
_chem_comp_bond.pdbx_ordinal 
ALA N   CA   sing N N 1   
ALA N   H    sing N N 2   
ALA N   H2   sing N N 3   
ALA CA  C    sing N N 4   
ALA CA  CB   sing N N 5   
ALA CA  HA   sing N N 6   
ALA C   O    doub N N 7   
ALA C   OXT  sing N N 8   
ALA CB  HB1  sing N N 9   
ALA CB  HB2  sing N N 10  
ALA CB  HB3  sing N N 11  
ALA OXT HXT  sing N N 12  
ARG N   CA   sing N N 13  
ARG N   H    sing N N 14  
ARG N   H2   sing N N 15  
ARG CA  C    sing N N 16  
ARG CA  CB   sing N N 17  
ARG CA  HA   sing N N 18  
ARG C   O    doub N N 19  
ARG C   OXT  sing N N 20  
ARG CB  CG   sing N N 21  
ARG CB  HB2  sing N N 22  
ARG CB  HB3  sing N N 23  
ARG CG  CD   sing N N 24  
ARG CG  HG2  sing N N 25  
ARG CG  HG3  sing N N 26  
ARG CD  NE   sing N N 27  
ARG CD  HD2  sing N N 28  
ARG CD  HD3  sing N N 29  
ARG NE  CZ   sing N N 30  
ARG NE  HE   sing N N 31  
ARG CZ  NH1  sing N N 32  
ARG CZ  NH2  doub N N 33  
ARG NH1 HH11 sing N N 34  
ARG NH1 HH12 sing N N 35  
ARG NH2 HH21 sing N N 36  
ARG NH2 HH22 sing N N 37  
ARG OXT HXT  sing N N 38  
ASN N   CA   sing N N 39  
ASN N   H    sing N N 40  
ASN N   H2   sing N N 41  
ASN CA  C    sing N N 42  
ASN CA  CB   sing N N 43  
ASN CA  HA   sing N N 44  
ASN C   O    doub N N 45  
ASN C   OXT  sing N N 46  
ASN CB  CG   sing N N 47  
ASN CB  HB2  sing N N 48  
ASN CB  HB3  sing N N 49  
ASN CG  OD1  doub N N 50  
ASN CG  ND2  sing N N 51  
ASN ND2 HD21 sing N N 52  
ASN ND2 HD22 sing N N 53  
ASN OXT HXT  sing N N 54  
ASP N   CA   sing N N 55  
ASP N   H    sing N N 56  
ASP N   H2   sing N N 57  
ASP CA  C    sing N N 58  
ASP CA  CB   sing N N 59  
ASP CA  HA   sing N N 60  
ASP C   O    doub N N 61  
ASP C   OXT  sing N N 62  
ASP CB  CG   sing N N 63  
ASP CB  HB2  sing N N 64  
ASP CB  HB3  sing N N 65  
ASP CG  OD1  doub N N 66  
ASP CG  OD2  sing N N 67  
ASP OD2 HD2  sing N N 68  
ASP OXT HXT  sing N N 69  
CYS N   CA   sing N N 70  
CYS N   H    sing N N 71  
CYS N   H2   sing N N 72  
CYS CA  C    sing N N 73  
CYS CA  CB   sing N N 74  
CYS CA  HA   sing N N 75  
CYS C   O    doub N N 76  
CYS C   OXT  sing N N 77  
CYS CB  SG   sing N N 78  
CYS CB  HB2  sing N N 79  
CYS CB  HB3  sing N N 80  
CYS SG  HG   sing N N 81  
CYS OXT HXT  sing N N 82  
GLN N   CA   sing N N 83  
GLN N   H    sing N N 84  
GLN N   H2   sing N N 85  
GLN CA  C    sing N N 86  
GLN CA  CB   sing N N 87  
GLN CA  HA   sing N N 88  
GLN C   O    doub N N 89  
GLN C   OXT  sing N N 90  
GLN CB  CG   sing N N 91  
GLN CB  HB2  sing N N 92  
GLN CB  HB3  sing N N 93  
GLN CG  CD   sing N N 94  
GLN CG  HG2  sing N N 95  
GLN CG  HG3  sing N N 96  
GLN CD  OE1  doub N N 97  
GLN CD  NE2  sing N N 98  
GLN NE2 HE21 sing N N 99  
GLN NE2 HE22 sing N N 100 
GLN OXT HXT  sing N N 101 
GLU N   CA   sing N N 102 
GLU N   H    sing N N 103 
GLU N   H2   sing N N 104 
GLU CA  C    sing N N 105 
GLU CA  CB   sing N N 106 
GLU CA  HA   sing N N 107 
GLU C   O    doub N N 108 
GLU C   OXT  sing N N 109 
GLU CB  CG   sing N N 110 
GLU CB  HB2  sing N N 111 
GLU CB  HB3  sing N N 112 
GLU CG  CD   sing N N 113 
GLU CG  HG2  sing N N 114 
GLU CG  HG3  sing N N 115 
GLU CD  OE1  doub N N 116 
GLU CD  OE2  sing N N 117 
GLU OE2 HE2  sing N N 118 
GLU OXT HXT  sing N N 119 
GLY N   CA   sing N N 120 
GLY N   H    sing N N 121 
GLY N   H2   sing N N 122 
GLY CA  C    sing N N 123 
GLY CA  HA2  sing N N 124 
GLY CA  HA3  sing N N 125 
GLY C   O    doub N N 126 
GLY C   OXT  sing N N 127 
GLY OXT HXT  sing N N 128 
HOH O   H1   sing N N 129 
HOH O   H2   sing N N 130 
ILE N   CA   sing N N 131 
ILE N   H    sing N N 132 
ILE N   H2   sing N N 133 
ILE CA  C    sing N N 134 
ILE CA  CB   sing N N 135 
ILE CA  HA   sing N N 136 
ILE C   O    doub N N 137 
ILE C   OXT  sing N N 138 
ILE CB  CG1  sing N N 139 
ILE CB  CG2  sing N N 140 
ILE CB  HB   sing N N 141 
ILE CG1 CD1  sing N N 142 
ILE CG1 HG12 sing N N 143 
ILE CG1 HG13 sing N N 144 
ILE CG2 HG21 sing N N 145 
ILE CG2 HG22 sing N N 146 
ILE CG2 HG23 sing N N 147 
ILE CD1 HD11 sing N N 148 
ILE CD1 HD12 sing N N 149 
ILE CD1 HD13 sing N N 150 
ILE OXT HXT  sing N N 151 
LEU N   CA   sing N N 152 
LEU N   H    sing N N 153 
LEU N   H2   sing N N 154 
LEU CA  C    sing N N 155 
LEU CA  CB   sing N N 156 
LEU CA  HA   sing N N 157 
LEU C   O    doub N N 158 
LEU C   OXT  sing N N 159 
LEU CB  CG   sing N N 160 
LEU CB  HB2  sing N N 161 
LEU CB  HB3  sing N N 162 
LEU CG  CD1  sing N N 163 
LEU CG  CD2  sing N N 164 
LEU CG  HG   sing N N 165 
LEU CD1 HD11 sing N N 166 
LEU CD1 HD12 sing N N 167 
LEU CD1 HD13 sing N N 168 
LEU CD2 HD21 sing N N 169 
LEU CD2 HD22 sing N N 170 
LEU CD2 HD23 sing N N 171 
LEU OXT HXT  sing N N 172 
LYS N   CA   sing N N 173 
LYS N   H    sing N N 174 
LYS N   H2   sing N N 175 
LYS CA  C    sing N N 176 
LYS CA  CB   sing N N 177 
LYS CA  HA   sing N N 178 
LYS C   O    doub N N 179 
LYS C   OXT  sing N N 180 
LYS CB  CG   sing N N 181 
LYS CB  HB2  sing N N 182 
LYS CB  HB3  sing N N 183 
LYS CG  CD   sing N N 184 
LYS CG  HG2  sing N N 185 
LYS CG  HG3  sing N N 186 
LYS CD  CE   sing N N 187 
LYS CD  HD2  sing N N 188 
LYS CD  HD3  sing N N 189 
LYS CE  NZ   sing N N 190 
LYS CE  HE2  sing N N 191 
LYS CE  HE3  sing N N 192 
LYS NZ  HZ1  sing N N 193 
LYS NZ  HZ2  sing N N 194 
LYS NZ  HZ3  sing N N 195 
LYS OXT HXT  sing N N 196 
MET N   CA   sing N N 197 
MET N   H    sing N N 198 
MET N   H2   sing N N 199 
MET CA  C    sing N N 200 
MET CA  CB   sing N N 201 
MET CA  HA   sing N N 202 
MET C   O    doub N N 203 
MET C   OXT  sing N N 204 
MET CB  CG   sing N N 205 
MET CB  HB2  sing N N 206 
MET CB  HB3  sing N N 207 
MET CG  SD   sing N N 208 
MET CG  HG2  sing N N 209 
MET CG  HG3  sing N N 210 
MET SD  CE   sing N N 211 
MET CE  HE1  sing N N 212 
MET CE  HE2  sing N N 213 
MET CE  HE3  sing N N 214 
MET OXT HXT  sing N N 215 
PHE N   CA   sing N N 216 
PHE N   H    sing N N 217 
PHE N   H2   sing N N 218 
PHE CA  C    sing N N 219 
PHE CA  CB   sing N N 220 
PHE CA  HA   sing N N 221 
PHE C   O    doub N N 222 
PHE C   OXT  sing N N 223 
PHE CB  CG   sing N N 224 
PHE CB  HB2  sing N N 225 
PHE CB  HB3  sing N N 226 
PHE CG  CD1  doub Y N 227 
PHE CG  CD2  sing Y N 228 
PHE CD1 CE1  sing Y N 229 
PHE CD1 HD1  sing N N 230 
PHE CD2 CE2  doub Y N 231 
PHE CD2 HD2  sing N N 232 
PHE CE1 CZ   doub Y N 233 
PHE CE1 HE1  sing N N 234 
PHE CE2 CZ   sing Y N 235 
PHE CE2 HE2  sing N N 236 
PHE CZ  HZ   sing N N 237 
PHE OXT HXT  sing N N 238 
PRO N   CA   sing N N 239 
PRO N   CD   sing N N 240 
PRO N   H    sing N N 241 
PRO CA  C    sing N N 242 
PRO CA  CB   sing N N 243 
PRO CA  HA   sing N N 244 
PRO C   O    doub N N 245 
PRO C   OXT  sing N N 246 
PRO CB  CG   sing N N 247 
PRO CB  HB2  sing N N 248 
PRO CB  HB3  sing N N 249 
PRO CG  CD   sing N N 250 
PRO CG  HG2  sing N N 251 
PRO CG  HG3  sing N N 252 
PRO CD  HD2  sing N N 253 
PRO CD  HD3  sing N N 254 
PRO OXT HXT  sing N N 255 
SER N   CA   sing N N 256 
SER N   H    sing N N 257 
SER N   H2   sing N N 258 
SER CA  C    sing N N 259 
SER CA  CB   sing N N 260 
SER CA  HA   sing N N 261 
SER C   O    doub N N 262 
SER C   OXT  sing N N 263 
SER CB  OG   sing N N 264 
SER CB  HB2  sing N N 265 
SER CB  HB3  sing N N 266 
SER OG  HG   sing N N 267 
SER OXT HXT  sing N N 268 
THR N   CA   sing N N 269 
THR N   H    sing N N 270 
THR N   H2   sing N N 271 
THR CA  C    sing N N 272 
THR CA  CB   sing N N 273 
THR CA  HA   sing N N 274 
THR C   O    doub N N 275 
THR C   OXT  sing N N 276 
THR CB  OG1  sing N N 277 
THR CB  CG2  sing N N 278 
THR CB  HB   sing N N 279 
THR OG1 HG1  sing N N 280 
THR CG2 HG21 sing N N 281 
THR CG2 HG22 sing N N 282 
THR CG2 HG23 sing N N 283 
THR OXT HXT  sing N N 284 
TYR N   CA   sing N N 285 
TYR N   H    sing N N 286 
TYR N   H2   sing N N 287 
TYR CA  C    sing N N 288 
TYR CA  CB   sing N N 289 
TYR CA  HA   sing N N 290 
TYR C   O    doub N N 291 
TYR C   OXT  sing N N 292 
TYR CB  CG   sing N N 293 
TYR CB  HB2  sing N N 294 
TYR CB  HB3  sing N N 295 
TYR CG  CD1  doub Y N 296 
TYR CG  CD2  sing Y N 297 
TYR CD1 CE1  sing Y N 298 
TYR CD1 HD1  sing N N 299 
TYR CD2 CE2  doub Y N 300 
TYR CD2 HD2  sing N N 301 
TYR CE1 CZ   doub Y N 302 
TYR CE1 HE1  sing N N 303 
TYR CE2 CZ   sing Y N 304 
TYR CE2 HE2  sing N N 305 
TYR CZ  OH   sing N N 306 
TYR OH  HH   sing N N 307 
TYR OXT HXT  sing N N 308 
VAL N   CA   sing N N 309 
VAL N   H    sing N N 310 
VAL N   H2   sing N N 311 
VAL CA  C    sing N N 312 
VAL CA  CB   sing N N 313 
VAL CA  HA   sing N N 314 
VAL C   O    doub N N 315 
VAL C   OXT  sing N N 316 
VAL CB  CG1  sing N N 317 
VAL CB  CG2  sing N N 318 
VAL CB  HB   sing N N 319 
VAL CG1 HG11 sing N N 320 
VAL CG1 HG12 sing N N 321 
VAL CG1 HG13 sing N N 322 
VAL CG2 HG21 sing N N 323 
VAL CG2 HG22 sing N N 324 
VAL CG2 HG23 sing N N 325 
VAL OXT HXT  sing N N 326 
# 
_atom_sites.entry_id                    1TGR 
_atom_sites.fract_transf_matrix[1][1]   0.00542844 
_atom_sites.fract_transf_matrix[1][2]   -0.01297634 
_atom_sites.fract_transf_matrix[1][3]   0.00952747 
_atom_sites.fract_transf_matrix[2][1]   0.01527662 
_atom_sites.fract_transf_matrix[2][2]   0.00376563 
_atom_sites.fract_transf_matrix[2][3]   -0.00357537 
_atom_sites.fract_transf_matrix[3][1]   0.00054180 
_atom_sites.fract_transf_matrix[3][2]   0.00849702 
_atom_sites.fract_transf_matrix[3][3]   0.01126417 
_atom_sites.fract_transf_vector[1]      0.245277 
_atom_sites.fract_transf_vector[2]      0.251348 
_atom_sites.fract_transf_vector[3]      0.271490 
# 
loop_
_atom_type.symbol 
C 
N 
O 
S 
# 
loop_
_atom_site.group_PDB 
_atom_site.id 
_atom_site.type_symbol 
_atom_site.label_atom_id 
_atom_site.label_alt_id 
_atom_site.label_comp_id 
_atom_site.label_asym_id 
_atom_site.label_entity_id 
_atom_site.label_seq_id 
_atom_site.pdbx_PDB_ins_code 
_atom_site.Cartn_x 
_atom_site.Cartn_y 
_atom_site.Cartn_z 
_atom_site.occupancy 
_atom_site.B_iso_or_equiv 
_atom_site.pdbx_formal_charge 
_atom_site.auth_seq_id 
_atom_site.auth_comp_id 
_atom_site.auth_asym_id 
_atom_site.auth_atom_id 
_atom_site.pdbx_PDB_model_num 
ATOM   1    N N   . GLY A 1 1  ? 5.720   -10.162 -14.281 1.00 33.67 ? 1   GLY A N   1 
ATOM   2    C CA  . GLY A 1 1  ? 4.663   -11.118 -14.736 1.00 33.22 ? 1   GLY A CA  1 
ATOM   3    C C   . GLY A 1 1  ? 3.500   -10.363 -15.354 0.50 32.54 ? 1   GLY A C   1 
ATOM   4    O O   . GLY A 1 1  ? 3.542   -9.135  -15.417 1.00 33.24 ? 1   GLY A O   1 
ATOM   5    N N   . PRO A 1 2  ? 2.471   -11.076 -15.815 0.50 31.73 ? 2   PRO A N   1 
ATOM   6    C CA  . PRO A 1 2  ? 1.321   -10.436 -16.467 1.00 31.08 ? 2   PRO A CA  1 
ATOM   7    C C   . PRO A 1 2  ? 0.543   -9.422  -15.618 1.00 30.26 ? 2   PRO A C   1 
ATOM   8    O O   . PRO A 1 2  ? -0.089  -8.569  -16.210 1.00 29.81 ? 2   PRO A O   1 
ATOM   9    C CB  . PRO A 1 2  ? 0.413   -11.624 -16.828 1.00 31.22 ? 2   PRO A CB  1 
ATOM   10   C CG  . PRO A 1 2  ? 1.339   -12.798 -16.885 1.00 31.90 ? 2   PRO A CG  1 
ATOM   11   C CD  . PRO A 1 2  ? 2.328   -12.543 -15.783 1.00 31.66 ? 2   PRO A CD  1 
ATOM   12   N N   . GLU A 1 3  ? 0.562   -9.519  -14.291 1.00 30.04 ? 3   GLU A N   1 
ATOM   13   C CA  . GLU A 1 3  ? -0.255  -8.642  -13.454 1.00 29.98 ? 3   GLU A CA  1 
ATOM   14   C C   . GLU A 1 3  ? 0.572   -7.596  -12.715 1.00 29.45 ? 3   GLU A C   1 
ATOM   15   O O   . GLU A 1 3  ? 0.042   -6.849  -11.903 1.00 29.53 ? 3   GLU A O   1 
ATOM   16   C CB  . GLU A 1 3  ? -1.066  -9.483  -12.454 0.50 30.59 ? 3   GLU A CB  1 
ATOM   17   C CG  . GLU A 1 3  ? -1.843  -10.621 -13.105 1.00 32.72 ? 3   GLU A CG  1 
ATOM   18   C CD  . GLU A 1 3  ? -3.150  -10.955 -12.403 1.00 35.59 ? 3   GLU A CD  1 
ATOM   19   O OE1 . GLU A 1 3  ? -3.150  -11.036 -11.160 1.00 37.50 ? 3   GLU A OE1 1 
ATOM   20   O OE2 . GLU A 1 3  ? -4.179  -11.143 -13.096 0.60 36.20 ? 3   GLU A OE2 1 
ATOM   21   N N   . THR A 1 4  ? 1.870   -7.541  -12.987 0.50 27.88 ? 4   THR A N   1 
ATOM   22   C CA  . THR A 1 4  ? 2.754   -6.621  -12.276 1.00 27.54 ? 4   THR A CA  1 
ATOM   23   C C   . THR A 1 4  ? 2.356   -5.189  -12.543 1.00 26.63 ? 4   THR A C   1 
ATOM   24   O O   . THR A 1 4  ? 2.287   -4.375  -11.611 1.00 27.11 ? 4   THR A O   1 
ATOM   25   C CB  . THR A 1 4  ? 4.219   -6.849  -12.682 0.50 27.61 ? 4   THR A CB  1 
ATOM   26   O OG1 . THR A 1 4  ? 4.584   -8.200  -12.373 0.50 26.57 ? 4   THR A OG1 1 
ATOM   27   C CG2 . THR A 1 4  ? 5.156   -6.009  -11.826 1.00 29.12 ? 4   THR A CG2 1 
ATOM   28   N N   . LEU A 1 5  ? 2.082   -4.864  -13.796 1.00 26.11 ? 5   LEU A N   1 
ATOM   29   C CA  . LEU A 1 5  ? 1.644   -3.521  -14.113 1.00 26.25 ? 5   LEU A CA  1 
ATOM   30   C C   . LEU A 1 5  ? 0.274   -3.252  -13.468 1.00 24.68 ? 5   LEU A C   1 
ATOM   31   O O   . LEU A 1 5  ? 0.001   -2.129  -13.099 1.00 24.30 ? 5   LEU A O   1 
ATOM   32   C CB  . LEU A 1 5  ? 1.617   -3.269  -15.619 1.00 27.29 ? 5   LEU A CB  1 
ATOM   33   C CG  . LEU A 1 5  ? 2.975   -3.217  -16.337 0.50 28.17 ? 5   LEU A CG  1 
ATOM   34   C CD1 . LEU A 1 5  ? 2.735   -2.914  -17.807 0.50 29.58 ? 5   LEU A CD1 1 
ATOM   35   C CD2 . LEU A 1 5  ? 3.957   -2.195  -15.719 0.50 27.89 ? 5   LEU A CD2 1 
ATOM   36   N N   . CYS A 1 6  ? -0.569  -4.269  -13.318 1.00 23.48 ? 6   CYS A N   1 
ATOM   37   C CA  . CYS A 1 6  ? -1.849  -4.071  -12.623 1.00 22.02 ? 6   CYS A CA  1 
ATOM   38   C C   . CYS A 1 6  ? -1.696  -3.740  -11.142 1.00 20.43 ? 6   CYS A C   1 
ATOM   39   O O   . CYS A 1 6  ? -2.438  -2.878  -10.624 1.00 18.77 ? 6   CYS A O   1 
ATOM   40   C CB  . CYS A 1 6  ? -2.750  -5.287  -12.800 1.00 21.61 ? 6   CYS A CB  1 
ATOM   41   S SG  . CYS A 1 6  ? -3.478  -5.415  -14.450 1.00 22.08 ? 6   CYS A SG  1 
ATOM   42   N N   . GLY A 1 7  ? -0.757  -4.368  -10.449 1.00 19.63 ? 7   GLY A N   1 
ATOM   43   C CA  . GLY A 1 7  ? -0.471  -4.047  -9.062  1.00 19.16 ? 7   GLY A CA  1 
ATOM   44   C C   . GLY A 1 7  ? -0.014  -2.596  -8.914  1.00 19.41 ? 7   GLY A C   1 
ATOM   45   O O   . GLY A 1 7  ? -0.462  -1.885  -8.000  1.00 19.45 ? 7   GLY A O   1 
ATOM   46   N N   . ALA A 1 8  ? 0.870   -2.157  -9.810  1.00 19.38 ? 8   ALA A N   1 
ATOM   47   C CA  . ALA A 1 8  ? 1.359   -0.791  -9.817  1.00 19.74 ? 8   ALA A CA  1 
ATOM   48   C C   . ALA A 1 8  ? 0.235   0.176   -10.102 1.00 19.53 ? 8   ALA A C   1 
ATOM   49   O O   . ALA A 1 8  ? 0.160   1.227   -9.460  1.00 20.71 ? 8   ALA A O   1 
ATOM   50   C CB  . ALA A 1 8  ? 2.497   -0.600  -10.848 1.00 20.35 ? 8   ALA A CB  1 
ATOM   51   N N   . GLU A 1 9  ? -0.632  -0.152  -11.052 1.00 18.64 ? 9   GLU A N   1 
ATOM   52   C CA  . GLU A 1 9  ? -1.761  0.688   -11.416 1.00 18.39 ? 9   GLU A CA  1 
ATOM   53   C C   . GLU A 1 9  ? -2.664  0.901   -10.201 1.00 16.55 ? 9   GLU A C   1 
ATOM   54   O O   . GLU A 1 9  ? -3.107  2.017   -9.968  1.00 16.54 ? 9   GLU A O   1 
ATOM   55   C CB  . GLU A 1 9  ? -2.553  0.107   -12.605 1.00 19.25 ? 9   GLU A CB  1 
ATOM   56   C CG  . GLU A 1 9  ? -3.676  0.985   -13.142 1.00 21.59 ? 9   GLU A CG  1 
ATOM   57   C CD  . GLU A 1 9  ? -4.488  0.331   -14.254 1.00 25.44 ? 9   GLU A CD  1 
ATOM   58   O OE1 . GLU A 1 9  ? -5.149  -0.699  -14.009 1.00 27.76 ? 9   GLU A OE1 1 
ATOM   59   O OE2 . GLU A 1 9  ? -4.448  0.830   -15.403 1.00 28.47 ? 9   GLU A OE2 1 
ATOM   60   N N   . LEU A 1 10 ? -2.962  -0.154  -9.447  1.00 15.19 ? 10  LEU A N   1 
ATOM   61   C CA  . LEU A 1 10 ? -3.859  -0.055  -8.292  1.00 13.95 ? 10  LEU A CA  1 
ATOM   62   C C   . LEU A 1 10 ? -3.290  0.904   -7.266  1.00 13.73 ? 10  LEU A C   1 
ATOM   63   O O   . LEU A 1 10 ? -3.976  1.794   -6.811  1.00 13.39 ? 10  LEU A O   1 
ATOM   64   C CB  . LEU A 1 10 ? -4.079  -1.437  -7.656  1.00 13.25 ? 10  LEU A CB  1 
ATOM   65   C CG  . LEU A 1 10 ? -4.852  -1.443  -6.341  1.00 13.70 ? 10  LEU A CG  1 
ATOM   66   C CD1 . LEU A 1 10 ? -6.222  -0.820  -6.522  1.00 14.56 ? 10  LEU A CD1 1 
ATOM   67   C CD2 . LEU A 1 10 ? -5.010  -2.847  -5.782  1.00 13.99 ? 10  LEU A CD2 1 
ATOM   68   N N   . VAL A 1 11 ? -2.021  0.745   -6.902  1.00 13.94 ? 11  VAL A N   1 
ATOM   69   C CA  . VAL A 1 11 ? -1.421  1.592   -5.869  1.00 14.64 ? 11  VAL A CA  1 
ATOM   70   C C   . VAL A 1 11 ? -1.271  3.032   -6.384  1.00 14.16 ? 11  VAL A C   1 
ATOM   71   O O   . VAL A 1 11 ? -1.525  3.992   -5.656  1.00 14.42 ? 11  VAL A O   1 
ATOM   72   C CB  . VAL A 1 11 ? -0.076  1.016   -5.352  1.00 15.41 ? 11  VAL A CB  1 
ATOM   73   C CG1 . VAL A 1 11 ? 0.719   2.048   -4.543  1.00 18.54 ? 11  VAL A CG1 1 
ATOM   74   C CG2 . VAL A 1 11 ? -0.350  -0.270  -4.566  1.00 17.58 ? 11  VAL A CG2 1 
ATOM   75   N N   . ASP A 1 12 ? -0.907  3.207   -7.642  1.00 13.07 ? 12  ASP A N   1 
ATOM   76   C CA  . ASP A 1 12 ? -0.802  4.554   -8.209  1.00 14.11 ? 12  ASP A CA  1 
ATOM   77   C C   . ASP A 1 12 ? -2.197  5.219   -8.226  1.00 13.77 ? 12  ASP A C   1 
ATOM   78   O O   . ASP A 1 12 ? -2.317  6.422   -7.954  1.00 13.47 ? 12  ASP A O   1 
ATOM   79   C CB  . ASP A 1 12 ? -0.258  4.558   -9.621  1.00 14.92 ? 12  ASP A CB  1 
ATOM   80   C CG  . ASP A 1 12 ? 1.203   4.206   -9.728  1.00 18.60 ? 12  ASP A CG  1 
ATOM   81   O OD1 . ASP A 1 12 ? 1.936   4.259   -8.725  1.00 22.66 ? 12  ASP A OD1 1 
ATOM   82   O OD2 . ASP A 1 12 ? 1.648   3.843   -10.841 1.00 24.14 ? 12  ASP A OD2 1 
ATOM   83   N N   . ALA A 1 13 ? -3.247  4.452   -8.537  1.00 13.73 ? 13  ALA A N   1 
ATOM   84   C CA  . ALA A 1 13 ? -4.590  5.000   -8.558  1.00 13.44 ? 13  ALA A CA  1 
ATOM   85   C C   . ALA A 1 13 ? -5.080  5.377   -7.156  1.00 13.01 ? 13  ALA A C   1 
ATOM   86   O O   . ALA A 1 13 ? -5.677  6.425   -6.950  1.00 12.17 ? 13  ALA A O   1 
ATOM   87   C CB  . ALA A 1 13 ? -5.556  4.021   -9.226  1.00 13.86 ? 13  ALA A CB  1 
ATOM   88   N N   . LEU A 1 14 ? -4.808  4.540   -6.170  1.00 12.66 ? 14  LEU A N   1 
ATOM   89   C CA  . LEU A 1 14 ? -5.146  4.886   -4.792  1.00 12.82 ? 14  LEU A CA  1 
ATOM   90   C C   . LEU A 1 14 ? -4.496  6.206   -4.385  1.00 13.36 ? 14  LEU A C   1 
ATOM   91   O O   . LEU A 1 14 ? -5.146  7.079   -3.784  1.00 14.41 ? 14  LEU A O   1 
ATOM   92   C CB  . LEU A 1 14 ? -4.702  3.778   -3.838  1.00 12.78 ? 14  LEU A CB  1 
ATOM   93   C CG  . LEU A 1 14 ? -5.649  2.563   -3.806  1.00 13.35 ? 14  LEU A CG  1 
ATOM   94   C CD1 . LEU A 1 14 ? -4.930  1.341   -3.279  1.00 14.05 ? 14  LEU A CD1 1 
ATOM   95   C CD2 . LEU A 1 14 ? -6.861  2.845   -2.962  1.00 14.72 ? 14  LEU A CD2 1 
ATOM   96   N N   . GLN A 1 15 ? -3.216  6.336   -4.694  1.00 12.93 ? 15  GLN A N   1 
ATOM   97   C CA  . GLN A 1 15 ? -2.491  7.556   -4.335  1.00 14.05 ? 15  GLN A CA  1 
ATOM   98   C C   . GLN A 1 15 ? -3.062  8.772   -5.064  1.00 14.09 ? 15  GLN A C   1 
ATOM   99   O O   . GLN A 1 15 ? -3.234  9.854   -4.495  1.00 14.14 ? 15  GLN A O   1 
ATOM   100  C CB  . GLN A 1 15 ? -1.000  7.381   -4.606  1.00 15.08 ? 15  GLN A CB  1 
ATOM   101  C CG  . GLN A 1 15 ? -0.162  8.592   -4.264  1.00 16.93 ? 15  GLN A CG  1 
ATOM   102  C CD  . GLN A 1 15 ? -0.133  8.876   -2.806  1.00 17.98 ? 15  GLN A CD  1 
ATOM   103  O OE1 . GLN A 1 15 ? -0.029  7.960   -2.007  1.00 20.78 ? 15  GLN A OE1 1 
ATOM   104  N NE2 . GLN A 1 15 ? -0.233  10.165  -2.448  1.00 22.03 ? 15  GLN A NE2 1 
ATOM   105  N N   . PHE A 1 16 ? -3.361  8.602   -6.339  1.00 13.45 ? 16  PHE A N   1 
ATOM   106  C CA  . PHE A 1 16 ? -3.910  9.705   -7.149  1.00 13.02 ? 16  PHE A CA  1 
ATOM   107  C C   . PHE A 1 16 ? -5.286  10.158  -6.634  1.00 13.44 ? 16  PHE A C   1 
ATOM   108  O O   . PHE A 1 16 ? -5.555  11.358  -6.464  1.00 13.91 ? 16  PHE A O   1 
ATOM   109  C CB  . PHE A 1 16 ? -4.002  9.276   -8.621  1.00 13.27 ? 16  PHE A CB  1 
ATOM   110  C CG  . PHE A 1 16 ? -4.492  10.354  -9.539  1.00 13.93 ? 16  PHE A CG  1 
ATOM   111  C CD1 . PHE A 1 16 ? -3.606  11.322  -10.008 1.00 16.13 ? 16  PHE A CD1 1 
ATOM   112  C CD2 . PHE A 1 16 ? -5.812  10.429  -9.896  1.00 16.61 ? 16  PHE A CD2 1 
ATOM   113  C CE1 . PHE A 1 16 ? -4.053  12.331  -10.817 1.00 17.46 ? 16  PHE A CE1 1 
ATOM   114  C CE2 . PHE A 1 16 ? -6.260  11.460  -10.710 1.00 16.93 ? 16  PHE A CE2 1 
ATOM   115  C CZ  . PHE A 1 16 ? -5.385  12.378  -11.174 1.00 16.88 ? 16  PHE A CZ  1 
ATOM   116  N N   . VAL A 1 17 ? -6.181  9.208   -6.425  1.00 12.35 ? 17  VAL A N   1 
ATOM   117  C CA  . VAL A 1 17 ? -7.551  9.492   -6.031  1.00 12.97 ? 17  VAL A CA  1 
ATOM   118  C C   . VAL A 1 17 ? -7.568  10.095  -4.615  1.00 13.21 ? 17  VAL A C   1 
ATOM   119  O O   . VAL A 1 17 ? -8.274  11.066  -4.331  1.00 14.36 ? 17  VAL A O   1 
ATOM   120  C CB  . VAL A 1 17 ? -8.412  8.212   -6.065  1.00 13.73 ? 17  VAL A CB  1 
ATOM   121  C CG1 . VAL A 1 17 ? -9.778  8.410   -5.377  1.00 14.13 ? 17  VAL A CG1 1 
ATOM   122  C CG2 . VAL A 1 17 ? -8.629  7.765   -7.470  1.00 13.07 ? 17  VAL A CG2 1 
ATOM   123  N N   . CYS A 1 18 ? -6.792  9.517   -3.699  1.00 14.14 ? 18  CYS A N   1 
ATOM   124  C CA  . CYS A 1 18 ? -6.877  9.914   -2.276  1.00 15.26 ? 18  CYS A CA  1 
ATOM   125  C C   . CYS A 1 18 ? -5.973  11.109  -1.953  1.00 17.54 ? 18  CYS A C   1 
ATOM   126  O O   . CYS A 1 18 ? -6.237  11.832  -0.984  1.00 18.05 ? 18  CYS A O   1 
ATOM   127  C CB  . CYS A 1 18 ? -6.569  8.716   -1.395  1.00 14.76 ? 18  CYS A CB  1 
ATOM   128  S SG  . CYS A 1 18 ? -7.773  7.375   -1.633  1.00 13.96 ? 18  CYS A SG  1 
ATOM   129  N N   . GLY A 1 19 ? -4.931  11.323  -2.740  1.00 18.94 ? 19  GLY A N   1 
ATOM   130  C CA  . GLY A 1 19 ? -4.044  12.481  -2.568  1.00 20.63 ? 19  GLY A CA  1 
ATOM   131  C C   . GLY A 1 19 ? -3.477  12.582  -1.172  1.00 22.30 ? 19  GLY A C   1 
ATOM   132  O O   . GLY A 1 19 ? -2.912  11.635  -0.641  1.00 22.88 ? 19  GLY A O   1 
ATOM   133  N N   . ASP A 1 20 ? -3.650  13.752  -0.560  1.00 23.17 ? 20  ASP A N   1 
ATOM   134  C CA  . ASP A 1 20 ? -3.032  14.027  0.746   1.00 23.62 ? 20  ASP A CA  1 
ATOM   135  C C   . ASP A 1 20 ? -3.789  13.396  1.899   1.00 22.44 ? 20  ASP A C   1 
ATOM   136  O O   . ASP A 1 20 ? -3.334  13.411  3.055   1.00 23.23 ? 20  ASP A O   1 
ATOM   137  C CB  . ASP A 1 20 ? -2.895  15.546  0.968   1.00 24.55 ? 20  ASP A CB  1 
ATOM   138  C CG  . ASP A 1 20 ? -1.993  16.205  -0.055  1.00 27.94 ? 20  ASP A CG  1 
ATOM   139  O OD1 . ASP A 1 20 ? -0.901  15.660  -0.336  1.00 34.39 ? 20  ASP A OD1 1 
ATOM   140  O OD2 . ASP A 1 20 ? -2.291  17.279  -0.634  0.50 32.04 ? 20  ASP A OD2 1 
ATOM   141  N N   . ARG A 1 21 ? -4.945  12.795  1.610   1.00 20.16 ? 21  ARG A N   1 
ATOM   142  C CA  . ARG A 1 21 ? -5.722  12.122  2.624   1.00 19.39 ? 21  ARG A CA  1 
ATOM   143  C C   . ARG A 1 21 ? -5.104  10.828  3.132   1.00 18.43 ? 21  ARG A C   1 
ATOM   144  O O   . ARG A 1 21 ? -5.328  10.473  4.289   1.00 19.12 ? 21  ARG A O   1 
ATOM   145  C CB  . ARG A 1 21 ? -7.122  11.811  2.089   1.00 19.95 ? 21  ARG A CB  1 
ATOM   146  C CG  . ARG A 1 21 ? -7.944  13.043  1.826   1.00 20.45 ? 21  ARG A CG  1 
ATOM   147  C CD  . ARG A 1 21 ? -9.317  12.700  1.325   1.00 20.75 ? 21  ARG A CD  1 
ATOM   148  N NE  . ARG A 1 21 ? -9.325  12.404  -0.104  1.00 20.69 ? 21  ARG A NE  1 
ATOM   149  C CZ  . ARG A 1 21 ? -10.368 11.883  -0.764  1.00 19.38 ? 21  ARG A CZ  1 
ATOM   150  N NH1 . ARG A 1 21 ? -11.481 11.566  -0.115  1.00 19.83 ? 21  ARG A NH1 1 
ATOM   151  N NH2 . ARG A 1 21 ? -10.291 11.690  -2.077  1.00 17.57 ? 21  ARG A NH2 1 
ATOM   152  N N   . GLY A 1 22 ? -4.331  10.132  2.277   1.00 17.90 ? 22  GLY A N   1 
ATOM   153  C CA  . GLY A 1 22 ? -3.913  8.781   2.573   1.00 17.96 ? 22  GLY A CA  1 
ATOM   154  C C   . GLY A 1 22 ? -5.044  7.809   2.300   1.00 16.46 ? 22  GLY A C   1 
ATOM   155  O O   . GLY A 1 22 ? -6.181  8.226   2.022   1.00 14.89 ? 22  GLY A O   1 
ATOM   156  N N   . PHE A 1 23 ? -4.743  6.521   2.368   1.00 14.97 ? 23  PHE A N   1 
ATOM   157  C CA  . PHE A 1 23 ? -5.745  5.479   2.099   1.00 14.98 ? 23  PHE A CA  1 
ATOM   158  C C   . PHE A 1 23 ? -5.534  4.243   2.943   1.00 15.93 ? 23  PHE A C   1 
ATOM   159  O O   . PHE A 1 23 ? -4.416  3.967   3.412   1.00 16.68 ? 23  PHE A O   1 
ATOM   160  C CB  . PHE A 1 23 ? -5.772  5.082   0.593   1.00 14.76 ? 23  PHE A CB  1 
ATOM   161  C CG  . PHE A 1 23 ? -4.424  4.706   0.018   1.00 13.55 ? 23  PHE A CG  1 
ATOM   162  C CD1 . PHE A 1 23 ? -3.962  3.397   0.062   1.00 14.95 ? 23  PHE A CD1 1 
ATOM   163  C CD2 . PHE A 1 23 ? -3.610  5.657   -0.594  1.00 15.12 ? 23  PHE A CD2 1 
ATOM   164  C CE1 . PHE A 1 23 ? -2.743  3.050   -0.446  1.00 13.40 ? 23  PHE A CE1 1 
ATOM   165  C CE2 . PHE A 1 23 ? -2.366  5.315   -1.094  1.00 14.64 ? 23  PHE A CE2 1 
ATOM   166  C CZ  . PHE A 1 23 ? -1.929  3.983   -1.059  1.00 13.76 ? 23  PHE A CZ  1 
ATOM   167  N N   . TYR A 1 24 ? -6.591  3.481   3.112   1.00 16.02 ? 24  TYR A N   1 
ATOM   168  C CA  . TYR A 1 24 ? -6.567  2.190   3.782   1.00 17.08 ? 24  TYR A CA  1 
ATOM   169  C C   . TYR A 1 24 ? -6.041  1.170   2.809   1.00 17.71 ? 24  TYR A C   1 
ATOM   170  O O   . TYR A 1 24 ? -6.433  1.145   1.640   1.00 18.66 ? 24  TYR A O   1 
ATOM   171  C CB  . TYR A 1 24 ? -7.989  1.774   4.155   1.00 19.52 ? 24  TYR A CB  1 
ATOM   172  C CG  . TYR A 1 24 ? -8.166  0.299   4.462   0.50 19.60 ? 24  TYR A CG  1 
ATOM   173  C CD1 . TYR A 1 24 ? -8.263  -0.109  5.775   1.00 23.07 ? 24  TYR A CD1 1 
ATOM   174  C CD2 . TYR A 1 24 ? -8.248  -0.685  3.452   1.00 23.64 ? 24  TYR A CD2 1 
ATOM   175  C CE1 . TYR A 1 24 ? -8.413  -1.419  6.112   1.00 22.95 ? 24  TYR A CE1 1 
ATOM   176  C CE2 . TYR A 1 24 ? -8.405  -2.020  3.778   1.00 22.29 ? 24  TYR A CE2 1 
ATOM   177  C CZ  . TYR A 1 24 ? -8.476  -2.387  5.108   1.00 20.67 ? 24  TYR A CZ  1 
ATOM   178  O OH  . TYR A 1 24 ? -8.649  -3.704  5.482   1.00 25.10 ? 24  TYR A OH  1 
ATOM   179  N N   . PHE A 1 25 ? -5.176  0.286   3.287   1.00 15.92 ? 25  PHE A N   1 
ATOM   180  C CA  . PHE A 1 25 ? -4.585  -0.768  2.462   1.00 15.29 ? 25  PHE A CA  1 
ATOM   181  C C   . PHE A 1 25 ? -4.500  -2.066  3.231   1.00 15.42 ? 25  PHE A C   1 
ATOM   182  O O   . PHE A 1 25 ? -4.341  -2.078  4.455   1.00 14.48 ? 25  PHE A O   1 
ATOM   183  C CB  . PHE A 1 25 ? -3.199  -0.363  1.988   1.00 15.29 ? 25  PHE A CB  1 
ATOM   184  C CG  . PHE A 1 25 ? -2.695  -1.139  0.818   1.00 14.88 ? 25  PHE A CG  1 
ATOM   185  C CD1 . PHE A 1 25 ? -3.125  -0.824  -0.471  1.00 14.79 ? 25  PHE A CD1 1 
ATOM   186  C CD2 . PHE A 1 25 ? -1.749  -2.154  0.971   1.00 17.19 ? 25  PHE A CD2 1 
ATOM   187  C CE1 . PHE A 1 25 ? -2.631  -1.516  -1.575  1.00 15.25 ? 25  PHE A CE1 1 
ATOM   188  C CE2 . PHE A 1 25 ? -1.286  -2.856  -0.139  1.00 16.86 ? 25  PHE A CE2 1 
ATOM   189  C CZ  . PHE A 1 25 ? -1.719  -2.529  -1.397  1.00 15.71 ? 25  PHE A CZ  1 
ATOM   190  N N   . ASN A 1 26 ? -4.555  -3.162  2.506   1.00 16.06 ? 26  ASN A N   1 
ATOM   191  C CA  . ASN A 1 26 ? -4.467  -4.510  3.073   1.00 15.66 ? 26  ASN A CA  1 
ATOM   192  C C   . ASN A 1 26 ? -3.956  -5.397  1.964   1.00 16.23 ? 26  ASN A C   1 
ATOM   193  O O   . ASN A 1 26 ? -4.571  -5.439  0.894   1.00 15.21 ? 26  ASN A O   1 
ATOM   194  C CB  . ASN A 1 26 ? -5.822  -4.978  3.614   1.00 16.35 ? 26  ASN A CB  1 
ATOM   195  C CG  . ASN A 1 26 ? -5.807  -6.417  4.079   1.00 19.24 ? 26  ASN A CG  1 
ATOM   196  O OD1 . ASN A 1 26 ? -5.678  -6.724  5.256   1.00 23.78 ? 26  ASN A OD1 1 
ATOM   197  N ND2 . ASN A 1 26 ? -5.956  -7.318  3.150   1.00 22.42 ? 26  ASN A ND2 1 
ATOM   198  N N   . LYS A 1 27 ? -2.809  -6.052  2.141   1.00 16.05 ? 27  LYS A N   1 
ATOM   199  C CA  . LYS A 1 27 ? -2.168  -6.778  1.050   1.00 17.27 ? 27  LYS A CA  1 
ATOM   200  C C   . LYS A 1 27 ? -3.050  -7.847  0.429   1.00 17.87 ? 27  LYS A C   1 
ATOM   201  O O   . LYS A 1 27 ? -3.227  -7.819  -0.794  1.00 17.64 ? 27  LYS A O   1 
ATOM   202  C CB  . LYS A 1 27 ? -0.847  -7.408  1.503   1.00 18.75 ? 27  LYS A CB  1 
ATOM   203  C CG  . LYS A 1 27 ? 0.269   -6.467  1.603   1.00 20.99 ? 27  LYS A CG  1 
ATOM   204  C CD  . LYS A 1 27 ? 1.651   -7.224  1.682   1.00 23.61 ? 27  LYS A CD  1 
ATOM   205  C CE  . LYS A 1 27 ? 1.968   -8.092  0.448   1.00 24.32 ? 27  LYS A CE  1 
ATOM   206  N NZ  . LYS A 1 27 ? 3.289   -8.872  0.434   1.00 27.68 ? 27  LYS A NZ  1 
ATOM   207  N N   . PRO A 1 28 ? -3.608  -8.775  1.191   1.00 17.96 ? 28  PRO A N   1 
ATOM   208  C CA  . PRO A 1 28 ? -4.457  -9.804  0.567   1.00 18.89 ? 28  PRO A CA  1 
ATOM   209  C C   . PRO A 1 28 ? -5.639  -9.199  -0.186  1.00 17.79 ? 28  PRO A C   1 
ATOM   210  O O   . PRO A 1 28 ? -5.985  -9.690  -1.269  1.00 18.81 ? 28  PRO A O   1 
ATOM   211  C CB  . PRO A 1 28 ? -4.911  -10.687 1.742   1.00 19.49 ? 28  PRO A CB  1 
ATOM   212  C CG  . PRO A 1 28 ? -3.967  -10.395 2.850   1.00 19.88 ? 28  PRO A CG  1 
ATOM   213  C CD  . PRO A 1 28 ? -3.406  -9.021  2.633   1.00 18.26 ? 28  PRO A CD  1 
ATOM   214  N N   A LYS A 1 29 ? -6.240  -8.139  0.328   0.50 16.80 ? 29  LYS A N   1 
ATOM   215  N N   B LYS A 1 29 ? -6.258  -8.151  0.362   0.50 16.85 ? 29  LYS A N   1 
ATOM   216  C CA  A LYS A 1 29 ? -7.389  -7.544  -0.343  0.50 16.64 ? 29  LYS A CA  1 
ATOM   217  C CA  B LYS A 1 29 ? -7.384  -7.474  -0.296  0.50 16.71 ? 29  LYS A CA  1 
ATOM   218  C C   A LYS A 1 29 ? -6.968  -6.832  -1.633  0.50 15.86 ? 29  LYS A C   1 
ATOM   219  C C   B LYS A 1 29 ? -6.925  -6.899  -1.630  0.50 15.81 ? 29  LYS A C   1 
ATOM   220  O O   A LYS A 1 29 ? -7.696  -6.853  -2.630  0.50 15.34 ? 29  LYS A O   1 
ATOM   221  O O   B LYS A 1 29 ? -7.584  -7.065  -2.642  0.50 15.41 ? 29  LYS A O   1 
ATOM   222  C CB  A LYS A 1 29 ? -8.145  -6.605  0.589   0.50 16.73 ? 29  LYS A CB  1 
ATOM   223  C CB  B LYS A 1 29 ? -7.968  -6.329  0.554   0.50 16.81 ? 29  LYS A CB  1 
ATOM   224  C CG  A LYS A 1 29 ? -8.769  -7.359  1.740   0.50 19.03 ? 29  LYS A CG  1 
ATOM   225  C CG  B LYS A 1 29 ? -9.315  -5.776  0.052   0.50 19.41 ? 29  LYS A CG  1 
ATOM   226  C CD  A LYS A 1 29 ? -9.299  -6.452  2.802   0.50 20.72 ? 29  LYS A CD  1 
ATOM   227  C CD  B LYS A 1 29 ? -10.471 -6.622  0.584   0.50 23.30 ? 29  LYS A CD  1 
ATOM   228  C CE  A LYS A 1 29 ? -9.778  -7.267  3.999   0.50 23.01 ? 29  LYS A CE  1 
ATOM   229  C CE  B LYS A 1 29 ? -11.650 -6.662  -0.364  0.50 23.92 ? 29  LYS A CE  1 
ATOM   230  N NZ  A LYS A 1 29 ? -10.906 -8.142  3.646   0.50 25.07 ? 29  LYS A NZ  1 
ATOM   231  N NZ  B LYS A 1 29 ? -12.226 -8.041  -0.384  0.50 25.52 ? 29  LYS A NZ  1 
ATOM   232  N N   . ALA A 1 30 ? -5.801  -6.192  -1.640  1.00 15.24 ? 30  ALA A N   1 
ATOM   233  C CA  . ALA A 1 30 ? -5.258  -5.585  -2.836  1.00 15.32 ? 30  ALA A CA  1 
ATOM   234  C C   . ALA A 1 30 ? -4.962  -6.661  -3.886  1.00 15.34 ? 30  ALA A C   1 
ATOM   235  O O   . ALA A 1 30 ? -5.258  -6.481  -5.070  1.00 13.86 ? 30  ALA A O   1 
ATOM   236  C CB  . ALA A 1 30 ? -3.970  -4.811  -2.515  1.00 15.38 ? 30  ALA A CB  1 
ATOM   237  N N   . LYS A 1 31 ? -4.422  -7.801  -3.469  1.00 15.51 ? 31  LYS A N   1 
ATOM   238  C CA  . LYS A 1 31 ? -4.190  -8.901  -4.412  1.00 17.16 ? 31  LYS A CA  1 
ATOM   239  C C   . LYS A 1 31 ? -5.523  -9.381  -4.996  1.00 16.48 ? 31  LYS A C   1 
ATOM   240  O O   . LYS A 1 31 ? -5.618  -9.689  -6.209  1.00 16.81 ? 31  LYS A O   1 
ATOM   241  C CB  . LYS A 1 31 ? -3.450  -10.044 -3.698  1.00 18.15 ? 31  LYS A CB  1 
ATOM   242  C CG  . LYS A 1 31 ? -3.433  -11.366 -4.443  1.00 23.59 ? 31  LYS A CG  1 
ATOM   243  C CD  . LYS A 1 31 ? -2.532  -12.400 -3.749  0.50 27.23 ? 31  LYS A CD  1 
ATOM   244  C CE  . LYS A 1 31 ? -2.100  -13.521 -4.701  1.00 31.34 ? 31  LYS A CE  1 
ATOM   245  N NZ  . LYS A 1 31 ? -3.224  -13.970 -5.568  1.00 34.60 ? 31  LYS A NZ  1 
ATOM   246  N N   . GLY A 1 32 ? -6.571  -9.412  -4.183  1.00 15.97 ? 32  GLY A N   1 
ATOM   247  C CA  . GLY A 1 32 ? -7.891  -9.790  -4.648  1.00 16.10 ? 32  GLY A CA  1 
ATOM   248  C C   . GLY A 1 32 ? -8.432  -8.840  -5.695  1.00 16.64 ? 32  GLY A C   1 
ATOM   249  O O   . GLY A 1 32 ? -9.049  -9.269  -6.679  1.00 17.40 ? 32  GLY A O   1 
ATOM   250  N N   . ILE A 1 33 ? -8.237  -7.545  -5.507  1.00 14.50 ? 33  ILE A N   1 
ATOM   251  C CA  . ILE A 1 33 ? -8.660  -6.526  -6.468  1.00 15.58 ? 33  ILE A CA  1 
ATOM   252  C C   . ILE A 1 33 ? -7.888  -6.688  -7.771  1.00 15.56 ? 33  ILE A C   1 
ATOM   253  O O   . ILE A 1 33 ? -8.483  -6.623  -8.853  1.00 15.23 ? 33  ILE A O   1 
ATOM   254  C CB  . ILE A 1 33 ? -8.493  -5.091  -5.879  1.00 15.33 ? 33  ILE A CB  1 
ATOM   255  C CG1 . ILE A 1 33 ? -9.471  -4.860  -4.715  1.00 15.39 ? 33  ILE A CG1 1 
ATOM   256  C CG2 . ILE A 1 33 ? -8.701  -4.029  -6.943  1.00 15.91 ? 33  ILE A CG2 1 
ATOM   257  C CD1 . ILE A 1 33 ? -9.212  -3.583  -3.935  1.00 16.83 ? 33  ILE A CD1 1 
ATOM   258  N N   . VAL A 1 34 ? -6.578  -6.897  -7.702  1.00 15.19 ? 34  VAL A N   1 
ATOM   259  C CA  . VAL A 1 34 ? -5.769  -7.101  -8.902  1.00 16.63 ? 34  VAL A CA  1 
ATOM   260  C C   . VAL A 1 34 ? -6.268  -8.340  -9.636  1.00 17.81 ? 34  VAL A C   1 
ATOM   261  O O   . VAL A 1 34 ? -6.436  -8.292  -10.862 1.00 17.61 ? 34  VAL A O   1 
ATOM   262  C CB  . VAL A 1 34 ? -4.267  -7.211  -8.569  1.00 16.90 ? 34  VAL A CB  1 
ATOM   263  C CG1 . VAL A 1 34 ? -3.465  -7.621  -9.807  1.00 18.74 ? 34  VAL A CG1 1 
ATOM   264  C CG2 . VAL A 1 34 ? -3.749  -5.876  -8.028  1.00 16.57 ? 34  VAL A CG2 1 
ATOM   265  N N   . ASP A 1 35 ? -6.558  -9.418  -8.917  1.00 18.82 ? 35  ASP A N   1 
ATOM   266  C CA  . ASP A 1 35 ? -7.025  -10.644 -9.579  1.00 20.10 ? 35  ASP A CA  1 
ATOM   267  C C   . ASP A 1 35 ? -8.331  -10.407 -10.278 1.00 20.45 ? 35  ASP A C   1 
ATOM   268  O O   . ASP A 1 35 ? -8.543  -10.903 -11.410 1.00 22.73 ? 35  ASP A O   1 
ATOM   269  C CB  . ASP A 1 35 ? -7.159  -11.774 -8.571  1.00 20.65 ? 35  ASP A CB  1 
ATOM   270  C CG  . ASP A 1 35 ? -5.813  -12.297 -8.106  1.00 24.30 ? 35  ASP A CG  1 
ATOM   271  O OD1 . ASP A 1 35 ? -4.748  -11.931 -8.663  1.00 30.46 ? 35  ASP A OD1 1 
ATOM   272  O OD2 . ASP A 1 35 ? -5.714  -13.071 -7.137  1.00 30.70 ? 35  ASP A OD2 1 
ATOM   273  N N   . GLU A 1 36 ? -9.201  -9.636  -9.651  1.00 19.40 ? 36  GLU A N   1 
ATOM   274  C CA  . GLU A 1 36 ? -10.528 -9.353  -10.165 1.00 19.10 ? 36  GLU A CA  1 
ATOM   275  C C   . GLU A 1 36 ? -10.468 -8.409  -11.368 1.00 19.32 ? 36  GLU A C   1 
ATOM   276  O O   . GLU A 1 36 ? -11.193 -8.607  -12.358 1.00 20.43 ? 36  GLU A O   1 
ATOM   277  C CB  . GLU A 1 36 ? -11.441 -8.774  -9.063  1.00 19.74 ? 36  GLU A CB  1 
ATOM   278  C CG  . GLU A 1 36 ? -12.870 -8.465  -9.480  1.00 21.00 ? 36  GLU A CG  1 
ATOM   279  C CD  . GLU A 1 36 ? -13.654 -9.699  -9.860  1.00 25.53 ? 36  GLU A CD  1 
ATOM   280  O OE1 . GLU A 1 36 ? -13.556 -10.706 -9.159  1.00 25.34 ? 36  GLU A OE1 1 
ATOM   281  O OE2 . GLU A 1 36 ? -14.390 -9.658  -10.880 1.00 24.10 ? 36  GLU A OE2 1 
ATOM   282  N N   . CYS A 1 37 ? -9.588  -7.421  -11.321 1.00 17.19 ? 37  CYS A N   1 
ATOM   283  C CA  . CYS A 1 37 ? -9.655  -6.248  -12.179 1.00 16.30 ? 37  CYS A CA  1 
ATOM   284  C C   . CYS A 1 37 ? -8.543  -6.144  -13.236 1.00 17.24 ? 37  CYS A C   1 
ATOM   285  O O   . CYS A 1 37 ? -8.544  -5.192  -13.982 1.00 18.43 ? 37  CYS A O   1 
ATOM   286  C CB  . CYS A 1 37 ? -9.668  -4.970  -11.305 1.00 15.47 ? 37  CYS A CB  1 
ATOM   287  S SG  . CYS A 1 37 ? -11.145 -4.854  -10.237 1.00 16.59 ? 37  CYS A SG  1 
ATOM   288  N N   . CYS A 1 38 ? -7.617  -7.084  -13.305 1.00 17.54 ? 38  CYS A N   1 
ATOM   289  C CA  . CYS A 1 38 ? -6.483  -6.892  -14.201 1.00 17.63 ? 38  CYS A CA  1 
ATOM   290  C C   . CYS A 1 38 ? -6.870  -7.117  -15.657 1.00 17.29 ? 38  CYS A C   1 
ATOM   291  O O   . CYS A 1 38 ? -6.612  -6.276  -16.538 1.00 18.20 ? 38  CYS A O   1 
ATOM   292  C CB  . CYS A 1 38 ? -5.350  -7.802  -13.799 1.00 17.64 ? 38  CYS A CB  1 
ATOM   293  S SG  . CYS A 1 38 ? -3.829  -7.432  -14.695 1.00 21.00 ? 38  CYS A SG  1 
ATOM   294  N N   . PHE A 1 39 ? -7.484  -8.250  -15.941 1.00 18.36 ? 39  PHE A N   1 
ATOM   295  C CA  . PHE A 1 39 ? -7.884  -8.501  -17.324 1.00 17.41 ? 39  PHE A CA  1 
ATOM   296  C C   . PHE A 1 39 ? -9.156  -7.717  -17.666 1.00 18.19 ? 39  PHE A C   1 
ATOM   297  O O   . PHE A 1 39 ? -9.200  -6.977  -18.639 1.00 17.49 ? 39  PHE A O   1 
ATOM   298  C CB  . PHE A 1 39 ? -8.075  -9.988  -17.597 1.00 18.53 ? 39  PHE A CB  1 
ATOM   299  C CG  . PHE A 1 39 ? -8.671  -10.262 -18.950 1.00 18.47 ? 39  PHE A CG  1 
ATOM   300  C CD1 . PHE A 1 39 ? -7.999  -9.909  -20.114 1.00 20.46 ? 39  PHE A CD1 1 
ATOM   301  C CD2 . PHE A 1 39 ? -9.923  -10.808 -19.051 1.00 20.22 ? 39  PHE A CD2 1 
ATOM   302  C CE1 . PHE A 1 39 ? -8.600  -10.137 -21.366 1.00 20.17 ? 39  PHE A CE1 1 
ATOM   303  C CE2 . PHE A 1 39 ? -10.504 -11.040 -20.278 1.00 22.29 ? 39  PHE A CE2 1 
ATOM   304  C CZ  . PHE A 1 39 ? -9.841  -10.706 -21.428 1.00 21.33 ? 39  PHE A CZ  1 
ATOM   305  N N   . ARG A 1 40 ? -10.201 -7.876  -16.866 1.00 18.09 ? 40  ARG A N   1 
ATOM   306  C CA  . ARG A 1 40 ? -11.457 -7.199  -17.079 1.00 19.24 ? 40  ARG A CA  1 
ATOM   307  C C   . ARG A 1 40 ? -11.546 -5.948  -16.239 1.00 18.74 ? 40  ARG A C   1 
ATOM   308  O O   . ARG A 1 40 ? -11.517 -6.010  -15.002 1.00 18.95 ? 40  ARG A O   1 
ATOM   309  C CB  . ARG A 1 40 ? -12.632 -8.116  -16.759 1.00 20.71 ? 40  ARG A CB  1 
ATOM   310  C CG  . ARG A 1 40 ? -13.931 -7.644  -17.366 0.50 22.93 ? 40  ARG A CG  1 
ATOM   311  C CD  . ARG A 1 40 ? -14.914 -8.744  -17.566 1.00 27.07 ? 40  ARG A CD  1 
ATOM   312  N NE  . ARG A 1 40 ? -15.024 -9.550  -16.357 1.00 28.85 ? 40  ARG A NE  1 
ATOM   313  C CZ  . ARG A 1 40 ? -15.890 -9.343  -15.361 1.00 25.26 ? 40  ARG A CZ  1 
ATOM   314  N NH1 . ARG A 1 40 ? -16.781 -8.350  -15.375 1.00 24.91 ? 40  ARG A NH1 1 
ATOM   315  N NH2 . ARG A 1 40 ? -15.850 -10.177 -14.329 1.00 29.45 ? 40  ARG A NH2 1 
ATOM   316  N N   A SER A 1 41 ? -11.744 -4.835  -16.918 0.50 18.19 ? 41  SER A N   1 
ATOM   317  N N   B SER A 1 41 ? -11.661 -4.799  -16.899 0.50 18.83 ? 41  SER A N   1 
ATOM   318  C CA  A SER A 1 41 ? -11.706 -3.510  -16.351 0.50 17.79 ? 41  SER A CA  1 
ATOM   319  C CA  B SER A 1 41 ? -11.517 -3.511  -16.239 0.50 19.24 ? 41  SER A CA  1 
ATOM   320  C C   A SER A 1 41 ? -12.594 -3.266  -15.117 0.50 18.14 ? 41  SER A C   1 
ATOM   321  C C   B SER A 1 41 ? -12.526 -3.283  -15.119 0.50 18.89 ? 41  SER A C   1 
ATOM   322  O O   A SER A 1 41 ? -13.749 -3.699  -15.079 0.50 18.07 ? 41  SER A O   1 
ATOM   323  O O   B SER A 1 41 ? -13.663 -3.766  -15.139 0.50 18.80 ? 41  SER A O   1 
ATOM   324  C CB  A SER A 1 41 ? -12.077 -2.514  -17.460 0.50 17.98 ? 41  SER A CB  1 
ATOM   325  C CB  B SER A 1 41 ? -11.538 -2.330  -17.252 0.50 19.78 ? 41  SER A CB  1 
ATOM   326  O OG  A SER A 1 41 ? -11.906 -1.218  -16.961 0.50 15.50 ? 41  SER A OG  1 
ATOM   327  O OG  B SER A 1 41 ? -12.838 -1.785  -17.424 0.50 21.99 ? 41  SER A OG  1 
ATOM   328  N N   . CYS A 1 42 ? -12.042 -2.543  -14.141 1.00 18.37 ? 42  CYS A N   1 
ATOM   329  C CA  . CYS A 1 42 ? -12.830 -2.012  -13.037 1.00 17.38 ? 42  CYS A CA  1 
ATOM   330  C C   . CYS A 1 42 ? -12.723 -0.499  -13.050 1.00 17.94 ? 42  CYS A C   1 
ATOM   331  O O   . CYS A 1 42 ? -11.808 0.069   -13.656 1.00 19.69 ? 42  CYS A O   1 
ATOM   332  C CB  . CYS A 1 42 ? -12.295 -2.547  -11.712 1.00 17.80 ? 42  CYS A CB  1 
ATOM   333  S SG  . CYS A 1 42 ? -12.564 -4.296  -11.573 1.00 16.54 ? 42  CYS A SG  1 
ATOM   334  N N   A ASP A 1 43 ? -13.643 0.170   -12.355 0.50 17.72 ? 43  ASP A N   1 
ATOM   335  N N   B ASP A 1 43 ? -13.631 0.159   -12.371 0.50 17.43 ? 43  ASP A N   1 
ATOM   336  C CA  A ASP A 1 43 ? -13.703 1.632   -12.280 0.50 17.43 ? 43  ASP A CA  1 
ATOM   337  C CA  B ASP A 1 43 ? -13.680 1.582   -12.441 0.50 16.98 ? 43  ASP A CA  1 
ATOM   338  C C   A ASP A 1 43 ? -12.830 2.127   -11.193 0.50 17.83 ? 43  ASP A C   1 
ATOM   339  C C   B ASP A 1 43 ? -12.903 2.170   -11.268 0.50 17.55 ? 43  ASP A C   1 
ATOM   340  O O   A ASP A 1 43 ? -13.111 1.968   -10.014 0.50 17.85 ? 43  ASP A O   1 
ATOM   341  O O   B ASP A 1 43 ? -13.295 2.054   -10.118 0.50 17.91 ? 43  ASP A O   1 
ATOM   342  C CB  A ASP A 1 43 ? -15.093 2.120   -11.940 0.50 17.26 ? 43  ASP A CB  1 
ATOM   343  C CB  B ASP A 1 43 ? -15.117 2.047   -12.498 0.50 16.37 ? 43  ASP A CB  1 
ATOM   344  C CG  A ASP A 1 43 ? -16.077 1.699   -12.923 0.50 16.19 ? 43  ASP A CG  1 
ATOM   345  C CG  B ASP A 1 43 ? -15.208 3.410   -13.029 0.50 15.02 ? 43  ASP A CG  1 
ATOM   346  O OD1 A ASP A 1 43 ? -15.720 1.557   -14.104 0.50 18.36 ? 43  ASP A OD1 1 
ATOM   347  O OD1 B ASP A 1 43 ? -14.499 4.241   -12.477 0.50 15.69 ? 43  ASP A OD1 1 
ATOM   348  O OD2 A ASP A 1 43 ? -17.224 1.445   -12.574 0.50 16.06 ? 43  ASP A OD2 1 
ATOM   349  O OD2 B ASP A 1 43 ? -15.891 3.729   -14.014 0.50 15.83 ? 43  ASP A OD2 1 
ATOM   350  N N   . LEU A 1 44 ? -11.754 2.761   -11.577 1.00 17.33 ? 44  LEU A N   1 
ATOM   351  C CA  . LEU A 1 44 ? -10.858 3.261   -10.545 1.00 17.75 ? 44  LEU A CA  1 
ATOM   352  C C   . LEU A 1 44 ? -11.469 4.449   -9.718  1.00 16.61 ? 44  LEU A C   1 
ATOM   353  O O   . LEU A 1 44 ? -10.987 4.747   -8.620  1.00 16.87 ? 44  LEU A O   1 
ATOM   354  C CB  . LEU A 1 44 ? -9.437  3.462   -11.110 0.50 17.35 ? 44  LEU A CB  1 
ATOM   355  C CG  . LEU A 1 44 ? -8.877  2.234   -11.882 1.00 22.87 ? 44  LEU A CG  1 
ATOM   356  C CD1 . LEU A 1 44 ? -7.470  2.551   -12.334 1.00 26.12 ? 44  LEU A CD1 1 
ATOM   357  C CD2 . LEU A 1 44 ? -8.919  0.962   -11.043 1.00 24.67 ? 44  LEU A CD2 1 
ATOM   358  N N   A ARG A 1 45 ? -12.574 5.072   -10.158 0.50 16.30 ? 45  ARG A N   1 
ATOM   359  N N   B ARG A 1 45 ? -12.554 5.044   -10.196 0.50 15.93 ? 45  ARG A N   1 
ATOM   360  C CA  A ARG A 1 45 ? -13.258 6.085   -9.323  0.50 15.95 ? 45  ARG A CA  1 
ATOM   361  C CA  B ARG A 1 45 ? -13.252 6.027   -9.398  0.50 15.13 ? 45  ARG A CA  1 
ATOM   362  C C   A ARG A 1 45 ? -13.837 5.484   -8.018  0.50 15.68 ? 45  ARG A C   1 
ATOM   363  C C   B ARG A 1 45 ? -13.680 5.451   -8.049  0.50 15.32 ? 45  ARG A C   1 
ATOM   364  O O   A ARG A 1 45 ? -14.106 6.177   -7.014  0.50 15.16 ? 45  ARG A O   1 
ATOM   365  O O   B ARG A 1 45 ? -13.656 6.135   -7.044  0.50 15.62 ? 45  ARG A O   1 
ATOM   366  C CB  A ARG A 1 45 ? -14.378 6.832   -10.106 0.50 16.84 ? 45  ARG A CB  1 
ATOM   367  C CB  B ARG A 1 45 ? -14.497 6.536   -10.123 0.50 15.83 ? 45  ARG A CB  1 
ATOM   368  C CG  A ARG A 1 45 ? -15.631 6.009   -10.405 0.50 17.44 ? 45  ARG A CG  1 
ATOM   369  C CG  B ARG A 1 45 ? -14.191 7.371   -11.323 0.50 14.21 ? 45  ARG A CG  1 
ATOM   370  C CD  A ARG A 1 45 ? -16.629 6.672   -11.352 0.50 16.89 ? 45  ARG A CD  1 
ATOM   371  C CD  B ARG A 1 45 ? -15.452 7.826   -11.998 0.50 13.55 ? 45  ARG A CD  1 
ATOM   372  N NE  A ARG A 1 45 ? -17.793 5.795   -11.567 0.50 17.49 ? 45  ARG A NE  1 
ATOM   373  N NE  B ARG A 1 45 ? -15.972 6.779   -12.860 0.50 11.77 ? 45  ARG A NE  1 
ATOM   374  C CZ  A ARG A 1 45 ? -18.443 5.596   -12.714 0.50 21.21 ? 45  ARG A CZ  1 
ATOM   375  C CZ  B ARG A 1 45 ? -17.089 6.867   -13.550 0.50 12.03 ? 45  ARG A CZ  1 
ATOM   376  N NH1 A ARG A 1 45 ? -18.091 6.201   -13.843 0.50 21.81 ? 45  ARG A NH1 1 
ATOM   377  N NH1 B ARG A 1 45 ? -17.835 7.962   -13.501 0.50 12.40 ? 45  ARG A NH1 1 
ATOM   378  N NH2 A ARG A 1 45 ? -19.474 4.755   -12.716 0.50 21.93 ? 45  ARG A NH2 1 
ATOM   379  N NH2 B ARG A 1 45 ? -17.469 5.836   -14.310 0.50 12.32 ? 45  ARG A NH2 1 
ATOM   380  N N   . ARG A 1 46 ? -14.072 4.181   -8.051  1.00 14.22 ? 46  ARG A N   1 
ATOM   381  C CA  . ARG A 1 46 ? -14.550 3.482   -6.874  1.00 13.90 ? 46  ARG A CA  1 
ATOM   382  C C   . ARG A 1 46 ? -13.523 3.382   -5.738  1.00 13.99 ? 46  ARG A C   1 
ATOM   383  O O   . ARG A 1 46 ? -13.891 3.132   -4.600  1.00 14.86 ? 46  ARG A O   1 
ATOM   384  C CB  . ARG A 1 46 ? -15.078 2.126   -7.282  1.00 13.64 ? 46  ARG A CB  1 
ATOM   385  C CG  . ARG A 1 46 ? -16.406 2.231   -8.073  1.00 14.61 ? 46  ARG A CG  1 
ATOM   386  C CD  . ARG A 1 46 ? -17.618 2.458   -7.180  1.00 17.62 ? 46  ARG A CD  1 
ATOM   387  N NE  . ARG A 1 46 ? -17.915 1.303   -6.374  1.00 17.42 ? 46  ARG A NE  1 
ATOM   388  C CZ  . ARG A 1 46 ? -18.858 1.225   -5.442  1.00 14.73 ? 46  ARG A CZ  1 
ATOM   389  N NH1 . ARG A 1 46 ? -19.572 2.276   -5.093  1.00 15.70 ? 46  ARG A NH1 1 
ATOM   390  N NH2 . ARG A 1 46 ? -19.025 0.106   -4.783  1.00 18.82 ? 46  ARG A NH2 1 
ATOM   391  N N   . LEU A 1 47 ? -12.249 3.631   -6.050  1.00 13.00 ? 47  LEU A N   1 
ATOM   392  C CA  . LEU A 1 47 ? -11.210 3.592   -5.024  1.00 14.12 ? 47  LEU A CA  1 
ATOM   393  C C   . LEU A 1 47 ? -11.372 4.702   -3.993  1.00 13.95 ? 47  LEU A C   1 
ATOM   394  O O   . LEU A 1 47 ? -10.765 4.630   -2.925  1.00 14.33 ? 47  LEU A O   1 
ATOM   395  C CB  . LEU A 1 47 ? -9.835  3.617   -5.679  1.00 14.02 ? 47  LEU A CB  1 
ATOM   396  C CG  . LEU A 1 47 ? -9.495  2.443   -6.585  1.00 15.29 ? 47  LEU A CG  1 
ATOM   397  C CD1 . LEU A 1 47 ? -8.160  2.692   -7.318  1.00 16.75 ? 47  LEU A CD1 1 
ATOM   398  C CD2 . LEU A 1 47 ? -9.467  1.144   -5.822  1.00 15.79 ? 47  LEU A CD2 1 
ATOM   399  N N   . GLU A 1 48 ? -12.216 5.701   -4.251  1.00 13.45 ? 48  GLU A N   1 
ATOM   400  C CA  . GLU A 1 48 ? -12.584 6.700   -3.265  1.00 14.65 ? 48  GLU A CA  1 
ATOM   401  C C   . GLU A 1 48 ? -13.036 6.089   -1.933  1.00 14.22 ? 48  GLU A C   1 
ATOM   402  O O   . GLU A 1 48 ? -12.836 6.682   -0.854  1.00 15.04 ? 48  GLU A O   1 
ATOM   403  C CB  . GLU A 1 48 ? -13.717 7.577   -3.846  1.00 15.59 ? 48  GLU A CB  1 
ATOM   404  C CG  . GLU A 1 48 ? -14.336 8.566   -2.886  1.00 20.02 ? 48  GLU A CG  1 
ATOM   405  C CD  . GLU A 1 48 ? -13.394 9.677   -2.442  1.00 21.67 ? 48  GLU A CD  1 
ATOM   406  O OE1 . GLU A 1 48 ? -12.389 9.987   -3.152  1.00 18.36 ? 48  GLU A OE1 1 
ATOM   407  O OE2 . GLU A 1 48 ? -13.691 10.275  -1.368  1.00 26.06 ? 48  GLU A OE2 1 
ATOM   408  N N   . MET A 1 49 ? -13.602 4.883   -1.973  1.00 14.09 ? 49  MET A N   1 
ATOM   409  C CA  . MET A 1 49 ? -14.054 4.220   -0.743  1.00 14.59 ? 49  MET A CA  1 
ATOM   410  C C   . MET A 1 49 ? -12.924 3.939   0.248   1.00 15.71 ? 49  MET A C   1 
ATOM   411  O O   . MET A 1 49 ? -13.190 3.753   1.435   1.00 16.82 ? 49  MET A O   1 
ATOM   412  C CB  . MET A 1 49 ? -14.813 2.924   -1.034  1.00 15.73 ? 49  MET A CB  1 
ATOM   413  C CG  . MET A 1 49 ? -13.957 1.789   -1.517  1.00 15.91 ? 49  MET A CG  1 
ATOM   414  S SD  . MET A 1 49 ? -14.863 0.264   -1.870  1.00 22.04 ? 49  MET A SD  1 
ATOM   415  C CE  . MET A 1 49 ? -15.798 0.685   -3.295  1.00 21.03 ? 49  MET A CE  1 
ATOM   416  N N   . TYR A 1 50 ? -11.676 3.911   -0.227  1.00 14.03 ? 50  TYR A N   1 
ATOM   417  C CA  . TYR A 1 50 ? -10.522 3.589   0.626   1.00 14.36 ? 50  TYR A CA  1 
ATOM   418  C C   . TYR A 1 50 ? -9.833  4.818   1.163   1.00 15.22 ? 50  TYR A C   1 
ATOM   419  O O   . TYR A 1 50 ? -8.964  4.694   2.030   1.00 15.58 ? 50  TYR A O   1 
ATOM   420  C CB  . TYR A 1 50 ? -9.537  2.716   -0.163  1.00 13.99 ? 50  TYR A CB  1 
ATOM   421  C CG  . TYR A 1 50 ? -10.081 1.363   -0.477  1.00 14.38 ? 50  TYR A CG  1 
ATOM   422  C CD1 . TYR A 1 50 ? -10.267 0.978   -1.790  1.00 15.44 ? 50  TYR A CD1 1 
ATOM   423  C CD2 . TYR A 1 50 ? -10.414 0.480   0.513   1.00 16.31 ? 50  TYR A CD2 1 
ATOM   424  C CE1 . TYR A 1 50 ? -10.760 -0.251  -2.111  1.00 17.12 ? 50  TYR A CE1 1 
ATOM   425  C CE2 . TYR A 1 50 ? -10.907 -0.757  0.214   1.00 19.18 ? 50  TYR A CE2 1 
ATOM   426  C CZ  . TYR A 1 50 ? -11.086 -1.112  -1.123  1.00 18.26 ? 50  TYR A CZ  1 
ATOM   427  O OH  . TYR A 1 50 ? -11.562 -2.378  -1.390  1.00 23.68 ? 50  TYR A OH  1 
ATOM   428  N N   . CYS A 1 51 ? -10.213 6.011   0.741   1.00 15.03 ? 51  CYS A N   1 
ATOM   429  C CA  . CYS A 1 51 ? -9.528  7.227   1.195   1.00 15.67 ? 51  CYS A CA  1 
ATOM   430  C C   . CYS A 1 51 ? -9.842  7.483   2.677   1.00 17.16 ? 51  CYS A C   1 
ATOM   431  O O   . CYS A 1 51 ? -10.943 7.195   3.143   1.00 18.02 ? 51  CYS A O   1 
ATOM   432  C CB  . CYS A 1 51 ? -9.903  8.463   0.347   1.00 16.44 ? 51  CYS A CB  1 
ATOM   433  S SG  . CYS A 1 51 ? -9.584  8.289   -1.419  1.00 15.62 ? 51  CYS A SG  1 
ATOM   434  N N   . ALA A 1 52 ? -8.822  7.914   3.417   1.00 19.01 ? 52  ALA A N   1 
ATOM   435  C CA  . ALA A 1 52 ? -9.031  8.282   4.820   1.00 20.95 ? 52  ALA A CA  1 
ATOM   436  C C   . ALA A 1 52 ? -9.853  9.555   4.948   1.00 23.05 ? 52  ALA A C   1 
ATOM   437  O O   . ALA A 1 52 ? -9.855  10.371  4.033   1.00 23.80 ? 52  ALA A O   1 
ATOM   438  C CB  . ALA A 1 52 ? -7.702  8.459   5.536   1.00 20.75 ? 52  ALA A CB  1 
ATOM   439  O OXT . ALA A 1 52 ? -10.463 9.732   6.017   1.00 27.21 ? 52  ALA A OXT 1 
ATOM   440  N N   . GLY B 1 1  ? 15.235  2.414   -8.990  0.50 26.76 ? 1   GLY B N   1 
ATOM   441  C CA  . GLY B 1 1  ? 16.405  1.545   -8.679  0.50 26.71 ? 1   GLY B CA  1 
ATOM   442  C C   . GLY B 1 1  ? 16.044  0.439   -7.709  1.00 26.94 ? 1   GLY B C   1 
ATOM   443  O O   . GLY B 1 1  ? 14.898  0.340   -7.266  1.00 27.46 ? 1   GLY B O   1 
ATOM   444  N N   . PRO B 1 2  ? 17.011  -0.395  -7.351  1.00 27.05 ? 2   PRO B N   1 
ATOM   445  C CA  . PRO B 1 2  ? 16.754  -1.510  -6.426  0.50 26.32 ? 2   PRO B CA  1 
ATOM   446  C C   . PRO B 1 2  ? 16.198  -1.139  -5.035  1.00 26.28 ? 2   PRO B C   1 
ATOM   447  O O   . PRO B 1 2  ? 15.557  -1.991  -4.448  1.00 24.66 ? 2   PRO B O   1 
ATOM   448  C CB  . PRO B 1 2  ? 18.125  -2.174  -6.312  1.00 26.74 ? 2   PRO B CB  1 
ATOM   449  C CG  . PRO B 1 2  ? 18.820  -1.762  -7.576  1.00 27.30 ? 2   PRO B CG  1 
ATOM   450  C CD  . PRO B 1 2  ? 18.415  -0.372  -7.799  1.00 27.03 ? 2   PRO B CD  1 
ATOM   451  N N   . GLU B 1 3  ? 16.397  0.091   -4.569  1.00 25.14 ? 3   GLU B N   1 
ATOM   452  C CA  . GLU B 1 3  ? 15.838  0.596   -3.310  1.00 24.65 ? 3   GLU B CA  1 
ATOM   453  C C   . GLU B 1 3  ? 14.310  0.482   -3.159  0.50 23.14 ? 3   GLU B C   1 
ATOM   454  O O   . GLU B 1 3  ? 13.812  0.664   -2.067  0.50 21.18 ? 3   GLU B O   1 
ATOM   455  C CB  . GLU B 1 3  ? 16.287  2.061   -3.057  1.00 24.75 ? 3   GLU B CB  1 
ATOM   456  C CG  . GLU B 1 3  ? 15.543  3.118   -3.880  0.50 26.00 ? 3   GLU B CG  1 
ATOM   457  C CD  . GLU B 1 3  ? 15.986  3.195   -5.335  1.00 28.73 ? 3   GLU B CD  1 
ATOM   458  O OE1 . GLU B 1 3  ? 17.087  2.712   -5.661  1.00 30.11 ? 3   GLU B OE1 1 
ATOM   459  O OE2 . GLU B 1 3  ? 15.225  3.742   -6.161  1.00 30.35 ? 3   GLU B OE2 1 
ATOM   460  N N   . THR B 1 4  ? 13.572  0.198   -4.231  0.50 21.86 ? 4   THR B N   1 
ATOM   461  C CA  . THR B 1 4  ? 12.123  -0.099  -4.142  1.00 22.32 ? 4   THR B CA  1 
ATOM   462  C C   . THR B 1 4  ? 11.828  -1.381  -3.331  1.00 20.68 ? 4   THR B C   1 
ATOM   463  O O   . THR B 1 4  ? 10.696  -1.575  -2.854  1.00 20.43 ? 4   THR B O   1 
ATOM   464  C CB  . THR B 1 4  ? 11.465  -0.180  -5.533  1.00 23.99 ? 4   THR B CB  1 
ATOM   465  O OG1 . THR B 1 4  ? 12.094  -1.195  -6.340  0.50 22.31 ? 4   THR B OG1 1 
ATOM   466  C CG2 . THR B 1 4  ? 11.637  1.116   -6.317  1.00 25.64 ? 4   THR B CG2 1 
ATOM   467  N N   . LEU B 1 5  ? 12.822  -2.245  -3.152  1.00 18.27 ? 5   LEU B N   1 
ATOM   468  C CA  . LEU B 1 5  ? 12.807  -3.296  -2.130  1.00 17.14 ? 5   LEU B CA  1 
ATOM   469  C C   . LEU B 1 5  ? 12.369  -2.714  -0.783  1.00 16.12 ? 5   LEU B C   1 
ATOM   470  O O   . LEU B 1 5  ? 11.578  -3.320  -0.045  1.00 15.68 ? 5   LEU B O   1 
ATOM   471  C CB  . LEU B 1 5  ? 14.206  -3.935  -1.969  1.00 17.02 ? 5   LEU B CB  1 
ATOM   472  C CG  . LEU B 1 5  ? 14.371  -4.885  -0.767  1.00 17.78 ? 5   LEU B CG  1 
ATOM   473  C CD1 . LEU B 1 5  ? 13.481  -6.105  -0.927  1.00 17.50 ? 5   LEU B CD1 1 
ATOM   474  C CD2 . LEU B 1 5  ? 15.820  -5.347  -0.599  0.80 19.27 ? 5   LEU B CD2 1 
ATOM   475  N N   . CYS B 1 6  ? 12.890  -1.553  -0.433  1.00 15.16 ? 6   CYS B N   1 
ATOM   476  C CA  . CYS B 1 6  ? 12.594  -1.002  0.895   1.00 14.52 ? 6   CYS B CA  1 
ATOM   477  C C   . CYS B 1 6  ? 11.159  -0.566  1.028   1.00 14.65 ? 6   CYS B C   1 
ATOM   478  O O   . CYS B 1 6  ? 10.553  -0.755  2.088   1.00 13.29 ? 6   CYS B O   1 
ATOM   479  C CB  . CYS B 1 6  ? 13.520  0.140   1.232   1.00 15.20 ? 6   CYS B CB  1 
ATOM   480  S SG  . CYS B 1 6  ? 15.170  -0.522  1.369   1.00 18.98 ? 6   CYS B SG  1 
ATOM   481  N N   . GLY B 1 7  ? 10.566  -0.052  -0.027  1.00 14.67 ? 7   GLY B N   1 
ATOM   482  C CA  . GLY B 1 7  ? 9.153   0.239   -0.009  1.00 14.33 ? 7   GLY B CA  1 
ATOM   483  C C   . GLY B 1 7  ? 8.298   -0.991  0.200   1.00 14.10 ? 7   GLY B C   1 
ATOM   484  O O   . GLY B 1 7  ? 7.326   -0.958  0.952   1.00 14.58 ? 7   GLY B O   1 
ATOM   485  N N   . ALA B 1 8  ? 8.629   -2.058  -0.504  1.00 13.51 ? 8   ALA B N   1 
ATOM   486  C CA  . ALA B 1 8  ? 7.931   -3.323  -0.413  1.00 14.07 ? 8   ALA B CA  1 
ATOM   487  C C   . ALA B 1 8  ? 8.086   -3.954  0.980   1.00 12.98 ? 8   ALA B C   1 
ATOM   488  O O   . ALA B 1 8  ? 7.121   -4.505  1.530   1.00 13.33 ? 8   ALA B O   1 
ATOM   489  C CB  . ALA B 1 8  ? 8.426   -4.265  -1.504  1.00 14.50 ? 8   ALA B CB  1 
ATOM   490  N N   . GLU B 1 9  ? 9.263   -3.825  1.567   1.00 12.34 ? 9   GLU B N   1 
ATOM   491  C CA  . GLU B 1 9  ? 9.495   -4.311  2.922   1.00 11.91 ? 9   GLU B CA  1 
ATOM   492  C C   . GLU B 1 9  ? 8.618   -3.582  3.912   1.00 12.34 ? 9   GLU B C   1 
ATOM   493  O O   . GLU B 1 9  ? 8.074   -4.201  4.832   1.00 12.25 ? 9   GLU B O   1 
ATOM   494  C CB  . GLU B 1 9  ? 10.947  -4.128  3.315   1.00 11.55 ? 9   GLU B CB  1 
ATOM   495  C CG  . GLU B 1 9  ? 11.903  -5.129  2.665   1.00 12.24 ? 9   GLU B CG  1 
ATOM   496  C CD  . GLU B 1 9  ? 13.355  -4.812  2.953   1.00 12.75 ? 9   GLU B CD  1 
ATOM   497  O OE1 . GLU B 1 9  ? 13.644  -3.638  3.282   1.00 14.12 ? 9   GLU B OE1 1 
ATOM   498  O OE2 . GLU B 1 9  ? 14.224  -5.701  2.787   1.00 14.97 ? 9   GLU B OE2 1 
ATOM   499  N N   . LEU B 1 10 ? 8.425   -2.295  3.725   1.00 11.93 ? 10  LEU B N   1 
ATOM   500  C CA  . LEU B 1 10 ? 7.574   -1.544  4.618   1.00 11.91 ? 10  LEU B CA  1 
ATOM   501  C C   . LEU B 1 10 ? 6.109   -1.984  4.523   1.00 11.95 ? 10  LEU B C   1 
ATOM   502  O O   . LEU B 1 10 ? 5.462   -2.236  5.520   1.00 11.96 ? 10  LEU B O   1 
ATOM   503  C CB  . LEU B 1 10 ? 7.663   -0.049  4.347   1.00 12.30 ? 10  LEU B CB  1 
ATOM   504  C CG  . LEU B 1 10 ? 6.662   0.818   5.122   1.00 12.88 ? 10  LEU B CG  1 
ATOM   505  C CD1 . LEU B 1 10 ? 6.792   0.658   6.633   1.00 15.60 ? 10  LEU B CD1 1 
ATOM   506  C CD2 . LEU B 1 10 ? 6.875   2.291   4.819   1.00 14.98 ? 10  LEU B CD2 1 
ATOM   507  N N   . VAL B 1 11 ? 5.595   -2.174  3.311   1.00 11.96 ? 11  VAL B N   1 
ATOM   508  C CA  . VAL B 1 11 ? 4.245   -2.677  3.137   1.00 13.04 ? 11  VAL B CA  1 
ATOM   509  C C   . VAL B 1 11 ? 4.089   -4.045  3.816   1.00 12.16 ? 11  VAL B C   1 
ATOM   510  O O   . VAL B 1 11 ? 3.092   -4.319  4.470   1.00 12.33 ? 11  VAL B O   1 
ATOM   511  C CB  . VAL B 1 11 ? 3.869   -2.743  1.627   1.00 12.81 ? 11  VAL B CB  1 
ATOM   512  C CG1 . VAL B 1 11 ? 2.580   -3.472  1.379   1.00 15.36 ? 11  VAL B CG1 1 
ATOM   513  C CG2 . VAL B 1 11 ? 3.835   -1.334  1.077   1.00 15.24 ? 11  VAL B CG2 1 
ATOM   514  N N   . ASP B 1 12 ? 5.082   -4.901  3.635   1.00 12.26 ? 12  ASP B N   1 
ATOM   515  C CA  . ASP B 1 12 ? 5.003   -6.244  4.216   1.00 12.10 ? 12  ASP B CA  1 
ATOM   516  C C   . ASP B 1 12 ? 5.015   -6.157  5.755   1.00 12.26 ? 12  ASP B C   1 
ATOM   517  O O   . ASP B 1 12 ? 4.286   -6.916  6.404   1.00 13.14 ? 12  ASP B O   1 
ATOM   518  C CB  . ASP B 1 12 ? 6.162   -7.141  3.736   1.00 13.40 ? 12  ASP B CB  1 
ATOM   519  C CG  . ASP B 1 12 ? 5.998   -7.606  2.306   1.00 16.23 ? 12  ASP B CG  1 
ATOM   520  O OD1 . ASP B 1 12 ? 4.966   -7.295  1.655   1.00 19.14 ? 12  ASP B OD1 1 
ATOM   521  O OD2 . ASP B 1 12 ? 6.915   -8.262  1.774   1.00 20.62 ? 12  ASP B OD2 1 
ATOM   522  N N   . ALA B 1 13 ? 5.810   -5.251  6.336   1.00 11.48 ? 13  ALA B N   1 
ATOM   523  C CA  . ALA B 1 13 ? 5.888   -5.123  7.786   1.00 12.15 ? 13  ALA B CA  1 
ATOM   524  C C   . ALA B 1 13 ? 4.568   -4.590  8.306   1.00 12.18 ? 13  ALA B C   1 
ATOM   525  O O   . ALA B 1 13 ? 4.091   -5.048  9.327   1.00 12.87 ? 13  ALA B O   1 
ATOM   526  C CB  . ALA B 1 13 ? 7.024   -4.217  8.158   1.00 12.38 ? 13  ALA B CB  1 
ATOM   527  N N   . LEU B 1 14 ? 3.990   -3.605  7.636   1.00 11.50 ? 14  LEU B N   1 
ATOM   528  C CA  . LEU B 1 14 ? 2.665   -3.123  8.004   1.00 11.73 ? 14  LEU B CA  1 
ATOM   529  C C   . LEU B 1 14 ? 1.624   -4.242  7.970   1.00 12.20 ? 14  LEU B C   1 
ATOM   530  O O   . LEU B 1 14 ? 0.804   -4.366  8.878   1.00 12.56 ? 14  LEU B O   1 
ATOM   531  C CB  . LEU B 1 14 ? 2.248   -1.965  7.061   1.00 11.98 ? 14  LEU B CB  1 
ATOM   532  C CG  . LEU B 1 14 ? 2.928   -0.629  7.369   1.00 13.11 ? 14  LEU B CG  1 
ATOM   533  C CD1 . LEU B 1 14 ? 3.011   0.295   6.167   1.00 14.28 ? 14  LEU B CD1 1 
ATOM   534  C CD2 . LEU B 1 14 ? 2.276   0.075   8.543   1.00 13.50 ? 14  LEU B CD2 1 
ATOM   535  N N   . GLN B 1 15 ? 1.650   -5.073  6.928   1.00 11.92 ? 15  GLN B N   1 
ATOM   536  C CA  . GLN B 1 15 ? 0.712   -6.181  6.822   1.00 11.84 ? 15  GLN B CA  1 
ATOM   537  C C   . GLN B 1 15 ? 0.938   -7.170  7.960   1.00 12.25 ? 15  GLN B C   1 
ATOM   538  O O   . GLN B 1 15 ? -0.034  -7.655  8.558   1.00 13.91 ? 15  GLN B O   1 
ATOM   539  C CB  . GLN B 1 15 ? 0.815   -6.874  5.462   1.00 12.75 ? 15  GLN B CB  1 
ATOM   540  C CG  . GLN B 1 15 ? -0.162  -8.042  5.313   1.00 13.06 ? 15  GLN B CG  1 
ATOM   541  C CD  . GLN B 1 15 ? -1.597  -7.593  5.318   1.00 14.57 ? 15  GLN B CD  1 
ATOM   542  O OE1 . GLN B 1 15 ? -1.922  -6.527  4.824   1.00 13.88 ? 15  GLN B OE1 1 
ATOM   543  N NE2 . GLN B 1 15 ? -2.466  -8.397  5.955   1.00 16.59 ? 15  GLN B NE2 1 
ATOM   544  N N   . PHE B 1 16 ? 2.191   -7.476  8.273   1.00 12.64 ? 16  PHE B N   1 
ATOM   545  C CA  . PHE B 1 16 ? 2.479   -8.424  9.354   1.00 13.18 ? 16  PHE B CA  1 
ATOM   546  C C   . PHE B 1 16 ? 1.889   -7.908  10.665  1.00 13.34 ? 16  PHE B C   1 
ATOM   547  O O   . PHE B 1 16 ? 1.231   -8.669  11.397  1.00 14.06 ? 16  PHE B O   1 
ATOM   548  C CB  . PHE B 1 16 ? 3.977   -8.607  9.498   1.00 13.15 ? 16  PHE B CB  1 
ATOM   549  C CG  . PHE B 1 16 ? 4.355   -9.540  10.611  1.00 13.70 ? 16  PHE B CG  1 
ATOM   550  C CD1 . PHE B 1 16 ? 4.021   -10.876 10.547  1.00 13.32 ? 16  PHE B CD1 1 
ATOM   551  C CD2 . PHE B 1 16 ? 4.997   -9.075  11.736  1.00 15.43 ? 16  PHE B CD2 1 
ATOM   552  C CE1 . PHE B 1 16 ? 4.384   -11.768 11.587  1.00 15.36 ? 16  PHE B CE1 1 
ATOM   553  C CE2 . PHE B 1 16 ? 5.337   -9.947  12.776  1.00 16.55 ? 16  PHE B CE2 1 
ATOM   554  C CZ  . PHE B 1 16 ? 5.011   -11.280 12.683  1.00 15.75 ? 16  PHE B CZ  1 
ATOM   555  N N   . VAL B 1 17 ? 2.118   -6.638  10.971  1.00 12.84 ? 17  VAL B N   1 
ATOM   556  C CA  . VAL B 1 17 ? 1.687   -6.066  12.245  1.00 13.89 ? 17  VAL B CA  1 
ATOM   557  C C   . VAL B 1 17 ? 0.169   -5.920  12.294  1.00 13.91 ? 17  VAL B C   1 
ATOM   558  O O   . VAL B 1 17 ? -0.464  -6.278  13.298  1.00 15.83 ? 17  VAL B O   1 
ATOM   559  C CB  . VAL B 1 17 ? 2.381   -4.725  12.494  1.00 13.61 ? 17  VAL B CB  1 
ATOM   560  C CG1 . VAL B 1 17 ? 1.797   -4.015  13.708  1.00 15.41 ? 17  VAL B CG1 1 
ATOM   561  C CG2 . VAL B 1 17 ? 3.858   -4.943  12.688  1.00 14.33 ? 17  VAL B CG2 1 
ATOM   562  N N   . CYS B 1 18 ? -0.441  -5.420  11.213  1.00 14.02 ? 18  CYS B N   1 
ATOM   563  C CA  . CYS B 1 18 ? -1.868  -5.056  11.237  1.00 13.88 ? 18  CYS B CA  1 
ATOM   564  C C   . CYS B 1 18 ? -2.808  -6.188  10.866  1.00 15.42 ? 18  CYS B C   1 
ATOM   565  O O   . CYS B 1 18 ? -3.965  -6.181  11.300  1.00 17.51 ? 18  CYS B O   1 
ATOM   566  C CB  . CYS B 1 18 ? -2.083  -3.841  10.341  1.00 15.34 ? 18  CYS B CB  1 
ATOM   567  S SG  . CYS B 1 18 ? -1.121  -2.417  10.880  1.00 14.08 ? 18  CYS B SG  1 
ATOM   568  N N   . GLY B 1 19 ? -2.345  -7.156  10.089  1.00 15.48 ? 19  GLY B N   1 
ATOM   569  C CA  . GLY B 1 19 ? -3.143  -8.311  9.719   1.00 16.61 ? 19  GLY B CA  1 
ATOM   570  C C   . GLY B 1 19 ? -4.455  -7.926  9.075   1.00 17.48 ? 19  GLY B C   1 
ATOM   571  O O   . GLY B 1 19 ? -4.544  -7.034  8.238   1.00 17.97 ? 19  GLY B O   1 
ATOM   572  N N   . ASP B 1 20 ? -5.527  -8.597  9.490   1.00 18.44 ? 20  ASP B N   1 
ATOM   573  C CA  . ASP B 1 20 ? -6.821  -8.356  8.874   1.00 19.84 ? 20  ASP B CA  1 
ATOM   574  C C   . ASP B 1 20 ? -7.412  -6.975  9.174   1.00 19.52 ? 20  ASP B C   1 
ATOM   575  O O   . ASP B 1 20 ? -8.456  -6.624  8.600   1.00 22.14 ? 20  ASP B O   1 
ATOM   576  C CB  . ASP B 1 20 ? -7.819  -9.491  9.188   1.00 21.19 ? 20  ASP B CB  1 
ATOM   577  C CG  . ASP B 1 20 ? -8.117  -9.659  10.659  0.50 21.69 ? 20  ASP B CG  1 
ATOM   578  O OD1 . ASP B 1 20 ? -7.870  -8.748  11.462  0.50 22.42 ? 20  ASP B OD1 1 
ATOM   579  O OD2 . ASP B 1 20 ? -8.661  -10.705 11.099  0.50 25.17 ? 20  ASP B OD2 1 
ATOM   580  N N   . ARG B 1 21 ? -6.806  -6.166  10.058  1.00 18.90 ? 21  ARG B N   1 
ATOM   581  C CA  . ARG B 1 21 ? -7.255  -4.800  10.287  1.00 18.49 ? 21  ARG B CA  1 
ATOM   582  C C   . ARG B 1 21 ? -6.994  -3.874  9.106   1.00 17.69 ? 21  ARG B C   1 
ATOM   583  O O   . ARG B 1 21 ? -7.723  -2.912  8.888   1.00 19.16 ? 21  ARG B O   1 
ATOM   584  C CB  . ARG B 1 21 ? -6.599  -4.176  11.525  1.00 18.67 ? 21  ARG B CB  1 
ATOM   585  C CG  . ARG B 1 21 ? -6.926  -4.848  12.832  1.00 20.70 ? 21  ARG B CG  1 
ATOM   586  C CD  . ARG B 1 21 ? -6.155  -4.258  13.973  1.00 22.10 ? 21  ARG B CD  1 
ATOM   587  N NE  . ARG B 1 21 ? -4.800  -4.801  14.062  1.00 23.50 ? 21  ARG B NE  1 
ATOM   588  C CZ  . ARG B 1 21 ? -3.883  -4.323  14.894  1.00 22.66 ? 21  ARG B CZ  1 
ATOM   589  N NH1 . ARG B 1 21 ? -4.163  -3.263  15.643  1.00 22.64 ? 21  ARG B NH1 1 
ATOM   590  N NH2 . ARG B 1 21 ? -2.690  -4.871  14.958  1.00 21.44 ? 21  ARG B NH2 1 
ATOM   591  N N   . GLY B 1 22 ? -5.928  -4.128  8.360   1.00 15.60 ? 22  GLY B N   1 
ATOM   592  C CA  . GLY B 1 22 ? -5.445  -3.196  7.373   1.00 15.02 ? 22  GLY B CA  1 
ATOM   593  C C   . GLY B 1 22 ? -4.768  -2.015  8.030   1.00 14.78 ? 22  GLY B C   1 
ATOM   594  O O   . GLY B 1 22 ? -4.667  -1.970  9.270   1.00 15.23 ? 22  GLY B O   1 
ATOM   595  N N   . PHE B 1 23 ? -4.281  -1.086  7.242   1.00 14.18 ? 23  PHE B N   1 
ATOM   596  C CA  . PHE B 1 23 ? -3.527  0.046   7.748   1.00 14.54 ? 23  PHE B CA  1 
ATOM   597  C C   . PHE B 1 23 ? -3.739  1.265   6.909   1.00 15.55 ? 23  PHE B C   1 
ATOM   598  O O   . PHE B 1 23 ? -4.113  1.165   5.749   1.00 15.55 ? 23  PHE B O   1 
ATOM   599  C CB  . PHE B 1 23 ? -2.015  -0.259  7.829   1.00 13.52 ? 23  PHE B CB  1 
ATOM   600  C CG  . PHE B 1 23 ? -1.414  -0.860  6.570   1.00 12.76 ? 23  PHE B CG  1 
ATOM   601  C CD1 . PHE B 1 23 ? -0.810  -0.080  5.630   1.00 12.55 ? 23  PHE B CD1 1 
ATOM   602  C CD2 . PHE B 1 23 ? -1.438  -2.240  6.377   1.00 12.68 ? 23  PHE B CD2 1 
ATOM   603  C CE1 . PHE B 1 23 ? -0.269  -0.638  4.480   1.00 13.27 ? 23  PHE B CE1 1 
ATOM   604  C CE2 . PHE B 1 23 ? -0.859  -2.788  5.270   1.00 13.73 ? 23  PHE B CE2 1 
ATOM   605  C CZ  . PHE B 1 23 ? -0.276  -1.996  4.326   1.00 14.17 ? 23  PHE B CZ  1 
ATOM   606  N N   A TYR B 1 24 ? -3.485  2.421   7.512   0.70 14.81 ? 24  TYR B N   1 
ATOM   607  N N   B TYR B 1 24 ? -3.476  2.437   7.472   0.30 15.32 ? 24  TYR B N   1 
ATOM   608  C CA  A TYR B 1 24 ? -3.467  3.731   6.883   0.70 15.89 ? 24  TYR B CA  1 
ATOM   609  C CA  B TYR B 1 24 ? -3.551  3.669   6.711   0.30 16.09 ? 24  TYR B CA  1 
ATOM   610  C C   A TYR B 1 24 ? -2.110  3.965   6.235   0.70 15.84 ? 24  TYR B C   1 
ATOM   611  C C   B TYR B 1 24 ? -2.173  4.098   6.227   0.30 15.85 ? 24  TYR B C   1 
ATOM   612  O O   A TYR B 1 24 ? -1.088  3.898   6.944   0.70 16.03 ? 24  TYR B O   1 
ATOM   613  O O   B TYR B 1 24 ? -1.244  4.336   7.004   0.30 15.98 ? 24  TYR B O   1 
ATOM   614  C CB  A TYR B 1 24 ? -3.691  4.811   7.981   0.70 17.10 ? 24  TYR B CB  1 
ATOM   615  C CB  B TYR B 1 24 ? -4.221  4.775   7.510   0.30 16.51 ? 24  TYR B CB  1 
ATOM   616  C CG  A TYR B 1 24 ? -3.607  6.245   7.505   0.70 18.78 ? 24  TYR B CG  1 
ATOM   617  C CG  B TYR B 1 24 ? -5.679  4.526   7.750   0.30 19.07 ? 24  TYR B CG  1 
ATOM   618  C CD1 A TYR B 1 24 ? -4.438  6.702   6.495   0.70 19.69 ? 24  TYR B CD1 1 
ATOM   619  C CD1 B TYR B 1 24 ? -6.097  3.799   8.852   0.30 20.35 ? 24  TYR B CD1 1 
ATOM   620  C CD2 A TYR B 1 24 ? -2.711  7.157   8.070   0.70 19.03 ? 24  TYR B CD2 1 
ATOM   621  C CD2 B TYR B 1 24 ? -6.644  5.003   6.871   0.30 21.55 ? 24  TYR B CD2 1 
ATOM   622  C CE1 A TYR B 1 24 ? -4.373  7.994   6.051   0.70 17.67 ? 24  TYR B CE1 1 
ATOM   623  C CE1 B TYR B 1 24 ? -7.437  3.562   9.086   0.30 22.39 ? 24  TYR B CE1 1 
ATOM   624  C CE2 A TYR B 1 24 ? -2.654  8.475   7.621   0.70 19.87 ? 24  TYR B CE2 1 
ATOM   625  C CE2 B TYR B 1 24 ? -7.999  4.781   7.108   0.30 21.86 ? 24  TYR B CE2 1 
ATOM   626  C CZ  A TYR B 1 24 ? -3.498  8.877   6.606   0.70 20.91 ? 24  TYR B CZ  1 
ATOM   627  C CZ  B TYR B 1 24 ? -8.380  4.049   8.211   0.30 21.88 ? 24  TYR B CZ  1 
ATOM   628  O OH  A TYR B 1 24 ? -3.462  10.152  6.107   0.70 23.49 ? 24  TYR B OH  1 
ATOM   629  O OH  B TYR B 1 24 ? -9.712  3.803   8.467   0.30 25.27 ? 24  TYR B OH  1 
ATOM   630  N N   . PHE B 1 25 ? -2.076  4.200   4.912   1.00 15.97 ? 25  PHE B N   1 
ATOM   631  C CA  . PHE B 1 25 ? -0.854  4.492   4.191   1.00 15.66 ? 25  PHE B CA  1 
ATOM   632  C C   . PHE B 1 25 ? -0.897  5.926   3.728   1.00 16.83 ? 25  PHE B C   1 
ATOM   633  O O   . PHE B 1 25 ? -1.754  6.324   2.927   1.00 17.61 ? 25  PHE B O   1 
ATOM   634  C CB  . PHE B 1 25 ? -0.718  3.541   2.993   1.00 15.81 ? 25  PHE B CB  1 
ATOM   635  C CG  . PHE B 1 25 ? 0.606   3.618   2.315   1.00 16.50 ? 25  PHE B CG  1 
ATOM   636  C CD1 . PHE B 1 25 ? 1.675   2.860   2.766   1.00 17.55 ? 25  PHE B CD1 1 
ATOM   637  C CD2 . PHE B 1 25 ? 0.822   4.509   1.266   1.00 16.62 ? 25  PHE B CD2 1 
ATOM   638  C CE1 . PHE B 1 25 ? 2.910   2.940   2.144   1.00 18.75 ? 25  PHE B CE1 1 
ATOM   639  C CE2 . PHE B 1 25 ? 2.088   4.622   0.665   1.00 17.18 ? 25  PHE B CE2 1 
ATOM   640  C CZ  . PHE B 1 25 ? 3.093   3.817   1.087   1.00 17.82 ? 25  PHE B CZ  1 
ATOM   641  N N   . ASN B 1 26 ? 0.071   6.705   4.210   1.00 17.03 ? 26  ASN B N   1 
ATOM   642  C CA  . ASN B 1 26 ? 0.233   8.105   3.907   1.00 18.34 ? 26  ASN B CA  1 
ATOM   643  C C   . ASN B 1 26 ? 1.609   8.226   3.308   1.00 18.20 ? 26  ASN B C   1 
ATOM   644  O O   . ASN B 1 26 ? 2.614   7.964   4.007   1.00 17.95 ? 26  ASN B O   1 
ATOM   645  C CB  . ASN B 1 26 ? 0.105   8.909   5.225   1.00 19.36 ? 26  ASN B CB  1 
ATOM   646  C CG  . ASN B 1 26 ? 0.374   10.385  5.057   0.50 21.47 ? 26  ASN B CG  1 
ATOM   647  O OD1 . ASN B 1 26 ? -0.547  11.206  5.027   0.50 23.51 ? 26  ASN B OD1 1 
ATOM   648  N ND2 . ASN B 1 26 ? 1.637   10.735  4.973   1.00 26.09 ? 26  ASN B ND2 1 
ATOM   649  N N   . LYS B 1 27 ? 1.715   8.629   2.046   1.00 17.61 ? 27  LYS B N   1 
ATOM   650  C CA  . LYS B 1 27 ? 2.967   8.541   1.299   1.00 17.72 ? 27  LYS B CA  1 
ATOM   651  C C   . LYS B 1 27 ? 4.114   9.314   1.948   1.00 17.44 ? 27  LYS B C   1 
ATOM   652  O O   . LYS B 1 27 ? 5.200   8.770   2.065   1.00 15.42 ? 27  LYS B O   1 
ATOM   653  C CB  . LYS B 1 27 ? 2.796   8.973   -0.162  1.00 18.80 ? 27  LYS B CB  1 
ATOM   654  C CG  . LYS B 1 27 ? 3.975   8.664   -1.054  1.00 22.37 ? 27  LYS B CG  1 
ATOM   655  C CD  . LYS B 1 27 ? 3.591   8.877   -2.525  1.00 25.03 ? 27  LYS B CD  1 
ATOM   656  C CE  . LYS B 1 27 ? 4.821   8.797   -3.411  1.00 27.94 ? 27  LYS B CE  1 
ATOM   657  N NZ  . LYS B 1 27 ? 5.273   7.395   -3.562  1.00 31.13 ? 27  LYS B NZ  1 
ATOM   658  N N   . PRO B 1 28 ? 3.953   10.572  2.349   1.00 17.62 ? 28  PRO B N   1 
ATOM   659  C CA  . PRO B 1 28 ? 5.066   11.263  3.027   1.00 18.20 ? 28  PRO B CA  1 
ATOM   660  C C   . PRO B 1 28 ? 5.564   10.569  4.279   1.00 17.29 ? 28  PRO B C   1 
ATOM   661  O O   . PRO B 1 28 ? 6.785   10.523  4.467   1.00 17.09 ? 28  PRO B O   1 
ATOM   662  C CB  . PRO B 1 28 ? 4.479   12.627  3.391   1.00 19.26 ? 28  PRO B CB  1 
ATOM   663  C CG  . PRO B 1 28 ? 3.275   12.803  2.507   1.00 20.10 ? 28  PRO B CG  1 
ATOM   664  C CD  . PRO B 1 28 ? 2.789   11.464  2.134   1.00 18.31 ? 28  PRO B CD  1 
ATOM   665  N N   . LYS B 1 29 ? 4.681   10.053  5.124   1.00 16.51 ? 29  LYS B N   1 
ATOM   666  C CA  . LYS B 1 29 ? 5.106   9.330   6.311   1.00 17.61 ? 29  LYS B CA  1 
ATOM   667  C C   . LYS B 1 29 ? 5.839   8.055   5.894   1.00 16.86 ? 29  LYS B C   1 
ATOM   668  O O   . LYS B 1 29 ? 6.880   7.709   6.489   1.00 17.25 ? 29  LYS B O   1 
ATOM   669  C CB  . LYS B 1 29 ? 3.938   8.997   7.244   1.00 18.28 ? 29  LYS B CB  1 
ATOM   670  C CG  . LYS B 1 29 ? 3.236   10.230  7.858   1.00 22.15 ? 29  LYS B CG  1 
ATOM   671  C CD  . LYS B 1 29 ? 4.148   11.068  8.743   1.00 28.41 ? 29  LYS B CD  1 
ATOM   672  C CE  . LYS B 1 29 ? 3.523   12.435  9.028   0.50 29.12 ? 29  LYS B CE  1 
ATOM   673  N NZ  . LYS B 1 29 ? 3.744   12.861  10.434  1.00 32.65 ? 29  LYS B NZ  1 
ATOM   674  N N   . ALA B 1 30 ? 5.336   7.350   4.878   1.00 16.28 ? 30  ALA B N   1 
ATOM   675  C CA  . ALA B 1 30 ? 5.983   6.123   4.425   1.00 15.64 ? 30  ALA B CA  1 
ATOM   676  C C   . ALA B 1 30 ? 7.383   6.413   3.898   1.00 15.18 ? 30  ALA B C   1 
ATOM   677  O O   . ALA B 1 30 ? 8.342   5.660   4.152   1.00 15.05 ? 30  ALA B O   1 
ATOM   678  C CB  . ALA B 1 30 ? 5.117   5.401   3.365   1.00 15.42 ? 30  ALA B CB  1 
ATOM   679  N N   . LYS B 1 31 ? 7.551   7.525   3.188   1.00 15.18 ? 31  LYS B N   1 
ATOM   680  C CA  . LYS B 1 31 ? 8.847   7.915   2.674   1.00 16.35 ? 31  LYS B CA  1 
ATOM   681  C C   . LYS B 1 31 ? 9.807   8.174   3.835   1.00 15.18 ? 31  LYS B C   1 
ATOM   682  O O   . LYS B 1 31 ? 10.972  7.751   3.773   1.00 15.83 ? 31  LYS B O   1 
ATOM   683  C CB  . LYS B 1 31 ? 8.741   9.167   1.807   1.00 17.61 ? 31  LYS B CB  1 
ATOM   684  C CG  . LYS B 1 31 ? 10.084  9.688   1.340   1.00 22.74 ? 31  LYS B CG  1 
ATOM   685  C CD  . LYS B 1 31 ? 10.805  8.749   0.409   0.50 25.19 ? 31  LYS B CD  1 
ATOM   686  C CE  . LYS B 1 31 ? 12.087  9.391   -0.126  0.50 27.56 ? 31  LYS B CE  1 
ATOM   687  N NZ  . LYS B 1 31 ? 13.047  8.380   -0.653  1.00 32.62 ? 31  LYS B NZ  1 
ATOM   688  N N   . GLY B 1 32 ? 9.346   8.834   4.899   1.00 14.42 ? 32  GLY B N   1 
ATOM   689  C CA  . GLY B 1 32 ? 10.180  9.060   6.080   1.00 15.69 ? 32  GLY B CA  1 
ATOM   690  C C   . GLY B 1 32 ? 10.638  7.765   6.702   1.00 15.40 ? 32  GLY B C   1 
ATOM   691  O O   . GLY B 1 32 ? 11.794  7.633   7.139   1.00 15.24 ? 32  GLY B O   1 
ATOM   692  N N   . ILE B 1 33 ? 9.755   6.800   6.811   1.00 13.95 ? 33  ILE B N   1 
ATOM   693  C CA  . ILE B 1 33 ? 10.081  5.501   7.379   1.00 14.15 ? 33  ILE B CA  1 
ATOM   694  C C   . ILE B 1 33 ? 11.072  4.734   6.482   1.00 14.49 ? 33  ILE B C   1 
ATOM   695  O O   . ILE B 1 33 ? 12.043  4.144   6.978   1.00 14.88 ? 33  ILE B O   1 
ATOM   696  C CB  . ILE B 1 33 ? 8.832   4.674   7.669   1.00 13.88 ? 33  ILE B CB  1 
ATOM   697  C CG1 . ILE B 1 33 ? 8.016   5.335   8.795   1.00 14.03 ? 33  ILE B CG1 1 
ATOM   698  C CG2 . ILE B 1 33 ? 9.194   3.257   8.090   1.00 15.09 ? 33  ILE B CG2 1 
ATOM   699  C CD1 . ILE B 1 33 ? 6.630   4.794   8.877   1.00 16.39 ? 33  ILE B CD1 1 
ATOM   700  N N   . VAL B 1 34 ? 10.852  4.719   5.176   1.00 14.87 ? 34  VAL B N   1 
ATOM   701  C CA  . VAL B 1 34 ? 11.789  4.071   4.260   1.00 15.56 ? 34  VAL B CA  1 
ATOM   702  C C   . VAL B 1 34 ? 13.155  4.735   4.331   1.00 16.45 ? 34  VAL B C   1 
ATOM   703  O O   . VAL B 1 34 ? 14.190  4.057   4.402   1.00 16.91 ? 34  VAL B O   1 
ATOM   704  C CB  . VAL B 1 34 ? 11.233  4.104   2.828   1.00 15.32 ? 34  VAL B CB  1 
ATOM   705  C CG1 . VAL B 1 34 ? 12.339  3.817   1.805   1.00 18.02 ? 34  VAL B CG1 1 
ATOM   706  C CG2 . VAL B 1 34 ? 10.096  3.108   2.717   1.00 17.10 ? 34  VAL B CG2 1 
ATOM   707  N N   . ASP B 1 35 ? 13.217  6.052   4.383   1.00 16.54 ? 35  ASP B N   1 
ATOM   708  C CA  . ASP B 1 35 ? 14.501  6.729   4.481   1.00 18.08 ? 35  ASP B CA  1 
ATOM   709  C C   . ASP B 1 35 ? 15.238  6.285   5.737   1.00 18.20 ? 35  ASP B C   1 
ATOM   710  O O   . ASP B 1 35 ? 16.457  6.091   5.689   1.00 20.50 ? 35  ASP B O   1 
ATOM   711  C CB  . ASP B 1 35 ? 14.309  8.252   4.530   1.00 18.54 ? 35  ASP B CB  1 
ATOM   712  C CG  . ASP B 1 35 ? 13.952  8.844   3.193   1.00 21.10 ? 35  ASP B CG  1 
ATOM   713  O OD1 . ASP B 1 35 ? 14.084  8.175   2.152   1.00 24.55 ? 35  ASP B OD1 1 
ATOM   714  O OD2 . ASP B 1 35 ? 13.524  10.016  3.131   1.00 24.99 ? 35  ASP B OD2 1 
ATOM   715  N N   A GLU B 1 36 ? 14.509  6.119   6.825   0.50 18.19 ? 36  GLU B N   1 
ATOM   716  N N   B GLU B 1 36 ? 14.518  6.135   6.860   0.50 18.20 ? 36  GLU B N   1 
ATOM   717  C CA  A GLU B 1 36 ? 15.079  5.713   8.109   0.50 19.15 ? 36  GLU B CA  1 
ATOM   718  C CA  B GLU B 1 36 ? 15.067  5.634   8.161   0.50 19.08 ? 36  GLU B CA  1 
ATOM   719  C C   A GLU B 1 36 ? 15.459  4.229   8.170   0.50 19.25 ? 36  GLU B C   1 
ATOM   720  C C   B GLU B 1 36 ? 15.526  4.205   8.093   0.50 19.34 ? 36  GLU B C   1 
ATOM   721  O O   A GLU B 1 36 ? 16.462  3.876   8.830   0.50 19.74 ? 36  GLU B O   1 
ATOM   722  O O   B GLU B 1 36 ? 16.601  3.855   8.617   0.50 19.78 ? 36  GLU B O   1 
ATOM   723  C CB  A GLU B 1 36 ? 14.065  6.047   9.212   0.50 19.39 ? 36  GLU B CB  1 
ATOM   724  C CB  B GLU B 1 36 ? 14.010  5.685   9.305   0.50 19.26 ? 36  GLU B CB  1 
ATOM   725  C CG  A GLU B 1 36 ? 14.405  5.520   10.591  0.50 18.79 ? 36  GLU B CG  1 
ATOM   726  C CG  B GLU B 1 36 ? 14.364  4.909   10.608  0.50 18.86 ? 36  GLU B CG  1 
ATOM   727  C CD  A GLU B 1 36 ? 15.735  6.023   11.089  0.50 18.39 ? 36  GLU B CD  1 
ATOM   728  C CD  B GLU B 1 36 ? 13.650  3.544   10.784  0.50 19.81 ? 36  GLU B CD  1 
ATOM   729  O OE1 A GLU B 1 36 ? 16.048  7.197   10.840  0.50 15.80 ? 36  GLU B OE1 1 
ATOM   730  O OE1 B GLU B 1 36 ? 12.820  3.217   9.964   0.50 12.20 ? 36  GLU B OE1 1 
ATOM   731  O OE2 A GLU B 1 36 ? 16.454  5.232   11.751  0.50 17.22 ? 36  GLU B OE2 1 
ATOM   732  O OE2 B GLU B 1 36 ? 13.916  2.734   11.728  0.50 10.68 ? 36  GLU B OE2 1 
ATOM   733  N N   . CYS B 1 37 ? 14.706  3.360   7.505   1.00 18.83 ? 37  CYS B N   1 
ATOM   734  C CA  . CYS B 1 37 ? 14.846  1.901   7.652   1.00 18.39 ? 37  CYS B CA  1 
ATOM   735  C C   . CYS B 1 37 ? 15.393  1.138   6.484   1.00 19.28 ? 37  CYS B C   1 
ATOM   736  O O   . CYS B 1 37 ? 15.580  -0.093  6.559   1.00 19.03 ? 37  CYS B O   1 
ATOM   737  C CB  . CYS B 1 37 ? 13.469  1.244   7.947   1.00 18.15 ? 37  CYS B CB  1 
ATOM   738  S SG  . CYS B 1 37 ? 12.699  1.862   9.450   0.50 13.78 ? 37  CYS B SG  1 
ATOM   739  N N   . CYS B 1 38 ? 15.629  1.793   5.389   1.00 17.85 ? 38  CYS B N   1 
ATOM   740  C CA  . CYS B 1 38 ? 16.080  1.070   4.230   1.00 17.20 ? 38  CYS B CA  1 
ATOM   741  C C   . CYS B 1 38 ? 17.491  0.501   4.446   1.00 16.95 ? 38  CYS B C   1 
ATOM   742  O O   . CYS B 1 38 ? 17.815  -0.548  3.851   0.80 16.79 ? 38  CYS B O   1 
ATOM   743  C CB  . CYS B 1 38 ? 16.058  1.964   3.015   1.00 17.32 ? 38  CYS B CB  1 
ATOM   744  S SG  . CYS B 1 38 ? 16.406  1.086   1.455   0.80 17.45 ? 38  CYS B SG  1 
ATOM   745  N N   . PHE B 1 39 ? 18.305  1.146   5.305   1.00 16.78 ? 39  PHE B N   1 
ATOM   746  C CA  . PHE B 1 39 ? 19.666  0.698   5.602   1.00 18.93 ? 39  PHE B CA  1 
ATOM   747  C C   . PHE B 1 39 ? 19.972  0.558   7.069   1.00 20.18 ? 39  PHE B C   1 
ATOM   748  O O   . PHE B 1 39 ? 21.157  0.495   7.446   1.00 21.50 ? 39  PHE B O   1 
ATOM   749  C CB  . PHE B 1 39 ? 20.659  1.655   4.928   1.00 18.92 ? 39  PHE B CB  1 
ATOM   750  C CG  . PHE B 1 39 ? 20.398  1.842   3.474   1.00 21.60 ? 39  PHE B CG  1 
ATOM   751  C CD1 . PHE B 1 39 ? 19.719  2.957   2.997   1.00 22.69 ? 39  PHE B CD1 1 
ATOM   752  C CD2 . PHE B 1 39 ? 20.772  0.858   2.566   1.00 24.57 ? 39  PHE B CD2 1 
ATOM   753  C CE1 . PHE B 1 39 ? 19.436  3.089   1.628   1.00 25.85 ? 39  PHE B CE1 1 
ATOM   754  C CE2 . PHE B 1 39 ? 20.519  0.999   1.216   1.00 25.60 ? 39  PHE B CE2 1 
ATOM   755  C CZ  . PHE B 1 39 ? 19.852  2.108   0.740   1.00 24.39 ? 39  PHE B CZ  1 
ATOM   756  N N   . ARG B 1 40 ? 18.955  0.533   7.914   1.00 21.19 ? 40  ARG B N   1 
ATOM   757  C CA  . ARG B 1 40 ? 19.062  0.421   9.362   1.00 21.74 ? 40  ARG B CA  1 
ATOM   758  C C   . ARG B 1 40 ? 18.043  -0.558  9.839   1.00 22.63 ? 40  ARG B C   1 
ATOM   759  O O   . ARG B 1 40 ? 17.027  -0.753  9.219   1.00 21.48 ? 40  ARG B O   1 
ATOM   760  C CB  . ARG B 1 40 ? 18.766  1.753   10.109  1.00 22.72 ? 40  ARG B CB  1 
ATOM   761  C CG  . ARG B 1 40 ? 19.663  2.855   9.766   1.00 23.86 ? 40  ARG B CG  1 
ATOM   762  C CD  . ARG B 1 40 ? 19.748  3.904   10.795  1.00 19.72 ? 40  ARG B CD  1 
ATOM   763  N NE  . ARG B 1 40 ? 20.588  4.989   10.352  1.00 21.94 ? 40  ARG B NE  1 
ATOM   764  C CZ  . ARG B 1 40 ? 20.189  5.977   9.605   1.00 21.30 ? 40  ARG B CZ  1 
ATOM   765  N NH1 . ARG B 1 40 ? 18.914  6.013   9.209   1.00 18.98 ? 40  ARG B NH1 1 
ATOM   766  N NH2 . ARG B 1 40 ? 21.014  6.945   9.268   1.00 22.06 ? 40  ARG B NH2 1 
ATOM   767  N N   A SER B 1 41 ? 18.293  -1.130  11.001  0.50 23.43 ? 41  SER B N   1 
ATOM   768  N N   B SER B 1 41 ? 18.293  -1.125  10.998  0.50 23.02 ? 41  SER B N   1 
ATOM   769  C CA  A SER B 1 41 ? 17.328  -2.008  11.625  0.50 23.32 ? 41  SER B CA  1 
ATOM   770  C CA  B SER B 1 41 ? 17.318  -1.979  11.632  0.50 22.36 ? 41  SER B CA  1 
ATOM   771  C C   A SER B 1 41 ? 16.212  -1.129  12.176  0.50 23.15 ? 41  SER B C   1 
ATOM   772  C C   B SER B 1 41 ? 16.208  -1.120  12.195  0.50 22.74 ? 41  SER B C   1 
ATOM   773  O O   A SER B 1 41 ? 16.453  -0.003  12.642  0.50 24.30 ? 41  SER B O   1 
ATOM   774  O O   B SER B 1 41 ? 16.439  0.002   12.672  0.50 23.94 ? 41  SER B O   1 
ATOM   775  C CB  A SER B 1 41 ? 17.979  -2.772  12.776  0.50 22.66 ? 41  SER B CB  1 
ATOM   776  C CB  B SER B 1 41 ? 17.984  -2.786  12.736  0.50 21.60 ? 41  SER B CB  1 
ATOM   777  O OG  A SER B 1 41 ? 17.865  -2.005  13.964  0.50 24.77 ? 41  SER B OG  1 
ATOM   778  O OG  B SER B 1 41 ? 18.785  -3.741  12.116  0.50 19.01 ? 41  SER B OG  1 
ATOM   779  N N   . CYS B 1 42 ? 14.983  -1.622  12.109  1.00 22.47 ? 42  CYS B N   1 
ATOM   780  C CA  . CYS B 1 42 ? 13.858  -0.918  12.680  1.00 22.01 ? 42  CYS B CA  1 
ATOM   781  C C   . CYS B 1 42 ? 13.000  -1.859  13.494  1.00 21.37 ? 42  CYS B C   1 
ATOM   782  O O   . CYS B 1 42 ? 13.050  -3.089  13.285  1.00 22.99 ? 42  CYS B O   1 
ATOM   783  C CB  . CYS B 1 42 ? 13.035  -0.271  11.581  1.00 21.82 ? 42  CYS B CB  1 
ATOM   784  S SG  . CYS B 1 42 ? 13.882  1.173   10.929  0.50 15.07 ? 42  CYS B SG  1 
ATOM   785  N N   . ASP B 1 43 ? 12.272  -1.280  14.447  1.00 23.40 ? 43  ASP B N   1 
ATOM   786  C CA  . ASP B 1 43 ? 11.318  -2.000  15.307  1.00 23.24 ? 43  ASP B CA  1 
ATOM   787  C C   . ASP B 1 43 ? 9.920   -1.932  14.691  1.00 21.64 ? 43  ASP B C   1 
ATOM   788  O O   . ASP B 1 43 ? 9.241   -0.902  14.816  1.00 23.79 ? 43  ASP B O   1 
ATOM   789  C CB  . ASP B 1 43 ? 11.274  -1.426  16.732  1.00 22.92 ? 43  ASP B CB  1 
ATOM   790  C CG  . ASP B 1 43 ? 10.432  -2.286  17.700  1.00 21.36 ? 43  ASP B CG  1 
ATOM   791  O OD1 . ASP B 1 43 ? 9.741   -3.205  17.261  1.00 20.22 ? 43  ASP B OD1 1 
ATOM   792  O OD2 . ASP B 1 43 ? 10.452  -2.125  18.935  1.00 22.27 ? 43  ASP B OD2 1 
ATOM   793  N N   . LEU B 1 44 ? 9.484   -3.040  14.111  1.00 22.39 ? 44  LEU B N   1 
ATOM   794  C CA  . LEU B 1 44 ? 8.210   -3.041  13.377  1.00 22.20 ? 44  LEU B CA  1 
ATOM   795  C C   . LEU B 1 44 ? 7.042   -2.898  14.312  1.00 21.09 ? 44  LEU B C   1 
ATOM   796  O O   . LEU B 1 44 ? 5.953   -2.517  13.885  1.00 18.74 ? 44  LEU B O   1 
ATOM   797  C CB  . LEU B 1 44 ? 8.029   -4.267  12.457  1.00 23.64 ? 44  LEU B CB  1 
ATOM   798  C CG  . LEU B 1 44 ? 8.034   -5.739  12.899  1.00 26.38 ? 44  LEU B CG  1 
ATOM   799  C CD1 . LEU B 1 44 ? 7.039   -6.120  13.966  1.00 27.24 ? 44  LEU B CD1 1 
ATOM   800  C CD2 . LEU B 1 44 ? 7.809   -6.592  11.647  1.00 28.65 ? 44  LEU B CD2 1 
ATOM   801  N N   . ARG B 1 45 ? 7.235   -3.173  15.596  1.00 18.19 ? 45  ARG B N   1 
ATOM   802  C CA  . ARG B 1 45 ? 6.122   -3.074  16.513  1.00 18.09 ? 45  ARG B CA  1 
ATOM   803  C C   . ARG B 1 45 ? 5.565   -1.671  16.567  1.00 17.10 ? 45  ARG B C   1 
ATOM   804  O O   . ARG B 1 45 ? 4.373   -1.504  16.818  1.00 16.81 ? 45  ARG B O   1 
ATOM   805  C CB  . ARG B 1 45 ? 6.526   -3.507  17.918  1.00 17.35 ? 45  ARG B CB  1 
ATOM   806  C CG  . ARG B 1 45 ? 6.742   -4.995  18.082  1.00 20.79 ? 45  ARG B CG  1 
ATOM   807  C CD  . ARG B 1 45 ? 6.688   -5.453  19.528  1.00 23.78 ? 45  ARG B CD  1 
ATOM   808  N NE  . ARG B 1 45 ? 7.180   -6.823  19.678  1.00 25.35 ? 45  ARG B NE  1 
ATOM   809  C CZ  . ARG B 1 45 ? 7.622   -7.317  20.830  1.00 28.61 ? 45  ARG B CZ  1 
ATOM   810  N NH1 . ARG B 1 45 ? 7.636   -6.557  21.921  1.00 28.79 ? 45  ARG B NH1 1 
ATOM   811  N NH2 . ARG B 1 45 ? 8.053   -8.572  20.885  1.00 31.99 ? 45  ARG B NH2 1 
ATOM   812  N N   . ARG B 1 46 ? 6.387   -0.656  16.319  1.00 15.88 ? 46  ARG B N   1 
ATOM   813  C CA  . ARG B 1 46 ? 5.880   0.708   16.391  1.00 16.53 ? 46  ARG B CA  1 
ATOM   814  C C   . ARG B 1 46 ? 5.058   1.108   15.170  1.00 16.87 ? 46  ARG B C   1 
ATOM   815  O O   . ARG B 1 46 ? 4.487   2.190   15.155  1.00 17.88 ? 46  ARG B O   1 
ATOM   816  C CB  . ARG B 1 46 ? 6.983   1.693   16.700  1.00 17.59 ? 46  ARG B CB  1 
ATOM   817  C CG  . ARG B 1 46 ? 7.579   1.412   18.098  1.00 18.59 ? 46  ARG B CG  1 
ATOM   818  C CD  . ARG B 1 46 ? 8.765   2.225   18.472  1.00 22.64 ? 46  ARG B CD  1 
ATOM   819  N NE  . ARG B 1 46 ? 8.360   3.596   18.743  1.00 24.20 ? 46  ARG B NE  1 
ATOM   820  C CZ  . ARG B 1 46 ? 8.204   4.147   19.957  1.00 23.71 ? 46  ARG B CZ  1 
ATOM   821  N NH1 . ARG B 1 46 ? 8.394   3.464   21.084  1.00 25.91 ? 46  ARG B NH1 1 
ATOM   822  N NH2 . ARG B 1 46 ? 7.815   5.404   20.038  1.00 25.47 ? 46  ARG B NH2 1 
ATOM   823  N N   . LEU B 1 47 ? 4.954   0.205   14.188  1.00 15.16 ? 47  LEU B N   1 
ATOM   824  C CA  . LEU B 1 47 ? 4.009   0.398   13.076  1.00 15.11 ? 47  LEU B CA  1 
ATOM   825  C C   . LEU B 1 47 ? 2.554   0.228   13.504  1.00 16.46 ? 47  LEU B C   1 
ATOM   826  O O   . LEU B 1 47 ? 1.640   0.542   12.736  1.00 16.73 ? 47  LEU B O   1 
ATOM   827  C CB  . LEU B 1 47 ? 4.319   -0.556  11.915  1.00 14.05 ? 47  LEU B CB  1 
ATOM   828  C CG  . LEU B 1 47 ? 5.664   -0.294  11.185  1.00 15.01 ? 47  LEU B CG  1 
ATOM   829  C CD1 . LEU B 1 47 ? 5.968   -1.464  10.227  1.00 15.20 ? 47  LEU B CD1 1 
ATOM   830  C CD2 . LEU B 1 47 ? 5.716   0.993   10.468  1.00 14.70 ? 47  LEU B CD2 1 
ATOM   831  N N   . GLU B 1 48 ? 2.313   -0.284  14.704  1.00 16.56 ? 48  GLU B N   1 
ATOM   832  C CA  . GLU B 1 48 ? 0.961   -0.541  15.223  1.00 17.86 ? 48  GLU B CA  1 
ATOM   833  C C   . GLU B 1 48 ? 0.077   0.671   15.158  1.00 18.42 ? 48  GLU B C   1 
ATOM   834  O O   . GLU B 1 48 ? -1.135  0.536   14.973  1.00 19.46 ? 48  GLU B O   1 
ATOM   835  C CB  . GLU B 1 48 ? 1.069   -1.030  16.679  1.00 18.53 ? 48  GLU B CB  1 
ATOM   836  C CG  . GLU B 1 48 ? -0.228  -1.059  17.488  0.50 21.42 ? 48  GLU B CG  1 
ATOM   837  C CD  . GLU B 1 48 ? -1.154  -2.190  17.116  1.00 28.31 ? 48  GLU B CD  1 
ATOM   838  O OE1 . GLU B 1 48 ? -0.716  -3.153  16.459  1.00 30.61 ? 48  GLU B OE1 1 
ATOM   839  O OE2 . GLU B 1 48 ? -2.353  -2.119  17.500  1.00 31.40 ? 48  GLU B OE2 1 
ATOM   840  N N   . MET B 1 49 ? 0.671   1.842   15.278  1.00 19.25 ? 49  MET B N   1 
ATOM   841  C CA  . MET B 1 49 ? -0.093  3.065   15.283  1.00 19.08 ? 49  MET B CA  1 
ATOM   842  C C   . MET B 1 49 ? -0.719  3.390   13.936  1.00 18.81 ? 49  MET B C   1 
ATOM   843  O O   . MET B 1 49 ? -1.562  4.288   13.881  1.00 19.45 ? 49  MET B O   1 
ATOM   844  C CB  . MET B 1 49 ? 0.755   4.236   15.679  1.00 20.22 ? 49  MET B CB  1 
ATOM   845  C CG  . MET B 1 49 ? 1.785   4.575   14.746  1.00 19.26 ? 49  MET B CG  1 
ATOM   846  S SD  . MET B 1 49 ? 2.735   5.861   15.430  0.50 19.15 ? 49  MET B SD  1 
ATOM   847  C CE  . MET B 1 49 ? 4.119   5.679   14.313  1.00 10.44 ? 49  MET B CE  1 
ATOM   848  N N   . TYR B 1 50 ? -0.296  2.714   12.858  1.00 17.10 ? 50  TYR B N   1 
ATOM   849  C CA  . TYR B 1 50 ? -0.884  2.925   11.530  1.00 16.71 ? 50  TYR B CA  1 
ATOM   850  C C   . TYR B 1 50 ? -1.984  1.912   11.253  1.00 15.29 ? 50  TYR B C   1 
ATOM   851  O O   . TYR B 1 50 ? -2.685  2.072   10.241  1.00 15.77 ? 50  TYR B O   1 
ATOM   852  C CB  . TYR B 1 50 ? 0.176   2.868   10.418  1.00 16.40 ? 50  TYR B CB  1 
ATOM   853  C CG  . TYR B 1 50 ? 1.227   3.906   10.564  1.00 17.74 ? 50  TYR B CG  1 
ATOM   854  C CD1 . TYR B 1 50 ? 2.543   3.566   10.870  1.00 18.54 ? 50  TYR B CD1 1 
ATOM   855  C CD2 . TYR B 1 50 ? 0.920   5.263   10.440  1.00 21.88 ? 50  TYR B CD2 1 
ATOM   856  C CE1 . TYR B 1 50 ? 3.497   4.519   11.032  1.00 19.37 ? 50  TYR B CE1 1 
ATOM   857  C CE2 . TYR B 1 50 ? 1.898   6.232   10.635  1.00 23.94 ? 50  TYR B CE2 1 
ATOM   858  C CZ  . TYR B 1 50 ? 3.189   5.831   10.922  1.00 23.59 ? 50  TYR B CZ  1 
ATOM   859  O OH  . TYR B 1 50 ? 4.229   6.722   11.128  0.50 23.76 ? 50  TYR B OH  1 
ATOM   860  N N   . CYS B 1 51 ? -2.196  0.905   12.096  1.00 15.56 ? 51  CYS B N   1 
ATOM   861  C CA  . CYS B 1 51 ? -3.275  -0.070  11.834  1.00 16.56 ? 51  CYS B CA  1 
ATOM   862  C C   . CYS B 1 51 ? -4.640  0.597   11.919  1.00 18.42 ? 51  CYS B C   1 
ATOM   863  O O   . CYS B 1 51 ? -4.854  1.517   12.718  1.00 20.60 ? 51  CYS B O   1 
ATOM   864  C CB  . CYS B 1 51 ? -3.240  -1.275  12.784  1.00 15.38 ? 51  CYS B CB  1 
ATOM   865  S SG  . CYS B 1 51 ? -1.655  -2.125  12.809  1.00 15.94 ? 51  CYS B SG  1 
ATOM   866  N N   . ALA B 1 52 ? -5.557  0.101   11.093  1.00 19.41 ? 52  ALA B N   1 
ATOM   867  C CA  . ALA B 1 52 ? -6.929  0.593   11.035  1.00 20.92 ? 52  ALA B CA  1 
ATOM   868  C C   . ALA B 1 52 ? -7.795  -0.043  12.105  1.00 22.41 ? 52  ALA B C   1 
ATOM   869  O O   . ALA B 1 52 ? -8.971  0.329   12.228  0.50 22.99 ? 52  ALA B O   1 
ATOM   870  C CB  . ALA B 1 52 ? -7.497  0.285   9.679   1.00 21.03 ? 52  ALA B CB  1 
ATOM   871  O OXT . ALA B 1 52 ? -7.414  -0.934  12.843  1.00 23.80 ? 52  ALA B OXT 1 
HETATM 872  O O   . HOH C 2 .  ? -0.312  8.251   -8.471  1.00 21.94 ? 53  HOH A O   1 
HETATM 873  O O   . HOH C 2 .  ? -10.175 12.242  -5.984  1.00 19.62 ? 54  HOH A O   1 
HETATM 874  O O   . HOH C 2 .  ? -20.814 4.673   -6.962  1.00 24.42 ? 55  HOH A O   1 
HETATM 875  O O   . HOH C 2 .  ? -12.618 10.739  -5.620  1.00 20.92 ? 56  HOH A O   1 
HETATM 876  O O   . HOH C 2 .  ? -13.458 8.953   -7.576  1.00 22.88 ? 57  HOH A O   1 
HETATM 877  O O   . HOH C 2 .  ? -3.381  13.098  -5.994  1.00 27.60 ? 58  HOH A O   1 
HETATM 878  O O   . HOH C 2 .  ? -10.467 -9.807  -14.645 1.00 22.77 ? 59  HOH A O   1 
HETATM 879  O O   . HOH C 2 .  ? -5.435  -9.722  6.135   1.00 25.50 ? 60  HOH A O   1 
HETATM 880  O O   . HOH C 2 .  ? -14.232 -0.340  -15.902 1.00 28.91 ? 61  HOH A O   1 
HETATM 881  O O   . HOH C 2 .  ? -13.426 7.341   1.829   1.00 26.54 ? 62  HOH A O   1 
HETATM 882  O O   . HOH C 2 .  ? -7.623  -10.428 -13.907 1.00 26.23 ? 63  HOH A O   1 
HETATM 883  O O   . HOH C 2 .  ? -10.018 -8.230  -2.356  1.00 26.06 ? 64  HOH A O   1 
HETATM 884  O O   . HOH C 2 .  ? -9.992  -11.763 -6.711  1.00 29.18 ? 65  HOH A O   1 
HETATM 885  O O   . HOH C 2 .  ? -3.425  9.113   -0.455  1.00 27.10 ? 66  HOH A O   1 
HETATM 886  O O   . HOH C 2 .  ? -9.140  -2.506  -13.860 1.00 23.14 ? 67  HOH A O   1 
HETATM 887  O O   . HOH C 2 .  ? -0.877  8.050   0.583   1.00 26.56 ? 68  HOH A O   1 
HETATM 888  O O   . HOH C 2 .  ? -12.210 10.275  -9.698  1.00 26.07 ? 69  HOH A O   1 
HETATM 889  O O   . HOH C 2 .  ? -0.486  10.923  -7.500  1.00 25.57 ? 70  HOH A O   1 
HETATM 890  O O   . HOH C 2 .  ? -12.188 -4.735  -19.923 1.00 30.30 ? 71  HOH A O   1 
HETATM 891  O O   . HOH C 2 .  ? -0.518  -6.114  -15.784 1.00 27.32 ? 72  HOH A O   1 
HETATM 892  O O   . HOH C 2 .  ? -7.184  -0.996  -0.879  1.00 34.49 ? 73  HOH A O   1 
HETATM 893  O O   . HOH C 2 .  ? -8.145  14.002  -2.529  1.00 29.27 ? 74  HOH A O   1 
HETATM 894  O O   . HOH C 2 .  ? 0.443   2.582   -13.138 1.00 28.59 ? 75  HOH A O   1 
HETATM 895  O O   . HOH C 2 .  ? -6.474  -2.907  0.080   1.00 35.26 ? 76  HOH A O   1 
HETATM 896  O O   . HOH C 2 .  ? -12.621 -11.126 -6.724  1.00 40.39 ? 77  HOH A O   1 
HETATM 897  O O   . HOH C 2 .  ? 1.095   0.134   -14.013 1.00 31.23 ? 78  HOH A O   1 
HETATM 898  O O   . HOH C 2 .  ? -13.821 8.209   -13.902 1.00 32.02 ? 79  HOH A O   1 
HETATM 899  O O   . HOH C 2 .  ? 2.193   -11.498 -12.342 1.00 34.32 ? 80  HOH A O   1 
HETATM 900  O O   . HOH C 2 .  ? -0.901  12.111  -4.644  1.00 36.18 ? 81  HOH A O   1 
HETATM 901  O O   . HOH C 2 .  ? 3.022   -10.857 2.184   1.00 35.37 ? 82  HOH A O   1 
HETATM 902  O O   . HOH C 2 .  ? -7.201  13.358  -7.940  1.00 31.22 ? 83  HOH A O   1 
HETATM 903  O O   . HOH C 2 .  ? -5.829  -1.579  -11.287 1.00 32.94 ? 84  HOH A O   1 
HETATM 904  O O   . HOH C 2 .  ? -15.419 -4.299  -17.235 1.00 33.53 ? 85  HOH A O   1 
HETATM 905  O O   . HOH C 2 .  ? -1.118  -3.636  -5.344  1.00 29.36 ? 86  HOH A O   1 
HETATM 906  O O   . HOH C 2 .  ? -1.047  14.770  -2.737  1.00 46.03 ? 87  HOH A O   1 
HETATM 907  O O   . HOH C 2 .  ? -9.599  12.837  5.158   1.00 38.77 ? 88  HOH A O   1 
HETATM 908  O O   . HOH C 2 .  ? -11.551 -9.002  -4.505  1.00 33.91 ? 89  HOH A O   1 
HETATM 909  O O   . HOH C 2 .  ? -5.843  -12.371 -1.712  1.00 35.71 ? 90  HOH A O   1 
HETATM 910  O O   . HOH C 2 .  ? 0.145   -10.780 2.782   1.00 20.09 ? 91  HOH A O   1 
HETATM 911  O O   . HOH C 2 .  ? -1.462  -6.391  -5.157  1.00 33.52 ? 92  HOH A O   1 
HETATM 912  O O   . HOH C 2 .  ? -0.967  -11.046 0.084   1.00 26.51 ? 93  HOH A O   1 
HETATM 913  O O   . HOH C 2 .  ? -16.893 -6.240  -17.488 1.00 36.20 ? 94  HOH A O   1 
HETATM 914  O O   . HOH C 2 .  ? 1.742   5.816   -2.729  1.00 33.14 ? 95  HOH A O   1 
HETATM 915  O O   . HOH C 2 .  ? 1.086   -5.378  -1.638  1.00 32.55 ? 96  HOH A O   1 
HETATM 916  O O   . HOH C 2 .  ? 3.318   1.883   -8.124  1.00 39.97 ? 97  HOH A O   1 
HETATM 917  O O   . HOH C 2 .  ? -7.468  -0.870  -15.434 1.00 30.17 ? 98  HOH A O   1 
HETATM 918  O O   . HOH C 2 .  ? -5.032  -3.936  -10.721 1.00 35.64 ? 99  HOH A O   1 
HETATM 919  O O   . HOH C 2 .  ? -6.791  13.770  -4.781  1.00 32.02 ? 100 HOH A O   1 
HETATM 920  O O   . HOH C 2 .  ? -12.377 -11.708 -15.868 1.00 34.94 ? 101 HOH A O   1 
HETATM 921  O O   . HOH C 2 .  ? -0.486  11.187  0.613   1.00 30.14 ? 102 HOH A O   1 
HETATM 922  O O   . HOH C 2 .  ? -14.030 13.031  -2.215  1.00 40.78 ? 103 HOH A O   1 
HETATM 923  O O   . HOH C 2 .  ? -1.795  -4.621  -17.608 1.00 40.75 ? 104 HOH A O   1 
HETATM 924  O O   . HOH C 2 .  ? -1.193  14.850  -10.645 1.00 31.60 ? 105 HOH A O   1 
HETATM 925  O O   . HOH C 2 .  ? -10.954 -13.507 -16.475 1.00 36.79 ? 106 HOH A O   1 
HETATM 926  O O   . HOH C 2 .  ? -2.982  -13.787 3.814   1.00 35.50 ? 107 HOH A O   1 
HETATM 927  O O   . HOH C 2 .  ? 0.184   -9.927  -2.219  1.00 34.84 ? 108 HOH A O   1 
HETATM 928  O O   . HOH C 2 .  ? -12.224 10.958  2.814   1.00 34.76 ? 109 HOH A O   1 
HETATM 929  O O   . HOH C 2 .  ? 0.831   13.088  -0.541  1.00 35.70 ? 110 HOH A O   1 
HETATM 930  O O   . HOH C 2 .  ? -1.099  -8.459  -6.896  1.00 37.10 ? 111 HOH A O   1 
HETATM 931  O O   . HOH C 2 .  ? -10.920 -7.200  -21.042 1.00 32.21 ? 112 HOH A O   1 
HETATM 932  O O   . HOH C 2 .  ? 2.030   6.788   -7.586  1.00 35.74 ? 113 HOH A O   1 
HETATM 933  O O   . HOH C 2 .  ? -1.561  13.545  -8.087  1.00 37.93 ? 114 HOH A O   1 
HETATM 934  O O   . HOH C 2 .  ? -15.668 4.350   2.846   1.00 41.21 ? 115 HOH A O   1 
HETATM 935  O O   . HOH C 2 .  ? -0.885  -7.095  -2.572  1.00 32.49 ? 116 HOH A O   1 
HETATM 936  O O   . HOH C 2 .  ? -4.335  -5.793  -17.955 1.00 37.49 ? 117 HOH A O   1 
HETATM 937  O O   . HOH C 2 .  ? -3.101  -13.099 -0.220  1.00 38.34 ? 118 HOH A O   1 
HETATM 938  O O   . HOH C 2 .  ? -6.712  12.050  6.281   1.00 37.87 ? 119 HOH A O   1 
HETATM 939  O O   . HOH C 2 .  ? 0.677   -7.355  -8.373  1.00 41.88 ? 120 HOH A O   1 
HETATM 940  O O   . HOH C 2 .  ? 1.163   -3.555  -4.617  1.00 40.57 ? 121 HOH A O   1 
HETATM 941  O O   . HOH C 2 .  ? 4.150   0.797   -13.666 1.00 40.57 ? 122 HOH A O   1 
HETATM 942  O O   . HOH C 2 .  ? 3.806   2.999   -11.770 1.00 37.31 ? 123 HOH A O   1 
HETATM 943  O O   . HOH C 2 .  ? -13.394 -11.539 -12.728 1.00 35.16 ? 124 HOH A O   1 
HETATM 944  O O   . HOH C 2 .  ? -2.365  -13.271 -15.240 1.00 45.39 ? 125 HOH A O   1 
HETATM 945  O O   . HOH C 2 .  ? -0.189  -15.416 -15.224 1.00 37.83 ? 126 HOH A O   1 
HETATM 946  O O   . HOH C 2 .  ? -6.092  15.698  -1.215  1.00 38.87 ? 127 HOH A O   1 
HETATM 947  O O   . HOH C 2 .  ? -9.721  -10.676 -1.243  1.00 41.64 ? 128 HOH A O   1 
HETATM 948  O O   . HOH C 2 .  ? -9.842  0.625   -15.813 1.00 36.56 ? 129 HOH A O   1 
HETATM 949  O O   . HOH C 2 .  ? -3.855  16.114  -2.508  1.00 38.07 ? 130 HOH A O   1 
HETATM 950  O O   . HOH C 2 .  ? -3.800  -11.278 -15.787 1.00 41.56 ? 131 HOH A O   1 
HETATM 951  O O   . HOH C 2 .  ? -4.603  15.286  -4.875  1.00 39.75 ? 132 HOH A O   1 
HETATM 952  O O   . HOH C 2 .  ? -0.791  13.915  4.052   1.00 45.00 ? 133 HOH A O   1 
HETATM 953  O O   . HOH C 2 .  ? -5.506  -13.501 3.863   1.00 44.76 ? 134 HOH A O   1 
HETATM 954  O O   . HOH C 2 .  ? -17.350 5.709   0.056   1.00 40.24 ? 135 HOH A O   1 
HETATM 955  O O   . HOH C 2 .  ? -15.120 -13.256 -12.240 1.00 40.88 ? 136 HOH A O   1 
HETATM 956  O O   . HOH C 2 .  ? -8.602  -11.002 1.210   1.00 41.87 ? 137 HOH A O   1 
HETATM 957  O O   . HOH D 2 .  ? 9.444   -6.307  6.040   1.00 16.38 ? 53  HOH B O   1 
HETATM 958  O O   . HOH D 2 .  ? -2.944  -5.122  7.042   1.00 17.91 ? 54  HOH B O   1 
HETATM 959  O O   . HOH D 2 .  ? 18.202  3.899   6.122   1.00 18.46 ? 55  HOH B O   1 
HETATM 960  O O   . HOH D 2 .  ? 6.081   1.673   0.855   1.00 20.84 ? 56  HOH B O   1 
HETATM 961  O O   . HOH D 2 .  ? 5.062   -5.583  -0.576  1.00 24.34 ? 57  HOH B O   1 
HETATM 962  O O   . HOH D 2 .  ? -1.377  -11.006 7.483   1.00 22.79 ? 58  HOH B O   1 
HETATM 963  O O   . HOH D 2 .  ? 14.135  -8.285  2.329   1.00 23.39 ? 59  HOH B O   1 
HETATM 964  O O   . HOH D 2 .  ? 1.227   5.669   6.669   1.00 21.00 ? 60  HOH B O   1 
HETATM 965  O O   . HOH D 2 .  ? 13.401  9.757   7.735   1.00 23.41 ? 61  HOH B O   1 
HETATM 966  O O   . HOH D 2 .  ? -5.057  -11.002 11.293  1.00 30.40 ? 62  HOH B O   1 
HETATM 967  O O   . HOH D 2 .  ? 8.423   -0.959  20.617  0.50 20.62 ? 63  HOH B O   1 
HETATM 968  O O   . HOH D 2 .  ? 11.424  -5.584  12.871  1.00 28.64 ? 64  HOH B O   1 
HETATM 969  O O   . HOH D 2 .  ? 7.753   3.521   -0.197  1.00 25.52 ? 65  HOH B O   1 
HETATM 970  O O   . HOH D 2 .  ? 4.762   -3.289  -2.192  1.00 23.48 ? 66  HOH B O   1 
HETATM 971  O O   . HOH D 2 .  ? 4.558   1.445   -1.276  1.00 29.11 ? 67  HOH B O   1 
HETATM 972  O O   . HOH D 2 .  ? -0.125  -10.916 10.247  1.00 25.41 ? 68  HOH B O   1 
HETATM 973  O O   . HOH D 2 .  ? 8.033   -10.128 4.026   1.00 29.00 ? 69  HOH B O   1 
HETATM 974  O O   . HOH D 2 .  ? 0.419   -7.165  15.685  1.00 29.38 ? 70  HOH B O   1 
HETATM 975  O O   . HOH D 2 .  ? 8.512   12.433  3.771   1.00 30.08 ? 71  HOH B O   1 
HETATM 976  O O   . HOH D 2 .  ? -2.313  -11.135 11.955  1.00 32.15 ? 72  HOH B O   1 
HETATM 977  O O   . HOH D 2 .  ? 0.928   -13.495 11.276  1.00 33.60 ? 73  HOH B O   1 
HETATM 978  O O   . HOH D 2 .  ? 15.850  9.018   8.849   1.00 26.40 ? 74  HOH B O   1 
HETATM 979  O O   . HOH D 2 .  ? -6.147  -0.908  15.299  1.00 30.92 ? 75  HOH B O   1 
HETATM 980  O O   . HOH D 2 .  ? -3.442  -7.807  13.984  1.00 32.66 ? 76  HOH B O   1 
HETATM 981  O O   . HOH D 2 .  ? 10.311  3.132   -1.934  1.00 30.64 ? 77  HOH B O   1 
HETATM 982  O O   . HOH D 2 .  ? 1.764   -0.191  -1.710  1.00 28.38 ? 78  HOH B O   1 
HETATM 983  O O   . HOH D 2 .  ? 12.236  -0.397  4.452   1.00 33.66 ? 79  HOH B O   1 
HETATM 984  O O   . HOH D 2 .  ? 2.007   -2.740  -2.462  1.00 29.69 ? 80  HOH B O   1 
HETATM 985  O O   . HOH D 2 .  ? 5.925   -0.687  -2.288  1.00 29.23 ? 81  HOH B O   1 
HETATM 986  O O   . HOH D 2 .  ? -10.128 -2.611  9.835   1.00 34.84 ? 82  HOH B O   1 
HETATM 987  O O   . HOH D 2 .  ? 2.780   2.132   17.325  1.00 30.09 ? 83  HOH B O   1 
HETATM 988  O O   . HOH D 2 .  ? 7.586   9.175   8.700   1.00 29.05 ? 84  HOH B O   1 
HETATM 989  O O   . HOH D 2 .  ? 6.630   5.795   -1.470  1.00 30.73 ? 85  HOH B O   1 
HETATM 990  O O   . HOH D 2 .  ? 5.822   -4.252  -4.432  1.00 41.47 ? 86  HOH B O   1 
HETATM 991  O O   . HOH D 2 .  ? 9.498   -7.782  2.100   1.00 33.06 ? 87  HOH B O   1 
HETATM 992  O O   . HOH D 2 .  ? -3.779  1.473   15.377  1.00 34.76 ? 88  HOH B O   1 
HETATM 993  O O   . HOH D 2 .  ? 7.474   -8.740  6.883   1.00 35.95 ? 89  HOH B O   1 
HETATM 994  O O   . HOH D 2 .  ? 16.156  2.772   13.108  1.00 29.70 ? 90  HOH B O   1 
HETATM 995  O O   . HOH D 2 .  ? -5.764  4.454   11.695  1.00 41.25 ? 91  HOH B O   1 
HETATM 996  O O   . HOH D 2 .  ? 13.255  11.417  5.418   1.00 34.84 ? 92  HOH B O   1 
HETATM 997  O O   . HOH D 2 .  ? 6.351   -7.514  -2.309  1.00 39.68 ? 93  HOH B O   1 
HETATM 998  O O   . HOH D 2 .  ? 8.199   11.744  8.090   1.00 41.53 ? 94  HOH B O   1 
HETATM 999  O O   . HOH D 2 .  ? 3.048   -3.849  17.756  1.00 34.71 ? 95  HOH B O   1 
HETATM 1000 O O   . HOH D 2 .  ? 2.793   6.417   -4.814  1.00 37.34 ? 96  HOH B O   1 
HETATM 1001 O O   . HOH D 2 .  ? 10.878  12.800  5.193   1.00 40.05 ? 97  HOH B O   1 
HETATM 1002 O O   . HOH D 2 .  ? 9.813   -7.375  -0.162  1.00 44.26 ? 98  HOH B O   1 
HETATM 1003 O O   . HOH D 2 .  ? 12.974  -10.525 0.023   1.00 47.77 ? 99  HOH B O   1 
HETATM 1004 O O   . HOH D 2 .  ? -3.267  5.116   15.843  1.00 40.03 ? 100 HOH B O   1 
HETATM 1005 O O   . HOH D 2 .  ? 10.153  -2.661  10.016  1.00 37.01 ? 101 HOH B O   1 
HETATM 1006 O O   . HOH D 2 .  ? 6.365   -3.627  22.552  1.00 39.30 ? 102 HOH B O   1 
HETATM 1007 O O   . HOH D 2 .  ? -1.250  -9.083  12.986  1.00 33.92 ? 103 HOH B O   1 
HETATM 1008 O O   . HOH D 2 .  ? 8.253   -0.157  -3.502  1.00 33.75 ? 104 HOH B O   1 
HETATM 1009 O O   . HOH D 2 .  ? 18.388  2.863   14.693  1.00 37.34 ? 105 HOH B O   1 
HETATM 1010 O O   . HOH D 2 .  ? 1.410   -10.358 13.779  1.00 36.78 ? 106 HOH B O   1 
HETATM 1011 O O   . HOH D 2 .  ? 19.813  -1.893  15.693  1.00 30.61 ? 107 HOH B O   1 
HETATM 1012 O O   . HOH D 2 .  ? 8.967   -7.468  8.487   1.00 38.79 ? 108 HOH B O   1 
HETATM 1013 O O   . HOH D 2 .  ? 3.581   14.711  6.349   1.00 47.76 ? 109 HOH B O   1 
HETATM 1014 O O   . HOH D 2 .  ? 9.803   -0.599  11.162  1.00 45.10 ? 110 HOH B O   1 
HETATM 1015 O O   . HOH D 2 .  ? 3.863   -0.012  -3.980  1.00 43.46 ? 111 HOH B O   1 
HETATM 1016 O O   . HOH D 2 .  ? 6.219   -1.553  21.085  0.50 41.22 ? 112 HOH B O   1 
# 
